data_2DNU
#
_entry.id   2DNU
#
_entity_poly.entity_id   1
_entity_poly.type   'polypeptide(L)'
_entity_poly.pdbx_seq_one_letter_code
;GSSGSSGEEKYVTVQPYTSQSKDEIGFEKGVTVEVIRKNLEGWWYIRYLGKEGWAPASYLKKAKDSGPSSG
;
_entity_poly.pdbx_strand_id   A
#
# COMPACT_ATOMS: atom_id res chain seq x y z
N GLY A 1 -7.72 -12.41 -15.56
CA GLY A 1 -7.37 -12.27 -14.16
C GLY A 1 -7.57 -10.86 -13.66
N SER A 2 -6.61 -10.36 -12.88
CA SER A 2 -6.69 -9.02 -12.32
C SER A 2 -6.86 -7.98 -13.43
N SER A 3 -5.89 -7.94 -14.33
CA SER A 3 -5.93 -6.98 -15.44
C SER A 3 -6.37 -5.60 -14.96
N GLY A 4 -5.82 -5.18 -13.82
CA GLY A 4 -6.16 -3.88 -13.27
C GLY A 4 -4.95 -2.99 -13.09
N SER A 5 -4.11 -3.33 -12.12
CA SER A 5 -2.91 -2.54 -11.84
C SER A 5 -3.20 -1.05 -11.94
N SER A 6 -4.35 -0.64 -11.43
CA SER A 6 -4.75 0.77 -11.47
C SER A 6 -5.11 1.26 -10.07
N GLY A 7 -4.76 2.51 -9.79
CA GLY A 7 -5.05 3.09 -8.49
C GLY A 7 -4.77 4.58 -8.44
N GLU A 8 -4.73 5.14 -7.23
CA GLU A 8 -4.47 6.56 -7.06
C GLU A 8 -3.01 6.80 -6.69
N GLU A 9 -2.59 6.23 -5.57
CA GLU A 9 -1.21 6.38 -5.10
C GLU A 9 -0.58 5.03 -4.81
N LYS A 10 0.37 4.64 -5.65
CA LYS A 10 1.06 3.37 -5.49
C LYS A 10 2.27 3.51 -4.56
N TYR A 11 2.24 2.77 -3.46
CA TYR A 11 3.32 2.81 -2.48
C TYR A 11 4.14 1.52 -2.51
N VAL A 12 5.24 1.51 -1.76
CA VAL A 12 6.10 0.33 -1.70
C VAL A 12 6.43 -0.02 -0.25
N THR A 13 6.49 -1.32 0.02
CA THR A 13 6.80 -1.81 1.37
C THR A 13 8.30 -1.93 1.58
N VAL A 14 8.77 -1.51 2.75
CA VAL A 14 10.19 -1.58 3.07
C VAL A 14 10.47 -2.66 4.11
N GLN A 15 9.40 -3.26 4.63
CA GLN A 15 9.53 -4.31 5.64
C GLN A 15 8.33 -5.25 5.59
N PRO A 16 8.58 -6.54 5.87
CA PRO A 16 7.53 -7.57 5.87
C PRO A 16 6.56 -7.40 7.03
N TYR A 17 5.28 -7.64 6.76
CA TYR A 17 4.25 -7.51 7.78
C TYR A 17 3.38 -8.77 7.83
N THR A 18 3.19 -9.31 9.03
CA THR A 18 2.38 -10.50 9.21
C THR A 18 0.99 -10.15 9.74
N SER A 19 -0.04 -10.44 8.95
CA SER A 19 -1.41 -10.14 9.34
C SER A 19 -1.92 -11.18 10.33
N GLN A 20 -2.50 -10.71 11.43
CA GLN A 20 -3.04 -11.60 12.45
C GLN A 20 -4.45 -12.06 12.10
N SER A 21 -5.23 -11.17 11.50
CA SER A 21 -6.59 -11.48 11.11
C SER A 21 -6.89 -10.98 9.70
N LYS A 22 -7.98 -11.46 9.12
CA LYS A 22 -8.38 -11.06 7.78
C LYS A 22 -8.36 -9.54 7.64
N ASP A 23 -9.01 -8.87 8.58
CA ASP A 23 -9.07 -7.40 8.58
C ASP A 23 -7.76 -6.81 8.10
N GLU A 24 -6.66 -7.43 8.48
CA GLU A 24 -5.34 -6.95 8.10
C GLU A 24 -4.74 -7.84 7.01
N ILE A 25 -3.91 -7.25 6.16
CA ILE A 25 -3.26 -7.98 5.07
C ILE A 25 -1.76 -8.03 5.26
N GLY A 26 -1.18 -9.21 5.08
CA GLY A 26 0.25 -9.38 5.23
C GLY A 26 0.98 -9.44 3.91
N PHE A 27 2.06 -8.68 3.78
CA PHE A 27 2.83 -8.67 2.54
C PHE A 27 4.32 -8.84 2.83
N GLU A 28 5.13 -8.79 1.79
CA GLU A 28 6.58 -8.95 1.93
C GLU A 28 7.29 -7.63 1.68
N LYS A 29 8.60 -7.62 1.93
CA LYS A 29 9.40 -6.41 1.74
C LYS A 29 9.97 -6.37 0.32
N GLY A 30 9.61 -5.32 -0.42
CA GLY A 30 10.09 -5.18 -1.79
C GLY A 30 9.01 -5.41 -2.81
N VAL A 31 7.77 -5.09 -2.46
CA VAL A 31 6.63 -5.26 -3.35
C VAL A 31 5.89 -3.95 -3.55
N THR A 32 5.02 -3.93 -4.55
CA THR A 32 4.24 -2.74 -4.86
C THR A 32 2.81 -2.85 -4.32
N VAL A 33 2.33 -1.78 -3.68
CA VAL A 33 0.99 -1.77 -3.12
C VAL A 33 0.21 -0.57 -3.61
N GLU A 34 -1.12 -0.66 -3.54
CA GLU A 34 -1.99 0.42 -3.99
C GLU A 34 -2.73 1.04 -2.81
N VAL A 35 -2.36 2.26 -2.46
CA VAL A 35 -2.98 2.97 -1.36
C VAL A 35 -4.36 3.48 -1.74
N ILE A 36 -5.39 2.92 -1.11
CA ILE A 36 -6.77 3.33 -1.39
C ILE A 36 -7.24 4.40 -0.41
N ARG A 37 -7.23 4.07 0.88
CA ARG A 37 -7.65 5.00 1.92
C ARG A 37 -6.48 5.37 2.83
N LYS A 38 -6.58 6.52 3.48
CA LYS A 38 -5.54 6.99 4.38
C LYS A 38 -6.13 7.53 5.67
N ASN A 39 -5.96 6.79 6.76
CA ASN A 39 -6.48 7.20 8.06
C ASN A 39 -5.41 7.93 8.87
N LEU A 40 -5.75 8.26 10.11
CA LEU A 40 -4.82 8.96 10.99
C LEU A 40 -4.15 7.99 11.96
N GLU A 41 -4.88 6.94 12.33
CA GLU A 41 -4.36 5.93 13.25
C GLU A 41 -3.38 5.00 12.55
N GLY A 42 -2.32 5.56 11.98
CA GLY A 42 -1.34 4.77 11.28
C GLY A 42 -1.96 3.61 10.53
N TRP A 43 -3.09 3.86 9.90
CA TRP A 43 -3.80 2.82 9.14
C TRP A 43 -4.04 3.27 7.70
N TRP A 44 -3.36 2.62 6.76
CA TRP A 44 -3.50 2.95 5.36
C TRP A 44 -4.04 1.77 4.56
N TYR A 45 -5.30 1.84 4.17
CA TYR A 45 -5.93 0.76 3.42
C TYR A 45 -5.28 0.60 2.05
N ILE A 46 -4.64 -0.55 1.83
CA ILE A 46 -3.98 -0.83 0.57
C ILE A 46 -4.54 -2.09 -0.08
N ARG A 47 -4.10 -2.36 -1.31
CA ARG A 47 -4.55 -3.53 -2.04
C ARG A 47 -3.38 -4.36 -2.53
N TYR A 48 -3.32 -5.63 -2.11
CA TYR A 48 -2.25 -6.52 -2.51
C TYR A 48 -2.76 -7.94 -2.71
N LEU A 49 -2.19 -8.65 -3.67
CA LEU A 49 -2.59 -10.02 -3.95
C LEU A 49 -4.09 -10.11 -4.21
N GLY A 50 -4.65 -9.07 -4.81
CA GLY A 50 -6.07 -9.05 -5.10
C GLY A 50 -6.92 -9.09 -3.84
N LYS A 51 -6.44 -8.43 -2.79
CA LYS A 51 -7.16 -8.39 -1.52
C LYS A 51 -6.94 -7.06 -0.81
N GLU A 52 -8.01 -6.50 -0.27
CA GLU A 52 -7.93 -5.22 0.44
C GLU A 52 -7.95 -5.44 1.95
N GLY A 53 -6.94 -4.88 2.63
CA GLY A 53 -6.85 -5.03 4.07
C GLY A 53 -6.24 -3.82 4.73
N TRP A 54 -6.11 -3.86 6.05
CA TRP A 54 -5.54 -2.76 6.81
C TRP A 54 -4.05 -3.00 7.07
N ALA A 55 -3.22 -2.02 6.69
CA ALA A 55 -1.79 -2.13 6.89
C ALA A 55 -1.22 -0.85 7.50
N PRO A 56 -0.19 -1.00 8.35
CA PRO A 56 0.46 0.13 9.02
C PRO A 56 1.25 0.99 8.05
N ALA A 57 0.91 2.27 7.98
CA ALA A 57 1.60 3.20 7.10
C ALA A 57 3.11 3.18 7.34
N SER A 58 3.50 2.76 8.54
CA SER A 58 4.92 2.69 8.89
C SER A 58 5.67 1.75 7.95
N TYR A 59 5.02 0.65 7.59
CA TYR A 59 5.62 -0.34 6.70
C TYR A 59 5.32 -0.01 5.23
N LEU A 60 5.13 1.27 4.95
CA LEU A 60 4.83 1.71 3.60
C LEU A 60 5.50 3.05 3.30
N LYS A 61 5.79 3.30 2.03
CA LYS A 61 6.43 4.54 1.60
C LYS A 61 6.08 4.87 0.16
N LYS A 62 5.93 6.16 -0.13
CA LYS A 62 5.59 6.61 -1.47
C LYS A 62 6.71 6.25 -2.46
N ALA A 63 6.33 5.55 -3.53
CA ALA A 63 7.29 5.15 -4.54
C ALA A 63 7.62 6.29 -5.49
N LYS A 64 8.79 6.25 -6.10
CA LYS A 64 9.23 7.28 -7.02
C LYS A 64 9.54 6.70 -8.40
N ASP A 65 8.61 6.86 -9.34
CA ASP A 65 8.80 6.35 -10.69
C ASP A 65 9.59 7.34 -11.54
N SER A 66 10.56 6.82 -12.29
CA SER A 66 11.40 7.64 -13.14
C SER A 66 10.87 7.67 -14.58
N GLY A 67 10.67 8.87 -15.12
CA GLY A 67 10.16 9.01 -16.46
C GLY A 67 10.36 10.40 -17.01
N PRO A 68 10.31 10.53 -18.35
CA PRO A 68 10.49 11.81 -19.03
C PRO A 68 9.30 12.75 -18.81
N SER A 69 8.18 12.19 -18.39
CA SER A 69 6.97 12.98 -18.14
C SER A 69 7.32 14.31 -17.51
N SER A 70 6.79 15.39 -18.08
CA SER A 70 7.05 16.74 -17.58
C SER A 70 5.82 17.30 -16.86
N GLY A 71 5.91 17.38 -15.53
CA GLY A 71 4.80 17.90 -14.76
C GLY A 71 3.56 17.03 -14.86
N GLY A 1 -5.71 -12.49 -14.88
CA GLY A 1 -5.31 -11.89 -13.62
C GLY A 1 -6.39 -10.99 -13.03
N SER A 2 -6.00 -10.18 -12.06
CA SER A 2 -6.95 -9.27 -11.42
C SER A 2 -7.60 -8.34 -12.43
N SER A 3 -8.62 -7.62 -11.99
CA SER A 3 -9.34 -6.69 -12.86
C SER A 3 -10.24 -5.77 -12.06
N GLY A 4 -10.70 -4.70 -12.69
CA GLY A 4 -11.57 -3.74 -12.02
C GLY A 4 -10.87 -3.04 -10.87
N SER A 5 -10.12 -1.99 -11.20
CA SER A 5 -9.39 -1.22 -10.19
C SER A 5 -9.21 0.22 -10.64
N SER A 6 -9.07 1.12 -9.66
CA SER A 6 -8.90 2.53 -9.95
C SER A 6 -7.43 2.94 -9.81
N GLY A 7 -6.82 2.59 -8.67
CA GLY A 7 -5.43 2.93 -8.44
C GLY A 7 -5.20 4.43 -8.42
N GLU A 8 -4.97 4.97 -7.23
CA GLU A 8 -4.72 6.41 -7.08
C GLU A 8 -3.26 6.67 -6.76
N GLU A 9 -2.76 6.01 -5.72
CA GLU A 9 -1.38 6.17 -5.30
C GLU A 9 -0.71 4.82 -5.08
N LYS A 10 0.40 4.59 -5.77
CA LYS A 10 1.13 3.34 -5.63
C LYS A 10 2.31 3.49 -4.66
N TYR A 11 2.27 2.73 -3.58
CA TYR A 11 3.33 2.79 -2.57
C TYR A 11 4.15 1.50 -2.58
N VAL A 12 5.26 1.50 -1.84
CA VAL A 12 6.13 0.34 -1.76
C VAL A 12 6.41 -0.04 -0.32
N THR A 13 6.57 -1.33 -0.07
CA THR A 13 6.85 -1.83 1.27
C THR A 13 8.34 -1.97 1.52
N VAL A 14 8.80 -1.50 2.68
CA VAL A 14 10.21 -1.58 3.03
C VAL A 14 10.45 -2.69 4.05
N GLN A 15 9.38 -3.19 4.66
CA GLN A 15 9.48 -4.24 5.66
C GLN A 15 8.26 -5.15 5.60
N PRO A 16 8.47 -6.44 5.91
CA PRO A 16 7.40 -7.45 5.91
C PRO A 16 6.40 -7.22 7.04
N TYR A 17 5.16 -7.65 6.81
CA TYR A 17 4.11 -7.50 7.81
C TYR A 17 3.34 -8.81 8.00
N THR A 18 2.98 -9.09 9.25
CA THR A 18 2.24 -10.32 9.56
C THR A 18 0.80 -10.01 9.94
N SER A 19 -0.13 -10.31 9.04
CA SER A 19 -1.54 -10.06 9.29
C SER A 19 -2.11 -11.07 10.27
N GLN A 20 -2.56 -10.59 11.43
CA GLN A 20 -3.13 -11.46 12.45
C GLN A 20 -4.52 -11.93 12.05
N SER A 21 -5.35 -11.00 11.60
CA SER A 21 -6.71 -11.33 11.18
C SER A 21 -6.99 -10.84 9.77
N LYS A 22 -8.07 -11.32 9.18
CA LYS A 22 -8.44 -10.95 7.82
C LYS A 22 -8.37 -9.43 7.65
N ASP A 23 -9.07 -8.71 8.51
CA ASP A 23 -9.08 -7.25 8.45
C ASP A 23 -7.71 -6.71 8.02
N GLU A 24 -6.65 -7.38 8.45
CA GLU A 24 -5.30 -6.97 8.11
C GLU A 24 -4.73 -7.86 7.01
N ILE A 25 -3.89 -7.28 6.16
CA ILE A 25 -3.27 -8.00 5.06
C ILE A 25 -1.77 -8.15 5.28
N GLY A 26 -1.24 -9.34 5.00
CA GLY A 26 0.18 -9.58 5.17
C GLY A 26 0.93 -9.56 3.86
N PHE A 27 2.04 -8.83 3.82
CA PHE A 27 2.85 -8.72 2.61
C PHE A 27 4.33 -8.91 2.93
N GLU A 28 5.17 -8.85 1.90
CA GLU A 28 6.61 -9.00 2.07
C GLU A 28 7.33 -7.69 1.77
N LYS A 29 8.64 -7.67 2.02
CA LYS A 29 9.46 -6.49 1.78
C LYS A 29 10.00 -6.48 0.37
N GLY A 30 9.57 -5.51 -0.43
CA GLY A 30 10.03 -5.41 -1.81
C GLY A 30 8.91 -5.65 -2.81
N VAL A 31 7.72 -5.21 -2.47
CA VAL A 31 6.56 -5.38 -3.34
C VAL A 31 5.80 -4.07 -3.51
N THR A 32 4.99 -4.00 -4.55
CA THR A 32 4.20 -2.79 -4.83
C THR A 32 2.80 -2.91 -4.24
N VAL A 33 2.35 -1.84 -3.59
CA VAL A 33 1.03 -1.81 -2.98
C VAL A 33 0.22 -0.60 -3.46
N GLU A 34 -1.11 -0.72 -3.40
CA GLU A 34 -1.98 0.37 -3.82
C GLU A 34 -2.74 0.94 -2.63
N VAL A 35 -2.36 2.15 -2.21
CA VAL A 35 -3.01 2.80 -1.08
C VAL A 35 -4.39 3.33 -1.47
N ILE A 36 -5.43 2.64 -0.99
CA ILE A 36 -6.80 3.03 -1.28
C ILE A 36 -7.22 4.25 -0.46
N ARG A 37 -7.20 4.10 0.85
CA ARG A 37 -7.58 5.18 1.75
C ARG A 37 -6.57 5.34 2.88
N LYS A 38 -6.58 6.49 3.54
CA LYS A 38 -5.67 6.75 4.64
C LYS A 38 -6.43 7.05 5.93
N ASN A 39 -5.89 6.60 7.05
CA ASN A 39 -6.52 6.82 8.35
C ASN A 39 -5.59 7.58 9.28
N LEU A 40 -6.16 8.15 10.34
CA LEU A 40 -5.39 8.91 11.31
C LEU A 40 -4.68 7.97 12.29
N GLU A 41 -5.32 6.86 12.63
CA GLU A 41 -4.75 5.89 13.55
C GLU A 41 -3.70 5.03 12.85
N GLY A 42 -2.74 5.68 12.21
CA GLY A 42 -1.69 4.96 11.51
C GLY A 42 -2.22 3.77 10.74
N TRP A 43 -3.38 3.94 10.11
CA TRP A 43 -4.00 2.86 9.34
C TRP A 43 -4.23 3.30 7.89
N TRP A 44 -3.51 2.67 6.97
CA TRP A 44 -3.64 2.98 5.55
C TRP A 44 -4.14 1.77 4.76
N TYR A 45 -5.38 1.83 4.30
CA TYR A 45 -5.97 0.73 3.54
C TYR A 45 -5.29 0.61 2.17
N ILE A 46 -4.63 -0.52 1.95
CA ILE A 46 -3.95 -0.76 0.68
C ILE A 46 -4.46 -2.04 0.02
N ARG A 47 -4.03 -2.28 -1.21
CA ARG A 47 -4.44 -3.47 -1.95
C ARG A 47 -3.22 -4.28 -2.39
N TYR A 48 -3.23 -5.56 -2.06
CA TYR A 48 -2.12 -6.45 -2.41
C TYR A 48 -2.62 -7.87 -2.68
N LEU A 49 -2.15 -8.47 -3.76
CA LEU A 49 -2.55 -9.82 -4.13
C LEU A 49 -4.05 -9.89 -4.37
N GLY A 50 -4.60 -8.87 -5.02
CA GLY A 50 -6.02 -8.84 -5.31
C GLY A 50 -6.86 -8.89 -4.06
N LYS A 51 -6.39 -8.26 -2.99
CA LYS A 51 -7.11 -8.23 -1.72
C LYS A 51 -6.89 -6.91 -1.00
N GLU A 52 -7.97 -6.35 -0.47
CA GLU A 52 -7.89 -5.08 0.26
C GLU A 52 -7.94 -5.32 1.76
N GLY A 53 -6.92 -4.83 2.47
CA GLY A 53 -6.88 -4.99 3.91
C GLY A 53 -6.23 -3.81 4.61
N TRP A 54 -6.13 -3.89 5.92
CA TRP A 54 -5.53 -2.83 6.72
C TRP A 54 -4.04 -3.06 6.90
N ALA A 55 -3.25 -1.99 6.76
CA ALA A 55 -1.80 -2.09 6.91
C ALA A 55 -1.22 -0.80 7.50
N PRO A 56 -0.19 -0.94 8.35
CA PRO A 56 0.46 0.19 9.00
C PRO A 56 1.26 1.04 8.01
N ALA A 57 0.99 2.33 8.00
CA ALA A 57 1.69 3.25 7.11
C ALA A 57 3.19 3.19 7.33
N SER A 58 3.59 2.72 8.49
CA SER A 58 5.02 2.61 8.82
C SER A 58 5.72 1.64 7.88
N TYR A 59 4.98 0.65 7.39
CA TYR A 59 5.54 -0.34 6.48
C TYR A 59 5.27 0.04 5.02
N LEU A 60 4.93 1.30 4.80
CA LEU A 60 4.65 1.80 3.46
C LEU A 60 5.25 3.18 3.26
N LYS A 61 5.77 3.42 2.05
CA LYS A 61 6.37 4.70 1.73
C LYS A 61 6.06 5.10 0.28
N LYS A 62 5.74 6.38 0.09
CA LYS A 62 5.43 6.89 -1.25
C LYS A 62 6.56 6.59 -2.23
N ALA A 63 6.22 5.92 -3.33
CA ALA A 63 7.21 5.58 -4.34
C ALA A 63 7.42 6.74 -5.32
N LYS A 64 8.66 6.89 -5.79
CA LYS A 64 8.98 7.95 -6.72
C LYS A 64 9.86 7.43 -7.86
N ASP A 65 9.52 7.82 -9.09
CA ASP A 65 10.27 7.38 -10.26
C ASP A 65 11.07 8.54 -10.85
N SER A 66 12.35 8.30 -11.13
CA SER A 66 13.23 9.32 -11.69
C SER A 66 12.81 9.67 -13.11
N GLY A 67 12.71 8.65 -13.96
CA GLY A 67 12.33 8.87 -15.34
C GLY A 67 10.82 8.80 -15.54
N PRO A 68 10.39 8.56 -16.78
CA PRO A 68 8.97 8.46 -17.14
C PRO A 68 8.32 7.22 -16.55
N SER A 69 7.59 7.39 -15.45
CA SER A 69 6.91 6.28 -14.80
C SER A 69 5.97 5.56 -15.78
N SER A 70 5.61 4.33 -15.44
CA SER A 70 4.71 3.55 -16.28
C SER A 70 3.26 3.65 -15.80
N GLY A 71 2.35 3.91 -16.73
CA GLY A 71 0.96 4.04 -16.38
C GLY A 71 0.04 3.87 -17.58
N GLY A 1 -1.41 4.32 -22.80
CA GLY A 1 -0.71 4.88 -21.65
C GLY A 1 -1.18 4.29 -20.34
N SER A 2 -2.48 4.36 -20.08
CA SER A 2 -3.05 3.84 -18.85
C SER A 2 -4.07 2.74 -19.14
N SER A 3 -4.44 1.99 -18.12
CA SER A 3 -5.41 0.91 -18.27
C SER A 3 -6.79 1.34 -17.81
N GLY A 4 -6.86 1.88 -16.60
CA GLY A 4 -8.13 2.33 -16.06
C GLY A 4 -8.01 2.86 -14.65
N SER A 5 -8.92 3.76 -14.27
CA SER A 5 -8.90 4.34 -12.93
C SER A 5 -8.75 3.27 -11.87
N SER A 6 -7.52 3.06 -11.40
CA SER A 6 -7.24 2.06 -10.38
C SER A 6 -5.96 2.40 -9.62
N GLY A 7 -6.10 2.64 -8.32
CA GLY A 7 -4.96 2.97 -7.50
C GLY A 7 -4.47 4.39 -7.73
N GLU A 8 -4.95 5.31 -6.91
CA GLU A 8 -4.55 6.72 -7.02
C GLU A 8 -3.07 6.90 -6.71
N GLU A 9 -2.63 6.28 -5.61
CA GLU A 9 -1.24 6.38 -5.20
C GLU A 9 -0.65 4.99 -4.95
N LYS A 10 0.53 4.75 -5.51
CA LYS A 10 1.21 3.47 -5.34
C LYS A 10 2.41 3.60 -4.42
N TYR A 11 2.40 2.85 -3.32
CA TYR A 11 3.49 2.89 -2.36
C TYR A 11 4.34 1.63 -2.45
N VAL A 12 5.35 1.52 -1.58
CA VAL A 12 6.23 0.37 -1.57
C VAL A 12 6.41 -0.16 -0.15
N THR A 13 6.57 -1.48 -0.03
CA THR A 13 6.75 -2.12 1.27
C THR A 13 8.22 -2.30 1.59
N VAL A 14 8.68 -1.65 2.66
CA VAL A 14 10.07 -1.75 3.08
C VAL A 14 10.27 -2.88 4.08
N GLN A 15 9.16 -3.49 4.50
CA GLN A 15 9.22 -4.58 5.46
C GLN A 15 7.97 -5.45 5.36
N PRO A 16 8.16 -6.78 5.55
CA PRO A 16 7.06 -7.74 5.49
C PRO A 16 6.10 -7.60 6.65
N TYR A 17 4.83 -7.89 6.40
CA TYR A 17 3.80 -7.79 7.44
C TYR A 17 3.00 -9.10 7.53
N THR A 18 2.75 -9.54 8.75
CA THR A 18 1.99 -10.77 8.98
C THR A 18 0.61 -10.47 9.55
N SER A 19 -0.40 -10.54 8.69
CA SER A 19 -1.78 -10.28 9.10
C SER A 19 -2.33 -11.44 9.91
N GLN A 20 -2.82 -11.14 11.11
CA GLN A 20 -3.39 -12.16 11.98
C GLN A 20 -4.89 -12.30 11.76
N SER A 21 -5.52 -11.22 11.28
CA SER A 21 -6.95 -11.22 11.03
C SER A 21 -7.24 -10.94 9.57
N LYS A 22 -8.45 -11.28 9.14
CA LYS A 22 -8.86 -11.08 7.75
C LYS A 22 -8.90 -9.59 7.41
N ASP A 23 -9.38 -8.79 8.36
CA ASP A 23 -9.46 -7.34 8.16
C ASP A 23 -8.11 -6.77 7.76
N GLU A 24 -7.05 -7.48 8.11
CA GLU A 24 -5.69 -7.03 7.78
C GLU A 24 -5.09 -7.89 6.68
N ILE A 25 -4.14 -7.32 5.94
CA ILE A 25 -3.49 -8.04 4.85
C ILE A 25 -1.98 -8.12 5.08
N GLY A 26 -1.39 -9.25 4.73
CA GLY A 26 0.04 -9.43 4.89
C GLY A 26 0.78 -9.42 3.57
N PHE A 27 1.83 -8.60 3.49
CA PHE A 27 2.63 -8.50 2.28
C PHE A 27 4.11 -8.70 2.57
N GLU A 28 4.90 -8.89 1.52
CA GLU A 28 6.33 -9.09 1.67
C GLU A 28 7.10 -7.79 1.42
N LYS A 29 8.41 -7.84 1.64
CA LYS A 29 9.25 -6.66 1.44
C LYS A 29 9.86 -6.66 0.04
N GLY A 30 9.57 -5.61 -0.73
CA GLY A 30 10.09 -5.51 -2.08
C GLY A 30 9.01 -5.65 -3.13
N VAL A 31 7.81 -5.19 -2.80
CA VAL A 31 6.69 -5.26 -3.74
C VAL A 31 5.99 -3.91 -3.86
N THR A 32 4.91 -3.88 -4.63
CA THR A 32 4.15 -2.65 -4.83
C THR A 32 2.72 -2.79 -4.33
N VAL A 33 2.22 -1.77 -3.66
CA VAL A 33 0.87 -1.78 -3.13
C VAL A 33 0.09 -0.55 -3.58
N GLU A 34 -1.23 -0.70 -3.68
CA GLU A 34 -2.10 0.39 -4.10
C GLU A 34 -2.89 0.95 -2.93
N VAL A 35 -2.55 2.16 -2.51
CA VAL A 35 -3.23 2.80 -1.39
C VAL A 35 -4.62 3.27 -1.79
N ILE A 36 -5.63 2.67 -1.18
CA ILE A 36 -7.02 3.02 -1.48
C ILE A 36 -7.49 4.17 -0.59
N ARG A 37 -7.46 3.97 0.71
CA ARG A 37 -7.88 4.98 1.66
C ARG A 37 -6.73 5.37 2.60
N LYS A 38 -6.89 6.50 3.28
CA LYS A 38 -5.87 6.97 4.20
C LYS A 38 -6.50 7.53 5.48
N ASN A 39 -6.09 6.99 6.63
CA ASN A 39 -6.63 7.43 7.91
C ASN A 39 -5.55 8.15 8.72
N LEU A 40 -5.90 8.53 9.95
CA LEU A 40 -4.97 9.21 10.83
C LEU A 40 -4.36 8.25 11.85
N GLU A 41 -5.11 7.20 12.18
CA GLU A 41 -4.65 6.20 13.14
C GLU A 41 -3.65 5.25 12.48
N GLY A 42 -2.59 5.81 11.92
CA GLY A 42 -1.58 5.00 11.27
C GLY A 42 -2.17 3.81 10.54
N TRP A 43 -3.27 4.04 9.83
CA TRP A 43 -3.93 2.98 9.08
C TRP A 43 -4.15 3.39 7.63
N TRP A 44 -3.52 2.67 6.71
CA TRP A 44 -3.66 2.97 5.29
C TRP A 44 -4.20 1.76 4.54
N TYR A 45 -5.47 1.82 4.15
CA TYR A 45 -6.11 0.73 3.43
C TYR A 45 -5.44 0.52 2.07
N ILE A 46 -4.64 -0.54 1.98
CA ILE A 46 -3.94 -0.87 0.73
C ILE A 46 -4.44 -2.18 0.15
N ARG A 47 -4.17 -2.38 -1.14
CA ARG A 47 -4.60 -3.60 -1.82
C ARG A 47 -3.38 -4.35 -2.38
N TYR A 48 -3.26 -5.63 -2.02
CA TYR A 48 -2.16 -6.45 -2.49
C TYR A 48 -2.63 -7.86 -2.82
N LEU A 49 -2.23 -8.34 -4.00
CA LEU A 49 -2.62 -9.67 -4.46
C LEU A 49 -4.14 -9.79 -4.57
N GLY A 50 -4.77 -8.74 -5.08
CA GLY A 50 -6.22 -8.76 -5.24
C GLY A 50 -6.94 -8.90 -3.91
N LYS A 51 -6.39 -8.27 -2.87
CA LYS A 51 -6.99 -8.34 -1.55
C LYS A 51 -6.84 -7.01 -0.82
N GLU A 52 -7.95 -6.51 -0.27
CA GLU A 52 -7.94 -5.24 0.46
C GLU A 52 -7.88 -5.47 1.96
N GLY A 53 -6.90 -4.86 2.61
CA GLY A 53 -6.76 -5.01 4.05
C GLY A 53 -6.11 -3.80 4.70
N TRP A 54 -6.11 -3.77 6.03
CA TRP A 54 -5.52 -2.67 6.76
C TRP A 54 -4.04 -2.91 7.04
N ALA A 55 -3.20 -1.96 6.65
CA ALA A 55 -1.76 -2.08 6.85
C ALA A 55 -1.19 -0.80 7.45
N PRO A 56 -0.18 -0.95 8.31
CA PRO A 56 0.48 0.18 8.98
C PRO A 56 1.32 1.01 8.00
N ALA A 57 1.03 2.30 7.95
CA ALA A 57 1.76 3.20 7.06
C ALA A 57 3.28 3.10 7.28
N SER A 58 3.65 2.61 8.46
CA SER A 58 5.06 2.47 8.80
C SER A 58 5.74 1.46 7.89
N TYR A 59 4.97 0.49 7.40
CA TYR A 59 5.49 -0.53 6.50
C TYR A 59 5.25 -0.17 5.04
N LEU A 60 4.93 1.10 4.81
CA LEU A 60 4.68 1.59 3.46
C LEU A 60 5.40 2.91 3.21
N LYS A 61 6.02 3.03 2.04
CA LYS A 61 6.74 4.23 1.67
C LYS A 61 6.23 4.80 0.35
N LYS A 62 6.21 6.12 0.24
CA LYS A 62 5.74 6.79 -0.97
C LYS A 62 6.72 6.58 -2.12
N ALA A 63 6.32 5.73 -3.07
CA ALA A 63 7.16 5.44 -4.23
C ALA A 63 7.41 6.69 -5.05
N LYS A 64 8.60 6.79 -5.64
CA LYS A 64 8.96 7.93 -6.46
C LYS A 64 8.95 9.22 -5.63
N ASP A 65 9.40 9.11 -4.39
CA ASP A 65 9.45 10.27 -3.49
C ASP A 65 9.87 11.52 -4.26
N SER A 66 9.45 12.67 -3.76
CA SER A 66 9.78 13.95 -4.39
C SER A 66 10.26 14.96 -3.35
N GLY A 67 11.50 15.40 -3.49
CA GLY A 67 12.05 16.37 -2.56
C GLY A 67 12.09 15.84 -1.13
N PRO A 68 13.13 15.06 -0.82
CA PRO A 68 13.30 14.48 0.52
C PRO A 68 13.65 15.53 1.57
N SER A 69 14.26 16.63 1.12
CA SER A 69 14.65 17.70 2.02
C SER A 69 13.68 18.88 1.91
N SER A 70 13.12 19.27 3.05
CA SER A 70 12.17 20.38 3.09
C SER A 70 12.86 21.68 3.50
N GLY A 71 13.50 22.32 2.53
CA GLY A 71 14.19 23.57 2.80
C GLY A 71 13.58 24.75 2.06
N GLY A 1 -14.13 -7.83 -12.04
CA GLY A 1 -13.39 -7.60 -13.27
C GLY A 1 -13.12 -6.13 -13.51
N SER A 2 -12.58 -5.44 -12.50
CA SER A 2 -12.28 -4.03 -12.62
C SER A 2 -10.77 -3.78 -12.54
N SER A 3 -10.10 -3.97 -13.68
CA SER A 3 -8.66 -3.78 -13.74
C SER A 3 -8.29 -2.33 -13.42
N GLY A 4 -7.85 -2.09 -12.19
CA GLY A 4 -7.47 -0.76 -11.77
C GLY A 4 -8.66 0.08 -11.35
N SER A 5 -8.98 0.04 -10.06
CA SER A 5 -10.11 0.79 -9.52
C SER A 5 -9.63 2.07 -8.82
N SER A 6 -8.78 1.90 -7.82
CA SER A 6 -8.25 3.03 -7.07
C SER A 6 -6.73 2.97 -7.00
N GLY A 7 -6.08 3.46 -8.05
CA GLY A 7 -4.62 3.46 -8.10
C GLY A 7 -4.05 4.84 -8.31
N GLU A 8 -4.46 5.78 -7.48
CA GLU A 8 -3.98 7.16 -7.59
C GLU A 8 -2.57 7.29 -7.03
N GLU A 9 -2.30 6.60 -5.93
CA GLU A 9 -0.99 6.63 -5.30
C GLU A 9 -0.47 5.23 -5.06
N LYS A 10 0.71 4.93 -5.61
CA LYS A 10 1.32 3.62 -5.45
C LYS A 10 2.46 3.67 -4.45
N TYR A 11 2.39 2.83 -3.42
CA TYR A 11 3.42 2.78 -2.39
C TYR A 11 4.21 1.48 -2.47
N VAL A 12 5.35 1.44 -1.78
CA VAL A 12 6.19 0.25 -1.78
C VAL A 12 6.53 -0.17 -0.35
N THR A 13 6.62 -1.48 -0.13
CA THR A 13 6.94 -2.01 1.18
C THR A 13 8.44 -2.09 1.41
N VAL A 14 8.88 -1.68 2.60
CA VAL A 14 10.29 -1.69 2.94
C VAL A 14 10.60 -2.81 3.93
N GLN A 15 9.57 -3.35 4.54
CA GLN A 15 9.74 -4.43 5.51
C GLN A 15 8.53 -5.36 5.51
N PRO A 16 8.77 -6.65 5.78
CA PRO A 16 7.72 -7.67 5.81
C PRO A 16 6.78 -7.49 7.00
N TYR A 17 5.49 -7.72 6.77
CA TYR A 17 4.50 -7.59 7.83
C TYR A 17 3.61 -8.82 7.89
N THR A 18 3.16 -9.17 9.10
CA THR A 18 2.31 -10.34 9.30
C THR A 18 0.99 -9.94 9.96
N SER A 19 -0.08 -9.91 9.19
CA SER A 19 -1.39 -9.55 9.71
C SER A 19 -1.86 -10.55 10.76
N GLN A 20 -2.34 -10.04 11.89
CA GLN A 20 -2.81 -10.89 12.97
C GLN A 20 -4.20 -11.43 12.66
N SER A 21 -5.04 -10.57 12.09
CA SER A 21 -6.41 -10.95 11.74
C SER A 21 -6.74 -10.58 10.30
N LYS A 22 -7.94 -10.94 9.87
CA LYS A 22 -8.37 -10.64 8.50
C LYS A 22 -8.40 -9.14 8.26
N ASP A 23 -8.80 -8.38 9.27
CA ASP A 23 -8.86 -6.92 9.16
C ASP A 23 -7.56 -6.37 8.59
N GLU A 24 -6.44 -7.02 8.92
CA GLU A 24 -5.14 -6.58 8.44
C GLU A 24 -4.61 -7.53 7.36
N ILE A 25 -3.74 -7.01 6.50
CA ILE A 25 -3.17 -7.81 5.42
C ILE A 25 -1.66 -7.90 5.57
N GLY A 26 -1.12 -9.11 5.44
CA GLY A 26 0.31 -9.32 5.55
C GLY A 26 0.98 -9.49 4.20
N PHE A 27 2.08 -8.78 3.99
CA PHE A 27 2.81 -8.85 2.73
C PHE A 27 4.31 -9.00 2.99
N GLU A 28 5.08 -9.09 1.91
CA GLU A 28 6.53 -9.22 2.02
C GLU A 28 7.23 -7.89 1.76
N LYS A 29 8.54 -7.88 1.91
CA LYS A 29 9.33 -6.67 1.69
C LYS A 29 9.91 -6.63 0.28
N GLY A 30 9.50 -5.62 -0.50
CA GLY A 30 9.99 -5.48 -1.85
C GLY A 30 8.88 -5.64 -2.88
N VAL A 31 7.65 -5.32 -2.47
CA VAL A 31 6.50 -5.44 -3.36
C VAL A 31 5.77 -4.10 -3.48
N THR A 32 4.95 -3.97 -4.52
CA THR A 32 4.20 -2.74 -4.75
C THR A 32 2.79 -2.86 -4.20
N VAL A 33 2.33 -1.79 -3.53
CA VAL A 33 1.00 -1.77 -2.95
C VAL A 33 0.24 -0.51 -3.35
N GLU A 34 -1.09 -0.59 -3.33
CA GLU A 34 -1.92 0.55 -3.69
C GLU A 34 -2.67 1.08 -2.48
N VAL A 35 -2.54 2.39 -2.22
CA VAL A 35 -3.20 3.01 -1.09
C VAL A 35 -4.58 3.52 -1.48
N ILE A 36 -5.61 2.84 -0.99
CA ILE A 36 -6.99 3.23 -1.29
C ILE A 36 -7.41 4.43 -0.45
N ARG A 37 -7.48 4.24 0.86
CA ARG A 37 -7.88 5.32 1.77
C ARG A 37 -6.86 5.47 2.89
N LYS A 38 -6.86 6.64 3.51
CA LYS A 38 -5.94 6.92 4.61
C LYS A 38 -6.70 7.41 5.86
N ASN A 39 -6.08 7.24 7.02
CA ASN A 39 -6.69 7.66 8.27
C ASN A 39 -5.67 7.67 9.40
N LEU A 40 -5.91 8.51 10.40
CA LEU A 40 -5.01 8.60 11.54
C LEU A 40 -3.55 8.61 11.09
N GLU A 41 -3.32 9.05 9.86
CA GLU A 41 -1.97 9.11 9.31
C GLU A 41 -1.17 7.87 9.70
N GLY A 42 -1.87 6.74 9.86
CA GLY A 42 -1.20 5.52 10.24
C GLY A 42 -1.81 4.30 9.57
N TRP A 43 -3.13 4.24 9.52
CA TRP A 43 -3.83 3.13 8.89
C TRP A 43 -4.37 3.52 7.52
N TRP A 44 -3.72 3.04 6.47
CA TRP A 44 -4.13 3.35 5.11
C TRP A 44 -4.57 2.09 4.38
N TYR A 45 -5.88 1.91 4.21
CA TYR A 45 -6.42 0.74 3.53
C TYR A 45 -5.74 0.55 2.18
N ILE A 46 -4.95 -0.51 2.06
CA ILE A 46 -4.25 -0.81 0.83
C ILE A 46 -4.71 -2.14 0.25
N ARG A 47 -4.28 -2.43 -0.98
CA ARG A 47 -4.65 -3.67 -1.65
C ARG A 47 -3.42 -4.36 -2.23
N TYR A 48 -3.26 -5.64 -1.91
CA TYR A 48 -2.11 -6.41 -2.39
C TYR A 48 -2.54 -7.83 -2.74
N LEU A 49 -2.07 -8.32 -3.89
CA LEU A 49 -2.40 -9.67 -4.34
C LEU A 49 -3.90 -9.83 -4.53
N GLY A 50 -4.56 -8.75 -4.93
CA GLY A 50 -5.99 -8.79 -5.14
C GLY A 50 -6.77 -8.88 -3.85
N LYS A 51 -6.14 -8.47 -2.75
CA LYS A 51 -6.78 -8.51 -1.44
C LYS A 51 -6.64 -7.17 -0.72
N GLU A 52 -7.77 -6.61 -0.31
CA GLU A 52 -7.78 -5.33 0.39
C GLU A 52 -7.85 -5.53 1.89
N GLY A 53 -6.91 -4.92 2.61
CA GLY A 53 -6.88 -5.04 4.06
C GLY A 53 -6.18 -3.88 4.72
N TRP A 54 -6.20 -3.87 6.05
CA TRP A 54 -5.56 -2.80 6.82
C TRP A 54 -4.07 -3.07 7.00
N ALA A 55 -3.24 -2.11 6.60
CA ALA A 55 -1.79 -2.25 6.72
C ALA A 55 -1.18 -1.01 7.35
N PRO A 56 -0.11 -1.21 8.12
CA PRO A 56 0.60 -0.12 8.80
C PRO A 56 1.35 0.78 7.83
N ALA A 57 1.05 2.08 7.87
CA ALA A 57 1.69 3.04 6.99
C ALA A 57 3.20 3.01 7.16
N SER A 58 3.66 2.56 8.33
CA SER A 58 5.08 2.49 8.62
C SER A 58 5.78 1.54 7.64
N TYR A 59 5.10 0.46 7.29
CA TYR A 59 5.65 -0.53 6.37
C TYR A 59 5.31 -0.18 4.92
N LEU A 60 5.11 1.10 4.67
CA LEU A 60 4.78 1.58 3.32
C LEU A 60 5.36 2.97 3.07
N LYS A 61 5.90 3.16 1.87
CA LYS A 61 6.49 4.43 1.50
C LYS A 61 6.14 4.80 0.06
N LYS A 62 5.82 6.07 -0.16
CA LYS A 62 5.47 6.55 -1.50
C LYS A 62 6.56 6.20 -2.51
N ALA A 63 6.25 5.29 -3.42
CA ALA A 63 7.21 4.87 -4.43
C ALA A 63 7.15 5.79 -5.65
N LYS A 64 8.32 6.04 -6.25
CA LYS A 64 8.40 6.92 -7.42
C LYS A 64 8.10 6.13 -8.70
N ASP A 65 7.95 6.86 -9.80
CA ASP A 65 7.67 6.23 -11.08
C ASP A 65 8.22 7.07 -12.23
N SER A 66 8.40 6.45 -13.39
CA SER A 66 8.91 7.14 -14.56
C SER A 66 8.03 8.34 -14.91
N GLY A 67 8.66 9.46 -15.25
CA GLY A 67 7.93 10.66 -15.60
C GLY A 67 8.54 11.92 -15.01
N PRO A 68 8.43 13.03 -15.75
CA PRO A 68 8.98 14.32 -15.30
C PRO A 68 8.20 14.90 -14.13
N SER A 69 6.88 14.73 -14.15
CA SER A 69 6.02 15.24 -13.09
C SER A 69 6.72 15.16 -11.74
N SER A 70 6.95 16.32 -11.13
CA SER A 70 7.62 16.39 -9.84
C SER A 70 6.75 17.10 -8.81
N GLY A 71 5.95 16.32 -8.08
CA GLY A 71 5.07 16.90 -7.07
C GLY A 71 3.77 17.39 -7.66
N GLY A 1 -15.01 -9.18 -12.32
CA GLY A 1 -15.62 -7.86 -12.28
C GLY A 1 -14.63 -6.78 -11.90
N SER A 2 -13.62 -6.56 -12.74
CA SER A 2 -12.61 -5.56 -12.48
C SER A 2 -13.20 -4.15 -12.56
N SER A 3 -13.13 -3.41 -11.45
CA SER A 3 -13.67 -2.06 -11.40
C SER A 3 -13.38 -1.32 -12.69
N GLY A 4 -12.11 -1.23 -13.06
CA GLY A 4 -11.73 -0.54 -14.28
C GLY A 4 -10.72 0.56 -14.03
N SER A 5 -11.04 1.47 -13.11
CA SER A 5 -10.16 2.58 -12.78
C SER A 5 -8.87 2.07 -12.13
N SER A 6 -7.84 2.91 -12.16
CA SER A 6 -6.55 2.56 -11.58
C SER A 6 -6.46 3.01 -10.13
N GLY A 7 -5.43 2.54 -9.43
CA GLY A 7 -5.25 2.92 -8.04
C GLY A 7 -5.08 4.41 -7.85
N GLU A 8 -4.67 4.82 -6.65
CA GLU A 8 -4.47 6.23 -6.35
C GLU A 8 -2.98 6.54 -6.18
N GLU A 9 -2.36 5.89 -5.21
CA GLU A 9 -0.93 6.11 -4.94
C GLU A 9 -0.23 4.78 -4.64
N LYS A 10 0.55 4.31 -5.60
CA LYS A 10 1.28 3.06 -5.44
C LYS A 10 2.50 3.25 -4.55
N TYR A 11 2.46 2.63 -3.37
CA TYR A 11 3.57 2.73 -2.42
C TYR A 11 4.45 1.48 -2.47
N VAL A 12 5.55 1.53 -1.74
CA VAL A 12 6.48 0.40 -1.70
C VAL A 12 6.71 -0.06 -0.26
N THR A 13 6.71 -1.38 -0.07
CA THR A 13 6.92 -1.96 1.26
C THR A 13 8.40 -2.21 1.52
N VAL A 14 8.94 -1.53 2.53
CA VAL A 14 10.35 -1.68 2.88
C VAL A 14 10.54 -2.84 3.86
N GLN A 15 9.44 -3.37 4.37
CA GLN A 15 9.49 -4.47 5.32
C GLN A 15 8.25 -5.36 5.19
N PRO A 16 8.43 -6.67 5.37
CA PRO A 16 7.34 -7.64 5.29
C PRO A 16 6.36 -7.52 6.45
N TYR A 17 5.12 -7.89 6.21
CA TYR A 17 4.08 -7.81 7.23
C TYR A 17 3.26 -9.10 7.28
N THR A 18 2.96 -9.57 8.48
CA THR A 18 2.19 -10.79 8.66
C THR A 18 0.77 -10.47 9.11
N SER A 19 -0.20 -10.83 8.28
CA SER A 19 -1.60 -10.58 8.58
C SER A 19 -2.12 -11.60 9.60
N GLN A 20 -2.57 -11.10 10.75
CA GLN A 20 -3.09 -11.96 11.81
C GLN A 20 -4.56 -12.29 11.56
N SER A 21 -5.27 -11.36 10.94
CA SER A 21 -6.69 -11.56 10.65
C SER A 21 -7.05 -10.95 9.30
N LYS A 22 -8.17 -11.39 8.75
CA LYS A 22 -8.64 -10.89 7.46
C LYS A 22 -8.58 -9.37 7.42
N ASP A 23 -8.97 -8.73 8.51
CA ASP A 23 -8.96 -7.27 8.60
C ASP A 23 -7.62 -6.72 8.13
N GLU A 24 -6.54 -7.44 8.44
CA GLU A 24 -5.20 -7.01 8.04
C GLU A 24 -4.67 -7.87 6.90
N ILE A 25 -3.91 -7.24 6.01
CA ILE A 25 -3.33 -7.94 4.87
C ILE A 25 -1.84 -8.16 5.04
N GLY A 26 -1.34 -9.29 4.56
CA GLY A 26 0.07 -9.59 4.68
C GLY A 26 0.79 -9.49 3.34
N PHE A 27 1.92 -8.78 3.33
CA PHE A 27 2.70 -8.60 2.11
C PHE A 27 4.19 -8.83 2.39
N GLU A 28 4.98 -8.90 1.32
CA GLU A 28 6.41 -9.11 1.44
C GLU A 28 7.18 -7.81 1.22
N LYS A 29 8.50 -7.87 1.35
CA LYS A 29 9.35 -6.70 1.16
C LYS A 29 9.86 -6.62 -0.27
N GLY A 30 9.58 -5.51 -0.95
CA GLY A 30 10.03 -5.34 -2.32
C GLY A 30 8.90 -5.47 -3.32
N VAL A 31 7.72 -5.00 -2.93
CA VAL A 31 6.55 -5.08 -3.81
C VAL A 31 5.82 -3.74 -3.87
N THR A 32 4.82 -3.65 -4.73
CA THR A 32 4.04 -2.43 -4.88
C THR A 32 2.63 -2.61 -4.32
N VAL A 33 2.18 -1.62 -3.54
CA VAL A 33 0.85 -1.66 -2.96
C VAL A 33 0.04 -0.43 -3.33
N GLU A 34 -1.25 -0.62 -3.58
CA GLU A 34 -2.14 0.47 -3.95
C GLU A 34 -2.93 0.97 -2.75
N VAL A 35 -2.66 2.20 -2.33
CA VAL A 35 -3.35 2.78 -1.18
C VAL A 35 -4.72 3.31 -1.58
N ILE A 36 -5.77 2.69 -1.05
CA ILE A 36 -7.13 3.10 -1.34
C ILE A 36 -7.57 4.26 -0.46
N ARG A 37 -7.57 4.04 0.85
CA ARG A 37 -7.97 5.07 1.79
C ARG A 37 -6.79 5.47 2.68
N LYS A 38 -6.96 6.56 3.42
CA LYS A 38 -5.91 7.05 4.31
C LYS A 38 -6.49 7.45 5.67
N ASN A 39 -5.66 7.36 6.70
CA ASN A 39 -6.10 7.71 8.05
C ASN A 39 -4.93 8.29 8.86
N LEU A 40 -5.24 9.28 9.70
CA LEU A 40 -4.22 9.91 10.53
C LEU A 40 -3.82 9.00 11.69
N GLU A 41 -4.80 8.45 12.37
CA GLU A 41 -4.55 7.56 13.50
C GLU A 41 -3.33 6.68 13.24
N GLY A 42 -3.28 6.09 12.04
CA GLY A 42 -2.17 5.24 11.70
C GLY A 42 -2.61 3.99 10.96
N TRP A 43 -3.53 4.15 10.02
CA TRP A 43 -4.04 3.03 9.24
C TRP A 43 -4.27 3.43 7.79
N TRP A 44 -3.61 2.74 6.87
CA TRP A 44 -3.74 3.03 5.45
C TRP A 44 -4.23 1.80 4.69
N TYR A 45 -5.49 1.83 4.26
CA TYR A 45 -6.08 0.73 3.53
C TYR A 45 -5.44 0.57 2.15
N ILE A 46 -4.76 -0.55 1.94
CA ILE A 46 -4.09 -0.82 0.67
C ILE A 46 -4.58 -2.12 0.06
N ARG A 47 -4.24 -2.34 -1.21
CA ARG A 47 -4.64 -3.56 -1.91
C ARG A 47 -3.42 -4.29 -2.46
N TYR A 48 -3.29 -5.56 -2.08
CA TYR A 48 -2.17 -6.38 -2.52
C TYR A 48 -2.63 -7.78 -2.90
N LEU A 49 -2.24 -8.23 -4.08
CA LEU A 49 -2.62 -9.56 -4.56
C LEU A 49 -4.13 -9.70 -4.67
N GLY A 50 -4.78 -8.65 -5.18
CA GLY A 50 -6.21 -8.67 -5.32
C GLY A 50 -6.93 -8.78 -4.00
N LYS A 51 -6.30 -8.28 -2.94
CA LYS A 51 -6.89 -8.32 -1.60
C LYS A 51 -6.76 -6.97 -0.91
N GLU A 52 -7.87 -6.49 -0.36
CA GLU A 52 -7.88 -5.20 0.33
C GLU A 52 -7.96 -5.40 1.84
N GLY A 53 -6.96 -4.89 2.56
CA GLY A 53 -6.93 -5.02 3.99
C GLY A 53 -6.30 -3.82 4.68
N TRP A 54 -6.14 -3.90 5.99
CA TRP A 54 -5.55 -2.81 6.76
C TRP A 54 -4.07 -3.06 7.01
N ALA A 55 -3.25 -2.04 6.78
CA ALA A 55 -1.81 -2.16 6.98
C ALA A 55 -1.23 -0.85 7.50
N PRO A 56 -0.18 -0.96 8.34
CA PRO A 56 0.49 0.20 8.93
C PRO A 56 1.28 1.00 7.89
N ALA A 57 1.01 2.30 7.82
CA ALA A 57 1.69 3.17 6.87
C ALA A 57 3.20 3.18 7.13
N SER A 58 3.60 2.64 8.28
CA SER A 58 5.01 2.59 8.64
C SER A 58 5.78 1.64 7.74
N TYR A 59 5.07 0.65 7.21
CA TYR A 59 5.68 -0.34 6.33
C TYR A 59 5.46 0.01 4.86
N LEU A 60 5.16 1.28 4.60
CA LEU A 60 4.93 1.76 3.25
C LEU A 60 5.64 3.09 3.02
N LYS A 61 6.24 3.23 1.84
CA LYS A 61 6.95 4.46 1.48
C LYS A 61 6.52 4.96 0.09
N LYS A 62 6.29 6.25 -0.02
CA LYS A 62 5.88 6.85 -1.29
C LYS A 62 6.95 6.66 -2.35
N ALA A 63 6.62 5.87 -3.38
CA ALA A 63 7.56 5.61 -4.47
C ALA A 63 8.06 6.91 -5.09
N LYS A 64 7.14 7.70 -5.63
CA LYS A 64 7.50 8.97 -6.25
C LYS A 64 7.63 10.08 -5.20
N ASP A 65 8.28 9.76 -4.10
CA ASP A 65 8.47 10.72 -3.02
C ASP A 65 8.86 12.08 -3.58
N SER A 66 8.61 13.13 -2.80
CA SER A 66 8.93 14.49 -3.22
C SER A 66 9.44 15.32 -2.04
N GLY A 67 10.24 16.32 -2.34
CA GLY A 67 10.79 17.19 -1.29
C GLY A 67 10.28 18.60 -1.39
N PRO A 68 10.47 19.38 -0.31
CA PRO A 68 10.03 20.77 -0.24
C PRO A 68 10.87 21.68 -1.14
N SER A 69 11.97 21.14 -1.66
CA SER A 69 12.85 21.91 -2.52
C SER A 69 12.08 22.54 -3.68
N SER A 70 12.26 23.84 -3.87
CA SER A 70 11.57 24.56 -4.93
C SER A 70 12.55 24.99 -6.02
N GLY A 71 12.15 24.79 -7.27
CA GLY A 71 13.02 25.17 -8.38
C GLY A 71 14.32 24.39 -8.40
N GLY A 1 -18.11 5.81 -1.95
CA GLY A 1 -18.71 6.62 -2.99
C GLY A 1 -17.78 7.69 -3.53
N SER A 2 -16.54 7.29 -3.82
CA SER A 2 -15.55 8.21 -4.34
C SER A 2 -14.52 7.48 -5.20
N SER A 3 -13.69 8.25 -5.90
CA SER A 3 -12.67 7.67 -6.77
C SER A 3 -12.00 6.48 -6.09
N GLY A 4 -12.02 5.33 -6.76
CA GLY A 4 -11.40 4.13 -6.22
C GLY A 4 -11.69 2.91 -7.06
N SER A 5 -10.98 2.78 -8.17
CA SER A 5 -11.16 1.63 -9.07
C SER A 5 -9.87 0.83 -9.18
N SER A 6 -8.78 1.50 -9.55
CA SER A 6 -7.49 0.85 -9.70
C SER A 6 -6.45 1.46 -8.76
N GLY A 7 -6.89 1.76 -7.54
CA GLY A 7 -5.98 2.35 -6.56
C GLY A 7 -5.78 3.83 -6.78
N GLU A 8 -5.23 4.52 -5.78
CA GLU A 8 -4.99 5.94 -5.87
C GLU A 8 -3.49 6.24 -5.89
N GLU A 9 -2.80 5.88 -4.81
CA GLU A 9 -1.38 6.11 -4.71
C GLU A 9 -0.62 4.79 -4.53
N LYS A 10 0.35 4.54 -5.40
CA LYS A 10 1.15 3.32 -5.34
C LYS A 10 2.32 3.48 -4.38
N TYR A 11 2.29 2.74 -3.28
CA TYR A 11 3.35 2.80 -2.29
C TYR A 11 4.21 1.54 -2.33
N VAL A 12 5.38 1.61 -1.72
CA VAL A 12 6.30 0.48 -1.68
C VAL A 12 6.58 0.05 -0.24
N THR A 13 6.70 -1.26 -0.03
CA THR A 13 6.97 -1.79 1.29
C THR A 13 8.47 -1.94 1.53
N VAL A 14 8.88 -1.72 2.78
CA VAL A 14 10.29 -1.82 3.14
C VAL A 14 10.51 -2.94 4.15
N GLN A 15 9.42 -3.56 4.60
CA GLN A 15 9.50 -4.65 5.57
C GLN A 15 8.27 -5.55 5.47
N PRO A 16 8.49 -6.86 5.67
CA PRO A 16 7.42 -7.85 5.62
C PRO A 16 6.44 -7.73 6.78
N TYR A 17 5.15 -7.79 6.48
CA TYR A 17 4.12 -7.68 7.51
C TYR A 17 3.29 -8.95 7.58
N THR A 18 3.14 -9.49 8.79
CA THR A 18 2.36 -10.70 8.99
C THR A 18 0.96 -10.39 9.50
N SER A 19 -0.02 -10.48 8.62
CA SER A 19 -1.40 -10.19 8.98
C SER A 19 -1.89 -11.15 10.07
N GLN A 20 -2.66 -10.63 11.01
CA GLN A 20 -3.18 -11.43 12.11
C GLN A 20 -4.65 -11.79 11.87
N SER A 21 -5.36 -10.90 11.19
CA SER A 21 -6.77 -11.12 10.90
C SER A 21 -7.11 -10.65 9.49
N LYS A 22 -8.22 -11.16 8.96
CA LYS A 22 -8.66 -10.79 7.61
C LYS A 22 -8.65 -9.27 7.43
N ASP A 23 -9.08 -8.56 8.46
CA ASP A 23 -9.12 -7.11 8.42
C ASP A 23 -7.79 -6.54 7.93
N GLU A 24 -6.70 -7.11 8.43
CA GLU A 24 -5.36 -6.66 8.05
C GLU A 24 -4.77 -7.58 6.98
N ILE A 25 -3.95 -7.00 6.10
CA ILE A 25 -3.31 -7.77 5.04
C ILE A 25 -1.80 -7.84 5.24
N GLY A 26 -1.23 -9.01 4.97
CA GLY A 26 0.21 -9.18 5.12
C GLY A 26 0.93 -9.21 3.79
N PHE A 27 1.98 -8.40 3.67
CA PHE A 27 2.76 -8.34 2.44
C PHE A 27 4.25 -8.55 2.73
N GLU A 28 5.03 -8.73 1.66
CA GLU A 28 6.45 -8.94 1.80
C GLU A 28 7.23 -7.64 1.62
N LYS A 29 8.55 -7.71 1.76
CA LYS A 29 9.39 -6.53 1.61
C LYS A 29 9.99 -6.46 0.21
N GLY A 30 9.71 -5.37 -0.50
CA GLY A 30 10.23 -5.20 -1.84
C GLY A 30 9.17 -5.42 -2.91
N VAL A 31 7.92 -5.16 -2.54
CA VAL A 31 6.80 -5.32 -3.47
C VAL A 31 6.04 -4.02 -3.64
N THR A 32 5.05 -4.03 -4.54
CA THR A 32 4.24 -2.85 -4.80
C THR A 32 2.84 -3.01 -4.22
N VAL A 33 2.32 -1.94 -3.63
CA VAL A 33 0.98 -1.96 -3.04
C VAL A 33 0.16 -0.75 -3.49
N GLU A 34 -1.15 -0.92 -3.53
CA GLU A 34 -2.06 0.16 -3.94
C GLU A 34 -2.81 0.72 -2.74
N VAL A 35 -2.57 1.99 -2.44
CA VAL A 35 -3.24 2.65 -1.32
C VAL A 35 -4.58 3.23 -1.74
N ILE A 36 -5.65 2.73 -1.14
CA ILE A 36 -7.00 3.20 -1.46
C ILE A 36 -7.41 4.33 -0.52
N ARG A 37 -7.35 4.06 0.79
CA ARG A 37 -7.72 5.04 1.80
C ARG A 37 -6.52 5.41 2.67
N LYS A 38 -6.60 6.55 3.33
CA LYS A 38 -5.54 7.01 4.20
C LYS A 38 -6.10 7.67 5.46
N ASN A 39 -5.62 7.23 6.63
CA ASN A 39 -6.07 7.77 7.90
C ASN A 39 -4.94 8.51 8.61
N LEU A 40 -5.25 9.05 9.78
CA LEU A 40 -4.26 9.78 10.56
C LEU A 40 -3.69 8.90 11.68
N GLU A 41 -4.57 8.34 12.49
CA GLU A 41 -4.15 7.47 13.59
C GLU A 41 -2.92 6.66 13.19
N GLY A 42 -3.04 5.90 12.12
CA GLY A 42 -1.93 5.08 11.66
C GLY A 42 -2.37 3.87 10.87
N TRP A 43 -3.43 4.04 10.08
CA TRP A 43 -3.96 2.95 9.27
C TRP A 43 -4.18 3.40 7.83
N TRP A 44 -3.57 2.69 6.89
CA TRP A 44 -3.70 3.02 5.48
C TRP A 44 -4.24 1.83 4.70
N TYR A 45 -5.48 1.94 4.24
CA TYR A 45 -6.12 0.87 3.47
C TYR A 45 -5.43 0.69 2.12
N ILE A 46 -4.82 -0.47 1.94
CA ILE A 46 -4.13 -0.77 0.68
C ILE A 46 -4.61 -2.10 0.09
N ARG A 47 -4.21 -2.36 -1.15
CA ARG A 47 -4.61 -3.59 -1.82
C ARG A 47 -3.38 -4.31 -2.39
N TYR A 48 -3.24 -5.58 -2.02
CA TYR A 48 -2.11 -6.38 -2.49
C TYR A 48 -2.57 -7.77 -2.91
N LEU A 49 -2.12 -8.21 -4.09
CA LEU A 49 -2.49 -9.52 -4.61
C LEU A 49 -4.00 -9.64 -4.79
N GLY A 50 -4.64 -8.53 -5.17
CA GLY A 50 -6.07 -8.53 -5.37
C GLY A 50 -6.83 -8.67 -4.07
N LYS A 51 -6.30 -8.09 -3.00
CA LYS A 51 -6.93 -8.16 -1.69
C LYS A 51 -6.79 -6.84 -0.95
N GLU A 52 -7.90 -6.27 -0.52
CA GLU A 52 -7.90 -5.01 0.21
C GLU A 52 -7.95 -5.25 1.71
N GLY A 53 -6.93 -4.75 2.42
CA GLY A 53 -6.88 -4.92 3.86
C GLY A 53 -6.22 -3.74 4.55
N TRP A 54 -6.09 -3.83 5.88
CA TRP A 54 -5.48 -2.76 6.66
C TRP A 54 -3.99 -3.00 6.84
N ALA A 55 -3.20 -1.96 6.62
CA ALA A 55 -1.74 -2.05 6.76
C ALA A 55 -1.17 -0.78 7.35
N PRO A 56 -0.13 -0.93 8.19
CA PRO A 56 0.54 0.20 8.84
C PRO A 56 1.33 1.05 7.86
N ALA A 57 1.07 2.35 7.86
CA ALA A 57 1.74 3.28 6.96
C ALA A 57 3.25 3.29 7.23
N SER A 58 3.66 2.66 8.33
CA SER A 58 5.06 2.61 8.71
C SER A 58 5.82 1.60 7.85
N TYR A 59 5.08 0.65 7.28
CA TYR A 59 5.68 -0.38 6.43
C TYR A 59 5.52 -0.02 4.96
N LEU A 60 5.18 1.24 4.69
CA LEU A 60 5.00 1.70 3.31
C LEU A 60 5.71 3.03 3.09
N LYS A 61 6.22 3.23 1.88
CA LYS A 61 6.92 4.46 1.54
C LYS A 61 6.45 4.99 0.19
N LYS A 62 6.20 6.30 0.13
CA LYS A 62 5.74 6.93 -1.11
C LYS A 62 6.78 6.76 -2.22
N ALA A 63 6.36 6.13 -3.31
CA ALA A 63 7.24 5.91 -4.45
C ALA A 63 7.52 7.20 -5.20
N LYS A 64 8.80 7.54 -5.33
CA LYS A 64 9.20 8.76 -6.02
C LYS A 64 9.27 8.52 -7.53
N ASP A 65 8.88 9.54 -8.30
CA ASP A 65 8.90 9.44 -9.76
C ASP A 65 8.91 10.83 -10.39
N SER A 66 9.14 10.87 -11.69
CA SER A 66 9.18 12.14 -12.42
C SER A 66 8.11 12.18 -13.50
N GLY A 67 6.92 11.67 -13.17
CA GLY A 67 5.82 11.65 -14.11
C GLY A 67 4.76 12.68 -13.78
N PRO A 68 3.54 12.46 -14.29
CA PRO A 68 2.40 13.35 -14.05
C PRO A 68 1.92 13.31 -12.61
N SER A 69 2.14 14.39 -11.87
CA SER A 69 1.72 14.47 -10.48
C SER A 69 0.46 15.31 -10.33
N SER A 70 0.53 16.56 -10.79
CA SER A 70 -0.60 17.47 -10.71
C SER A 70 -1.36 17.51 -12.03
N GLY A 71 -2.55 16.91 -12.05
CA GLY A 71 -3.36 16.88 -13.25
C GLY A 71 -4.01 18.23 -13.53
N GLY A 1 -13.72 -7.89 -20.05
CA GLY A 1 -13.81 -6.46 -19.98
C GLY A 1 -12.69 -5.83 -19.17
N SER A 2 -13.05 -4.93 -18.26
CA SER A 2 -12.07 -4.26 -17.43
C SER A 2 -11.93 -4.95 -16.08
N SER A 3 -10.74 -4.86 -15.49
CA SER A 3 -10.47 -5.49 -14.20
C SER A 3 -10.95 -4.61 -13.06
N GLY A 4 -10.67 -3.31 -13.16
CA GLY A 4 -11.07 -2.37 -12.13
C GLY A 4 -9.99 -2.14 -11.10
N SER A 5 -9.43 -0.94 -11.10
CA SER A 5 -8.37 -0.58 -10.16
C SER A 5 -8.72 0.70 -9.40
N SER A 6 -8.81 0.59 -8.08
CA SER A 6 -9.14 1.73 -7.24
C SER A 6 -7.90 2.24 -6.51
N GLY A 7 -6.77 2.26 -7.21
CA GLY A 7 -5.54 2.72 -6.61
C GLY A 7 -5.21 4.16 -6.98
N GLU A 8 -4.95 4.98 -5.97
CA GLU A 8 -4.63 6.39 -6.20
C GLU A 8 -3.12 6.61 -6.15
N GLU A 9 -2.50 6.19 -5.06
CA GLU A 9 -1.06 6.35 -4.89
C GLU A 9 -0.39 5.00 -4.62
N LYS A 10 0.45 4.57 -5.55
CA LYS A 10 1.16 3.29 -5.43
C LYS A 10 2.35 3.43 -4.48
N TYR A 11 2.30 2.71 -3.37
CA TYR A 11 3.36 2.75 -2.38
C TYR A 11 4.21 1.47 -2.45
N VAL A 12 5.20 1.38 -1.56
CA VAL A 12 6.07 0.22 -1.52
C VAL A 12 6.32 -0.23 -0.08
N THR A 13 6.32 -1.55 0.13
CA THR A 13 6.53 -2.10 1.46
C THR A 13 8.02 -2.34 1.72
N VAL A 14 8.54 -1.72 2.76
CA VAL A 14 9.95 -1.87 3.12
C VAL A 14 10.14 -3.00 4.13
N GLN A 15 9.04 -3.50 4.67
CA GLN A 15 9.08 -4.57 5.65
C GLN A 15 7.89 -5.51 5.49
N PRO A 16 8.12 -6.81 5.75
CA PRO A 16 7.07 -7.82 5.64
C PRO A 16 6.00 -7.69 6.73
N TYR A 17 4.80 -8.17 6.43
CA TYR A 17 3.69 -8.09 7.37
C TYR A 17 2.96 -9.43 7.45
N THR A 18 2.85 -9.96 8.67
CA THR A 18 2.18 -11.23 8.88
C THR A 18 0.71 -11.01 9.24
N SER A 19 -0.18 -11.40 8.33
CA SER A 19 -1.61 -11.24 8.54
C SER A 19 -2.18 -12.43 9.31
N GLN A 20 -3.29 -12.20 10.01
CA GLN A 20 -3.93 -13.26 10.79
C GLN A 20 -5.41 -13.34 10.48
N SER A 21 -6.02 -12.19 10.17
CA SER A 21 -7.44 -12.15 9.85
C SER A 21 -7.68 -11.37 8.57
N LYS A 22 -8.73 -11.74 7.84
CA LYS A 22 -9.08 -11.07 6.60
C LYS A 22 -8.90 -9.56 6.71
N ASP A 23 -9.39 -9.00 7.81
CA ASP A 23 -9.28 -7.56 8.05
C ASP A 23 -7.87 -7.06 7.73
N GLU A 24 -6.87 -7.81 8.16
CA GLU A 24 -5.48 -7.44 7.92
C GLU A 24 -4.91 -8.22 6.73
N ILE A 25 -3.96 -7.61 6.03
CA ILE A 25 -3.33 -8.23 4.89
C ILE A 25 -1.82 -8.37 5.08
N GLY A 26 -1.28 -9.49 4.64
CA GLY A 26 0.15 -9.73 4.77
C GLY A 26 0.88 -9.65 3.45
N PHE A 27 1.95 -8.87 3.41
CA PHE A 27 2.74 -8.70 2.19
C PHE A 27 4.23 -8.82 2.50
N GLU A 28 5.02 -9.14 1.47
CA GLU A 28 6.46 -9.29 1.62
C GLU A 28 7.16 -7.95 1.44
N LYS A 29 8.44 -7.91 1.78
CA LYS A 29 9.23 -6.69 1.65
C LYS A 29 9.84 -6.57 0.26
N GLY A 30 9.47 -5.53 -0.46
CA GLY A 30 9.99 -5.31 -1.80
C GLY A 30 8.94 -5.50 -2.87
N VAL A 31 7.69 -5.21 -2.51
CA VAL A 31 6.58 -5.35 -3.45
C VAL A 31 5.85 -4.02 -3.63
N THR A 32 4.90 -3.99 -4.57
CA THR A 32 4.13 -2.78 -4.83
C THR A 32 2.71 -2.91 -4.31
N VAL A 33 2.20 -1.84 -3.71
CA VAL A 33 0.86 -1.83 -3.16
C VAL A 33 0.12 -0.55 -3.51
N GLU A 34 -1.20 -0.65 -3.63
CA GLU A 34 -2.02 0.51 -3.97
C GLU A 34 -2.75 1.04 -2.75
N VAL A 35 -2.43 2.26 -2.36
CA VAL A 35 -3.05 2.90 -1.19
C VAL A 35 -4.43 3.45 -1.55
N ILE A 36 -5.47 2.71 -1.17
CA ILE A 36 -6.83 3.12 -1.45
C ILE A 36 -7.24 4.28 -0.55
N ARG A 37 -7.05 4.11 0.76
CA ARG A 37 -7.41 5.15 1.72
C ARG A 37 -6.29 5.34 2.74
N LYS A 38 -6.21 6.54 3.29
CA LYS A 38 -5.18 6.85 4.28
C LYS A 38 -5.78 7.61 5.47
N ASN A 39 -5.60 7.08 6.66
CA ASN A 39 -6.12 7.70 7.87
C ASN A 39 -5.02 8.46 8.61
N LEU A 40 -5.39 9.08 9.73
CA LEU A 40 -4.43 9.85 10.52
C LEU A 40 -3.91 9.02 11.69
N GLU A 41 -4.84 8.37 12.40
CA GLU A 41 -4.46 7.55 13.54
C GLU A 41 -3.23 6.71 13.23
N GLY A 42 -3.32 5.89 12.19
CA GLY A 42 -2.21 5.05 11.80
C GLY A 42 -2.64 3.83 11.01
N TRP A 43 -3.55 4.04 10.06
CA TRP A 43 -4.06 2.95 9.24
C TRP A 43 -4.23 3.40 7.78
N TRP A 44 -3.57 2.69 6.88
CA TRP A 44 -3.63 3.01 5.46
C TRP A 44 -4.15 1.82 4.65
N TYR A 45 -5.41 1.89 4.26
CA TYR A 45 -6.02 0.82 3.49
C TYR A 45 -5.31 0.64 2.14
N ILE A 46 -4.75 -0.55 1.93
CA ILE A 46 -4.04 -0.85 0.70
C ILE A 46 -4.56 -2.14 0.07
N ARG A 47 -4.15 -2.39 -1.17
CA ARG A 47 -4.57 -3.60 -1.87
C ARG A 47 -3.36 -4.34 -2.45
N TYR A 48 -3.18 -5.58 -2.02
CA TYR A 48 -2.06 -6.40 -2.49
C TYR A 48 -2.53 -7.79 -2.89
N LEU A 49 -2.10 -8.25 -4.06
CA LEU A 49 -2.48 -9.56 -4.56
C LEU A 49 -3.99 -9.69 -4.69
N GLY A 50 -4.62 -8.62 -5.20
CA GLY A 50 -6.07 -8.63 -5.37
C GLY A 50 -6.80 -8.81 -4.05
N LYS A 51 -6.29 -8.17 -3.00
CA LYS A 51 -6.91 -8.25 -1.68
C LYS A 51 -6.73 -6.95 -0.91
N GLU A 52 -7.83 -6.42 -0.38
CA GLU A 52 -7.79 -5.18 0.37
C GLU A 52 -7.77 -5.46 1.87
N GLY A 53 -6.81 -4.86 2.57
CA GLY A 53 -6.70 -5.06 4.01
C GLY A 53 -6.10 -3.86 4.71
N TRP A 54 -6.06 -3.92 6.04
CA TRP A 54 -5.50 -2.83 6.83
C TRP A 54 -4.01 -3.04 7.08
N ALA A 55 -3.20 -2.03 6.74
CA ALA A 55 -1.77 -2.10 6.91
C ALA A 55 -1.21 -0.79 7.45
N PRO A 56 -0.19 -0.89 8.31
CA PRO A 56 0.46 0.29 8.92
C PRO A 56 1.25 1.10 7.90
N ALA A 57 0.95 2.39 7.83
CA ALA A 57 1.64 3.29 6.89
C ALA A 57 3.15 3.16 7.04
N SER A 58 3.60 2.78 8.23
CA SER A 58 5.03 2.62 8.50
C SER A 58 5.64 1.58 7.57
N TYR A 59 4.85 0.59 7.20
CA TYR A 59 5.32 -0.47 6.31
C TYR A 59 5.00 -0.16 4.86
N LEU A 60 4.86 1.13 4.56
CA LEU A 60 4.56 1.57 3.20
C LEU A 60 5.20 2.93 2.91
N LYS A 61 5.71 3.08 1.69
CA LYS A 61 6.35 4.33 1.29
C LYS A 61 6.01 4.67 -0.16
N LYS A 62 5.58 5.91 -0.40
CA LYS A 62 5.23 6.35 -1.75
C LYS A 62 6.36 6.05 -2.73
N ALA A 63 6.09 5.15 -3.66
CA ALA A 63 7.08 4.77 -4.67
C ALA A 63 7.76 6.00 -5.26
N LYS A 64 7.01 6.77 -6.04
CA LYS A 64 7.54 7.98 -6.66
C LYS A 64 7.58 9.13 -5.67
N ASP A 65 8.24 10.21 -6.06
CA ASP A 65 8.36 11.38 -5.19
C ASP A 65 7.67 12.59 -5.82
N SER A 66 6.83 13.26 -5.03
CA SER A 66 6.11 14.44 -5.52
C SER A 66 5.45 15.18 -4.36
N GLY A 67 5.50 16.50 -4.42
CA GLY A 67 4.90 17.32 -3.37
C GLY A 67 5.35 16.90 -1.98
N PRO A 68 6.66 17.08 -1.72
CA PRO A 68 7.25 16.73 -0.42
C PRO A 68 6.78 17.65 0.71
N SER A 69 6.81 18.96 0.45
CA SER A 69 6.38 19.93 1.45
C SER A 69 4.92 19.75 1.79
N SER A 70 4.64 19.50 3.06
CA SER A 70 3.27 19.31 3.52
C SER A 70 2.80 20.49 4.37
N GLY A 71 2.09 21.42 3.75
CA GLY A 71 1.60 22.59 4.46
C GLY A 71 2.47 23.82 4.22
N GLY A 1 -15.44 -1.30 -20.96
CA GLY A 1 -14.79 -0.47 -21.95
C GLY A 1 -13.84 0.54 -21.32
N SER A 2 -12.94 0.05 -20.47
CA SER A 2 -11.98 0.92 -19.81
C SER A 2 -10.63 0.21 -19.65
N SER A 3 -9.58 0.86 -20.10
CA SER A 3 -8.23 0.29 -20.02
C SER A 3 -7.25 1.32 -19.46
N GLY A 4 -7.68 2.06 -18.44
CA GLY A 4 -6.83 3.06 -17.84
C GLY A 4 -5.96 2.49 -16.73
N SER A 5 -5.75 3.29 -15.69
CA SER A 5 -4.94 2.87 -14.55
C SER A 5 -5.73 2.94 -13.25
N SER A 6 -5.63 1.89 -12.44
CA SER A 6 -6.34 1.84 -11.16
C SER A 6 -5.36 1.90 -10.00
N GLY A 7 -5.49 2.94 -9.17
CA GLY A 7 -4.60 3.09 -8.03
C GLY A 7 -4.24 4.54 -7.77
N GLU A 8 -5.09 5.23 -7.01
CA GLU A 8 -4.85 6.64 -6.70
C GLU A 8 -3.37 6.89 -6.43
N GLU A 9 -2.75 6.00 -5.66
CA GLU A 9 -1.32 6.14 -5.34
C GLU A 9 -0.71 4.77 -5.04
N LYS A 10 0.47 4.52 -5.60
CA LYS A 10 1.17 3.27 -5.39
C LYS A 10 2.37 3.45 -4.47
N TYR A 11 2.37 2.75 -3.34
CA TYR A 11 3.46 2.85 -2.39
C TYR A 11 4.35 1.60 -2.44
N VAL A 12 5.36 1.56 -1.58
CA VAL A 12 6.27 0.43 -1.53
C VAL A 12 6.46 -0.06 -0.09
N THR A 13 6.57 -1.37 0.08
CA THR A 13 6.77 -1.96 1.40
C THR A 13 8.25 -2.19 1.69
N VAL A 14 8.75 -1.56 2.74
CA VAL A 14 10.15 -1.71 3.13
C VAL A 14 10.34 -2.90 4.07
N GLN A 15 9.24 -3.39 4.61
CA GLN A 15 9.30 -4.53 5.53
C GLN A 15 8.03 -5.38 5.41
N PRO A 16 8.17 -6.70 5.61
CA PRO A 16 7.05 -7.63 5.54
C PRO A 16 6.08 -7.47 6.70
N TYR A 17 4.82 -7.83 6.48
CA TYR A 17 3.80 -7.73 7.51
C TYR A 17 3.03 -9.03 7.66
N THR A 18 2.57 -9.30 8.88
CA THR A 18 1.82 -10.53 9.15
C THR A 18 0.41 -10.21 9.61
N SER A 19 -0.56 -10.41 8.73
CA SER A 19 -1.96 -10.15 9.04
C SER A 19 -2.54 -11.26 9.91
N GLN A 20 -2.95 -10.90 11.13
CA GLN A 20 -3.51 -11.86 12.05
C GLN A 20 -4.94 -12.23 11.65
N SER A 21 -5.71 -11.23 11.23
CA SER A 21 -7.09 -11.45 10.83
C SER A 21 -7.31 -11.00 9.39
N LYS A 22 -8.43 -11.42 8.80
CA LYS A 22 -8.76 -11.05 7.43
C LYS A 22 -8.79 -9.54 7.26
N ASP A 23 -9.11 -8.84 8.34
CA ASP A 23 -9.17 -7.38 8.31
C ASP A 23 -7.85 -6.79 7.81
N GLU A 24 -6.75 -7.39 8.24
CA GLU A 24 -5.43 -6.92 7.84
C GLU A 24 -4.87 -7.77 6.70
N ILE A 25 -3.84 -7.26 6.04
CA ILE A 25 -3.21 -7.98 4.93
C ILE A 25 -1.72 -8.15 5.16
N GLY A 26 -1.19 -9.31 4.80
CA GLY A 26 0.22 -9.58 4.97
C GLY A 26 0.98 -9.59 3.65
N PHE A 27 1.95 -8.69 3.53
CA PHE A 27 2.75 -8.60 2.31
C PHE A 27 4.23 -8.76 2.62
N GLU A 28 5.04 -8.93 1.58
CA GLU A 28 6.48 -9.08 1.74
C GLU A 28 7.21 -7.78 1.44
N LYS A 29 8.52 -7.77 1.69
CA LYS A 29 9.32 -6.59 1.45
C LYS A 29 9.87 -6.57 0.03
N GLY A 30 9.59 -5.50 -0.70
CA GLY A 30 10.06 -5.38 -2.07
C GLY A 30 8.95 -5.59 -3.08
N VAL A 31 7.76 -5.10 -2.76
CA VAL A 31 6.61 -5.23 -3.64
C VAL A 31 5.87 -3.90 -3.78
N THR A 32 4.87 -3.88 -4.65
CA THR A 32 4.07 -2.67 -4.89
C THR A 32 2.66 -2.83 -4.32
N VAL A 33 2.21 -1.81 -3.61
CA VAL A 33 0.88 -1.82 -3.01
C VAL A 33 0.09 -0.58 -3.38
N GLU A 34 -1.20 -0.74 -3.62
CA GLU A 34 -2.06 0.37 -4.00
C GLU A 34 -2.83 0.90 -2.78
N VAL A 35 -2.50 2.11 -2.35
CA VAL A 35 -3.15 2.72 -1.21
C VAL A 35 -4.52 3.27 -1.58
N ILE A 36 -5.57 2.61 -1.11
CA ILE A 36 -6.94 3.04 -1.39
C ILE A 36 -7.32 4.25 -0.56
N ARG A 37 -7.33 4.08 0.76
CA ARG A 37 -7.68 5.16 1.67
C ARG A 37 -6.51 5.50 2.59
N LYS A 38 -6.65 6.57 3.36
CA LYS A 38 -5.61 7.01 4.27
C LYS A 38 -6.21 7.55 5.57
N ASN A 39 -5.61 7.18 6.69
CA ASN A 39 -6.08 7.63 8.00
C ASN A 39 -4.98 8.38 8.76
N LEU A 40 -5.37 9.07 9.82
CA LEU A 40 -4.42 9.83 10.62
C LEU A 40 -3.96 9.02 11.83
N GLU A 41 -4.91 8.40 12.51
CA GLU A 41 -4.60 7.58 13.68
C GLU A 41 -3.36 6.72 13.43
N GLY A 42 -3.34 6.05 12.29
CA GLY A 42 -2.21 5.20 11.94
C GLY A 42 -2.63 3.97 11.16
N TRP A 43 -3.50 4.16 10.18
CA TRP A 43 -3.98 3.06 9.36
C TRP A 43 -4.13 3.49 7.90
N TRP A 44 -3.53 2.73 7.00
CA TRP A 44 -3.59 3.04 5.57
C TRP A 44 -4.10 1.83 4.78
N TYR A 45 -5.31 1.94 4.26
CA TYR A 45 -5.91 0.85 3.49
C TYR A 45 -5.20 0.69 2.15
N ILE A 46 -4.67 -0.50 1.91
CA ILE A 46 -3.97 -0.80 0.67
C ILE A 46 -4.45 -2.11 0.06
N ARG A 47 -4.18 -2.29 -1.23
CA ARG A 47 -4.58 -3.51 -1.93
C ARG A 47 -3.37 -4.26 -2.45
N TYR A 48 -3.24 -5.52 -2.04
CA TYR A 48 -2.12 -6.35 -2.46
C TYR A 48 -2.59 -7.76 -2.84
N LEU A 49 -2.14 -8.24 -3.99
CA LEU A 49 -2.52 -9.56 -4.46
C LEU A 49 -4.02 -9.66 -4.64
N GLY A 50 -4.64 -8.60 -5.14
CA GLY A 50 -6.08 -8.59 -5.35
C GLY A 50 -6.86 -8.76 -4.06
N LYS A 51 -6.31 -8.22 -2.98
CA LYS A 51 -6.95 -8.31 -1.67
C LYS A 51 -6.83 -7.00 -0.90
N GLU A 52 -7.95 -6.52 -0.37
CA GLU A 52 -7.95 -5.27 0.39
C GLU A 52 -7.85 -5.55 1.89
N GLY A 53 -6.94 -4.84 2.55
CA GLY A 53 -6.76 -5.02 3.98
C GLY A 53 -6.11 -3.81 4.64
N TRP A 54 -6.11 -3.80 5.97
CA TRP A 54 -5.52 -2.70 6.71
C TRP A 54 -4.02 -2.92 6.91
N ALA A 55 -3.22 -1.95 6.44
CA ALA A 55 -1.77 -2.05 6.58
C ALA A 55 -1.20 -0.81 7.27
N PRO A 56 -0.16 -1.02 8.08
CA PRO A 56 0.49 0.06 8.82
C PRO A 56 1.27 1.01 7.91
N ALA A 57 0.97 2.29 7.99
CA ALA A 57 1.64 3.30 7.17
C ALA A 57 3.15 3.24 7.37
N SER A 58 3.58 2.62 8.46
CA SER A 58 5.01 2.51 8.77
C SER A 58 5.69 1.54 7.81
N TYR A 59 4.97 0.51 7.41
CA TYR A 59 5.50 -0.49 6.48
C TYR A 59 5.21 -0.11 5.04
N LEU A 60 4.95 1.18 4.81
CA LEU A 60 4.66 1.68 3.48
C LEU A 60 5.34 3.02 3.23
N LYS A 61 5.93 3.17 2.05
CA LYS A 61 6.62 4.40 1.70
C LYS A 61 6.23 4.85 0.29
N LYS A 62 5.93 6.13 0.15
CA LYS A 62 5.55 6.69 -1.15
C LYS A 62 6.57 6.32 -2.22
N ALA A 63 6.08 5.70 -3.30
CA ALA A 63 6.95 5.30 -4.39
C ALA A 63 7.32 6.49 -5.28
N LYS A 64 8.61 6.64 -5.55
CA LYS A 64 9.09 7.74 -6.38
C LYS A 64 9.49 7.24 -7.77
N ASP A 65 8.53 7.22 -8.69
CA ASP A 65 8.78 6.78 -10.05
C ASP A 65 8.32 7.82 -11.06
N SER A 66 9.29 8.42 -11.75
CA SER A 66 8.98 9.45 -12.75
C SER A 66 8.25 10.62 -12.10
N GLY A 67 8.50 10.84 -10.82
CA GLY A 67 7.86 11.93 -10.11
C GLY A 67 8.52 13.27 -10.39
N PRO A 68 9.56 13.59 -9.62
CA PRO A 68 10.30 14.84 -9.77
C PRO A 68 11.12 14.89 -11.05
N SER A 69 11.02 13.83 -11.85
CA SER A 69 11.75 13.75 -13.10
C SER A 69 11.23 14.77 -14.11
N SER A 70 11.54 16.04 -13.86
CA SER A 70 11.10 17.11 -14.74
C SER A 70 12.04 17.26 -15.93
N GLY A 71 11.48 17.21 -17.14
CA GLY A 71 12.30 17.35 -18.33
C GLY A 71 13.08 18.64 -18.36
N GLY A 1 -8.56 -7.18 -12.41
CA GLY A 1 -7.30 -7.44 -13.09
C GLY A 1 -7.02 -6.43 -14.18
N SER A 2 -7.22 -5.15 -13.87
CA SER A 2 -6.99 -4.09 -14.84
C SER A 2 -6.69 -2.77 -14.13
N SER A 3 -5.95 -1.89 -14.80
CA SER A 3 -5.59 -0.60 -14.24
C SER A 3 -6.69 0.42 -14.48
N GLY A 4 -6.85 1.36 -13.55
CA GLY A 4 -7.87 2.38 -13.68
C GLY A 4 -8.34 2.91 -12.33
N SER A 5 -9.62 2.69 -12.03
CA SER A 5 -10.19 3.16 -10.77
C SER A 5 -9.98 2.13 -9.66
N SER A 6 -8.76 1.60 -9.57
CA SER A 6 -8.43 0.61 -8.55
C SER A 6 -7.41 1.15 -7.57
N GLY A 7 -6.38 1.82 -8.10
CA GLY A 7 -5.34 2.38 -7.25
C GLY A 7 -4.92 3.77 -7.68
N GLU A 8 -4.80 4.67 -6.72
CA GLU A 8 -4.41 6.05 -7.00
C GLU A 8 -2.93 6.27 -6.69
N GLU A 9 -2.55 6.09 -5.43
CA GLU A 9 -1.17 6.27 -5.02
C GLU A 9 -0.48 4.93 -4.83
N LYS A 10 0.46 4.62 -5.71
CA LYS A 10 1.20 3.37 -5.65
C LYS A 10 2.35 3.46 -4.65
N TYR A 11 2.24 2.72 -3.55
CA TYR A 11 3.26 2.72 -2.51
C TYR A 11 4.05 1.42 -2.53
N VAL A 12 5.08 1.35 -1.69
CA VAL A 12 5.93 0.16 -1.61
C VAL A 12 6.18 -0.23 -0.16
N THR A 13 6.41 -1.52 0.07
CA THR A 13 6.66 -2.02 1.41
C THR A 13 8.16 -2.19 1.66
N VAL A 14 8.68 -1.40 2.60
CA VAL A 14 10.11 -1.47 2.93
C VAL A 14 10.37 -2.54 3.99
N GLN A 15 9.30 -3.11 4.53
CA GLN A 15 9.42 -4.14 5.56
C GLN A 15 8.22 -5.08 5.52
N PRO A 16 8.46 -6.37 5.82
CA PRO A 16 7.42 -7.39 5.83
C PRO A 16 6.44 -7.21 6.98
N TYR A 17 5.20 -7.65 6.77
CA TYR A 17 4.17 -7.53 7.79
C TYR A 17 3.40 -8.84 7.94
N THR A 18 2.93 -9.10 9.16
CA THR A 18 2.17 -10.32 9.44
C THR A 18 0.72 -9.99 9.80
N SER A 19 -0.21 -10.45 8.98
CA SER A 19 -1.63 -10.22 9.21
C SER A 19 -2.16 -11.17 10.27
N GLN A 20 -2.78 -10.61 11.32
CA GLN A 20 -3.34 -11.42 12.40
C GLN A 20 -4.73 -11.91 12.03
N SER A 21 -5.53 -11.04 11.42
CA SER A 21 -6.89 -11.39 11.02
C SER A 21 -7.19 -10.90 9.61
N LYS A 22 -8.29 -11.38 9.05
CA LYS A 22 -8.70 -10.99 7.71
C LYS A 22 -8.64 -9.48 7.54
N ASP A 23 -9.10 -8.76 8.56
CA ASP A 23 -9.10 -7.30 8.52
C ASP A 23 -7.78 -6.77 8.00
N GLU A 24 -6.68 -7.36 8.46
CA GLU A 24 -5.35 -6.94 8.03
C GLU A 24 -4.80 -7.88 6.96
N ILE A 25 -3.85 -7.38 6.17
CA ILE A 25 -3.25 -8.18 5.12
C ILE A 25 -1.73 -8.25 5.28
N GLY A 26 -1.19 -9.46 5.12
CA GLY A 26 0.25 -9.65 5.26
C GLY A 26 0.96 -9.67 3.92
N PHE A 27 2.03 -8.89 3.81
CA PHE A 27 2.79 -8.81 2.58
C PHE A 27 4.29 -8.99 2.85
N GLU A 28 5.08 -8.97 1.79
CA GLU A 28 6.53 -9.13 1.92
C GLU A 28 7.25 -7.82 1.61
N LYS A 29 8.56 -7.78 1.89
CA LYS A 29 9.35 -6.60 1.64
C LYS A 29 9.89 -6.59 0.21
N GLY A 30 9.58 -5.53 -0.53
CA GLY A 30 10.04 -5.43 -1.91
C GLY A 30 8.93 -5.67 -2.91
N VAL A 31 7.73 -5.23 -2.56
CA VAL A 31 6.58 -5.41 -3.44
C VAL A 31 5.79 -4.11 -3.60
N THR A 32 4.98 -4.03 -4.64
CA THR A 32 4.18 -2.84 -4.91
C THR A 32 2.80 -2.97 -4.27
N VAL A 33 2.29 -1.84 -3.77
CA VAL A 33 0.98 -1.82 -3.13
C VAL A 33 0.16 -0.61 -3.59
N GLU A 34 -1.15 -0.75 -3.56
CA GLU A 34 -2.05 0.32 -3.98
C GLU A 34 -2.77 0.92 -2.77
N VAL A 35 -2.39 2.14 -2.41
CA VAL A 35 -3.00 2.83 -1.27
C VAL A 35 -4.39 3.35 -1.64
N ILE A 36 -5.41 2.65 -1.18
CA ILE A 36 -6.79 3.05 -1.46
C ILE A 36 -7.19 4.27 -0.62
N ARG A 37 -7.20 4.09 0.70
CA ARG A 37 -7.57 5.18 1.60
C ARG A 37 -6.42 5.50 2.55
N LYS A 38 -6.48 6.67 3.18
CA LYS A 38 -5.44 7.09 4.12
C LYS A 38 -6.06 7.62 5.40
N ASN A 39 -5.54 7.17 6.54
CA ASN A 39 -6.05 7.60 7.84
C ASN A 39 -4.96 8.35 8.63
N LEU A 40 -5.39 9.13 9.61
CA LEU A 40 -4.45 9.89 10.43
C LEU A 40 -3.95 9.05 11.60
N GLU A 41 -4.87 8.41 12.31
CA GLU A 41 -4.51 7.58 13.44
C GLU A 41 -3.27 6.75 13.14
N GLY A 42 -3.30 6.03 12.03
CA GLY A 42 -2.17 5.20 11.64
C GLY A 42 -2.59 3.96 10.88
N TRP A 43 -3.62 4.10 10.05
CA TRP A 43 -4.13 2.98 9.27
C TRP A 43 -4.32 3.38 7.81
N TRP A 44 -3.58 2.74 6.92
CA TRP A 44 -3.67 3.03 5.49
C TRP A 44 -4.17 1.81 4.72
N TYR A 45 -5.41 1.89 4.25
CA TYR A 45 -6.01 0.79 3.49
C TYR A 45 -5.32 0.61 2.15
N ILE A 46 -4.65 -0.52 1.98
CA ILE A 46 -3.94 -0.82 0.73
C ILE A 46 -4.48 -2.10 0.09
N ARG A 47 -4.16 -2.28 -1.18
CA ARG A 47 -4.60 -3.46 -1.91
C ARG A 47 -3.41 -4.22 -2.50
N TYR A 48 -3.26 -5.47 -2.09
CA TYR A 48 -2.16 -6.30 -2.58
C TYR A 48 -2.66 -7.67 -3.03
N LEU A 49 -2.28 -8.07 -4.23
CA LEU A 49 -2.70 -9.35 -4.79
C LEU A 49 -4.22 -9.43 -4.92
N GLY A 50 -4.82 -8.30 -5.30
CA GLY A 50 -6.27 -8.26 -5.46
C GLY A 50 -7.00 -8.40 -4.14
N LYS A 51 -6.32 -8.08 -3.05
CA LYS A 51 -6.91 -8.18 -1.72
C LYS A 51 -6.77 -6.86 -0.96
N GLU A 52 -7.85 -6.43 -0.33
CA GLU A 52 -7.84 -5.18 0.43
C GLU A 52 -7.78 -5.46 1.93
N GLY A 53 -6.83 -4.83 2.61
CA GLY A 53 -6.68 -5.02 4.04
C GLY A 53 -6.08 -3.80 4.73
N TRP A 54 -6.01 -3.86 6.05
CA TRP A 54 -5.45 -2.75 6.83
C TRP A 54 -3.97 -2.96 7.09
N ALA A 55 -3.15 -2.04 6.61
CA ALA A 55 -1.71 -2.12 6.80
C ALA A 55 -1.15 -0.85 7.44
N PRO A 56 -0.13 -1.02 8.29
CA PRO A 56 0.50 0.11 8.99
C PRO A 56 1.30 1.00 8.05
N ALA A 57 0.89 2.27 7.95
CA ALA A 57 1.57 3.22 7.09
C ALA A 57 3.08 3.20 7.32
N SER A 58 3.49 2.69 8.48
CA SER A 58 4.90 2.62 8.82
C SER A 58 5.65 1.73 7.83
N TYR A 59 5.03 0.62 7.46
CA TYR A 59 5.64 -0.32 6.51
C TYR A 59 5.26 0.03 5.09
N LEU A 60 4.95 1.29 4.84
CA LEU A 60 4.56 1.76 3.51
C LEU A 60 5.19 3.12 3.20
N LYS A 61 5.55 3.32 1.94
CA LYS A 61 6.16 4.57 1.51
C LYS A 61 5.87 4.83 0.03
N LYS A 62 5.51 6.07 -0.28
CA LYS A 62 5.21 6.45 -1.66
C LYS A 62 6.37 6.07 -2.59
N ALA A 63 6.08 5.23 -3.56
CA ALA A 63 7.09 4.79 -4.52
C ALA A 63 7.09 5.68 -5.76
N LYS A 64 8.01 5.40 -6.68
CA LYS A 64 8.12 6.18 -7.91
C LYS A 64 8.16 5.25 -9.13
N ASP A 65 7.14 5.33 -9.97
CA ASP A 65 7.06 4.51 -11.17
C ASP A 65 8.02 5.04 -12.25
N SER A 66 8.38 4.17 -13.18
CA SER A 66 9.29 4.55 -14.26
C SER A 66 8.57 5.40 -15.31
N GLY A 67 7.46 4.87 -15.83
CA GLY A 67 6.70 5.60 -16.83
C GLY A 67 7.46 5.77 -18.14
N PRO A 68 7.07 6.77 -18.93
CA PRO A 68 7.70 7.05 -20.22
C PRO A 68 9.11 7.60 -20.06
N SER A 69 10.10 6.83 -20.51
CA SER A 69 11.49 7.24 -20.41
C SER A 69 11.81 8.33 -21.44
N SER A 70 11.40 8.10 -22.69
CA SER A 70 11.64 9.06 -23.75
C SER A 70 10.41 9.94 -23.98
N GLY A 71 10.63 11.25 -23.97
CA GLY A 71 9.54 12.18 -24.18
C GLY A 71 9.69 13.00 -25.44
N GLY A 1 -7.27 -8.77 -13.78
CA GLY A 1 -8.50 -8.18 -14.26
C GLY A 1 -8.57 -6.68 -14.05
N SER A 2 -8.13 -5.92 -15.06
CA SER A 2 -8.13 -4.47 -14.97
C SER A 2 -9.47 -3.90 -15.43
N SER A 3 -10.34 -3.59 -14.47
CA SER A 3 -11.66 -3.04 -14.79
C SER A 3 -11.68 -1.53 -14.58
N GLY A 4 -11.21 -0.79 -15.57
CA GLY A 4 -11.18 0.66 -15.48
C GLY A 4 -10.01 1.16 -14.66
N SER A 5 -10.27 2.13 -13.79
CA SER A 5 -9.23 2.70 -12.95
C SER A 5 -9.17 1.99 -11.60
N SER A 6 -7.97 1.90 -11.03
CA SER A 6 -7.77 1.24 -9.75
C SER A 6 -6.56 1.81 -9.02
N GLY A 7 -6.75 2.18 -7.76
CA GLY A 7 -5.66 2.73 -6.97
C GLY A 7 -5.35 4.17 -7.36
N GLU A 8 -4.96 4.97 -6.38
CA GLU A 8 -4.63 6.37 -6.61
C GLU A 8 -3.13 6.60 -6.47
N GLU A 9 -2.57 6.17 -5.35
CA GLU A 9 -1.14 6.34 -5.10
C GLU A 9 -0.48 4.99 -4.83
N LYS A 10 0.56 4.68 -5.59
CA LYS A 10 1.28 3.43 -5.43
C LYS A 10 2.42 3.58 -4.42
N TYR A 11 2.37 2.78 -3.36
CA TYR A 11 3.40 2.82 -2.32
C TYR A 11 4.31 1.61 -2.40
N VAL A 12 5.43 1.67 -1.70
CA VAL A 12 6.40 0.58 -1.69
C VAL A 12 6.68 0.11 -0.26
N THR A 13 6.77 -1.20 -0.09
CA THR A 13 7.04 -1.79 1.22
C THR A 13 8.54 -1.89 1.48
N VAL A 14 8.95 -1.64 2.72
CA VAL A 14 10.35 -1.71 3.10
C VAL A 14 10.60 -2.85 4.09
N GLN A 15 9.52 -3.48 4.54
CA GLN A 15 9.62 -4.58 5.49
C GLN A 15 8.41 -5.51 5.38
N PRO A 16 8.65 -6.82 5.56
CA PRO A 16 7.60 -7.82 5.49
C PRO A 16 6.63 -7.74 6.67
N TYR A 17 5.34 -7.69 6.36
CA TYR A 17 4.31 -7.61 7.40
C TYR A 17 3.53 -8.92 7.50
N THR A 18 3.35 -9.40 8.73
CA THR A 18 2.63 -10.64 8.96
C THR A 18 1.23 -10.36 9.53
N SER A 19 0.23 -10.39 8.66
CA SER A 19 -1.15 -10.13 9.07
C SER A 19 -1.77 -11.38 9.67
N GLN A 20 -2.27 -11.26 10.90
CA GLN A 20 -2.90 -12.38 11.58
C GLN A 20 -4.39 -12.15 11.75
N SER A 21 -4.98 -11.37 10.85
CA SER A 21 -6.40 -11.06 10.91
C SER A 21 -6.96 -10.82 9.51
N LYS A 22 -8.10 -11.43 9.21
CA LYS A 22 -8.73 -11.27 7.91
C LYS A 22 -8.86 -9.80 7.54
N ASP A 23 -9.19 -8.98 8.53
CA ASP A 23 -9.35 -7.54 8.30
C ASP A 23 -8.04 -6.93 7.82
N GLU A 24 -6.93 -7.52 8.22
CA GLU A 24 -5.61 -7.02 7.83
C GLU A 24 -5.02 -7.88 6.71
N ILE A 25 -3.99 -7.35 6.05
CA ILE A 25 -3.34 -8.06 4.96
C ILE A 25 -1.83 -8.08 5.15
N GLY A 26 -1.21 -9.18 4.75
CA GLY A 26 0.24 -9.30 4.88
C GLY A 26 0.94 -9.31 3.53
N PHE A 27 2.05 -8.57 3.44
CA PHE A 27 2.81 -8.50 2.20
C PHE A 27 4.29 -8.72 2.46
N GLU A 28 5.08 -8.73 1.39
CA GLU A 28 6.52 -8.94 1.51
C GLU A 28 7.29 -7.65 1.23
N LYS A 29 8.56 -7.64 1.60
CA LYS A 29 9.41 -6.47 1.38
C LYS A 29 9.96 -6.44 -0.03
N GLY A 30 9.81 -5.31 -0.71
CA GLY A 30 10.29 -5.17 -2.06
C GLY A 30 9.20 -5.36 -3.10
N VAL A 31 7.96 -5.08 -2.70
CA VAL A 31 6.82 -5.23 -3.60
C VAL A 31 6.09 -3.91 -3.77
N THR A 32 5.00 -3.93 -4.53
CA THR A 32 4.20 -2.74 -4.78
C THR A 32 2.82 -2.86 -4.18
N VAL A 33 2.30 -1.77 -3.63
CA VAL A 33 0.97 -1.76 -3.03
C VAL A 33 0.17 -0.54 -3.48
N GLU A 34 -1.15 -0.62 -3.33
CA GLU A 34 -2.03 0.47 -3.73
C GLU A 34 -2.81 0.99 -2.53
N VAL A 35 -2.57 2.25 -2.17
CA VAL A 35 -3.25 2.87 -1.04
C VAL A 35 -4.63 3.39 -1.45
N ILE A 36 -5.66 2.69 -0.98
CA ILE A 36 -7.04 3.08 -1.30
C ILE A 36 -7.47 4.29 -0.47
N ARG A 37 -7.60 4.08 0.84
CA ARG A 37 -8.01 5.15 1.74
C ARG A 37 -6.94 5.42 2.79
N LYS A 38 -7.04 6.56 3.46
CA LYS A 38 -6.09 6.94 4.50
C LYS A 38 -6.80 7.46 5.74
N ASN A 39 -6.16 7.29 6.89
CA ASN A 39 -6.73 7.74 8.15
C ASN A 39 -5.70 7.68 9.28
N LEU A 40 -6.04 8.26 10.42
CA LEU A 40 -5.15 8.27 11.57
C LEU A 40 -3.70 8.45 11.12
N GLU A 41 -3.51 9.14 10.01
CA GLU A 41 -2.17 9.38 9.48
C GLU A 41 -1.26 8.17 9.73
N GLY A 42 -1.83 6.98 9.70
CA GLY A 42 -1.07 5.78 9.93
C GLY A 42 -1.69 4.56 9.27
N TRP A 43 -3.00 4.39 9.46
CA TRP A 43 -3.71 3.25 8.89
C TRP A 43 -4.29 3.61 7.52
N TRP A 44 -3.65 3.10 6.47
CA TRP A 44 -4.10 3.37 5.10
C TRP A 44 -4.52 2.08 4.40
N TYR A 45 -5.82 1.91 4.22
CA TYR A 45 -6.35 0.71 3.56
C TYR A 45 -5.71 0.52 2.20
N ILE A 46 -4.81 -0.46 2.10
CA ILE A 46 -4.12 -0.75 0.85
C ILE A 46 -4.64 -2.05 0.23
N ARG A 47 -4.15 -2.37 -0.96
CA ARG A 47 -4.56 -3.58 -1.65
C ARG A 47 -3.36 -4.33 -2.20
N TYR A 48 -3.31 -5.63 -1.95
CA TYR A 48 -2.21 -6.47 -2.41
C TYR A 48 -2.67 -7.90 -2.66
N LEU A 49 -2.04 -8.55 -3.65
CA LEU A 49 -2.39 -9.92 -3.99
C LEU A 49 -3.89 -10.06 -4.26
N GLY A 50 -4.45 -9.06 -4.93
CA GLY A 50 -5.87 -9.09 -5.25
C GLY A 50 -6.74 -9.15 -4.00
N LYS A 51 -6.27 -8.51 -2.93
CA LYS A 51 -7.01 -8.49 -1.67
C LYS A 51 -6.73 -7.20 -0.91
N GLU A 52 -7.80 -6.53 -0.48
CA GLU A 52 -7.67 -5.28 0.26
C GLU A 52 -7.75 -5.53 1.77
N GLY A 53 -6.93 -4.82 2.53
CA GLY A 53 -6.92 -4.98 3.97
C GLY A 53 -6.23 -3.83 4.68
N TRP A 54 -6.21 -3.89 6.01
CA TRP A 54 -5.57 -2.84 6.80
C TRP A 54 -4.08 -3.13 6.99
N ALA A 55 -3.26 -2.10 6.81
CA ALA A 55 -1.81 -2.24 6.95
C ALA A 55 -1.19 -0.96 7.49
N PRO A 56 -0.16 -1.10 8.34
CA PRO A 56 0.55 0.04 8.92
C PRO A 56 1.37 0.82 7.90
N ALA A 57 1.02 2.08 7.70
CA ALA A 57 1.72 2.93 6.75
C ALA A 57 3.23 2.93 7.02
N SER A 58 3.60 2.49 8.23
CA SER A 58 5.01 2.46 8.62
C SER A 58 5.79 1.49 7.73
N TYR A 59 5.11 0.46 7.25
CA TYR A 59 5.75 -0.54 6.39
C TYR A 59 5.58 -0.18 4.92
N LEU A 60 5.14 1.06 4.67
CA LEU A 60 4.95 1.53 3.30
C LEU A 60 5.56 2.92 3.11
N LYS A 61 6.08 3.17 1.91
CA LYS A 61 6.69 4.44 1.60
C LYS A 61 6.24 4.95 0.22
N LYS A 62 5.83 6.21 0.17
CA LYS A 62 5.37 6.81 -1.08
C LYS A 62 6.46 6.74 -2.15
N ALA A 63 6.18 6.03 -3.23
CA ALA A 63 7.13 5.89 -4.32
C ALA A 63 7.54 7.25 -4.88
N LYS A 64 8.46 7.24 -5.83
CA LYS A 64 8.94 8.47 -6.45
C LYS A 64 8.73 8.45 -7.96
N ASP A 65 7.51 8.78 -8.38
CA ASP A 65 7.17 8.80 -9.80
C ASP A 65 8.17 9.66 -10.58
N SER A 66 9.04 9.01 -11.34
CA SER A 66 10.05 9.71 -12.12
C SER A 66 9.59 9.88 -13.57
N GLY A 67 9.57 11.12 -14.04
CA GLY A 67 9.15 11.39 -15.40
C GLY A 67 9.50 12.79 -15.86
N PRO A 68 8.54 13.72 -15.72
CA PRO A 68 8.73 15.12 -16.12
C PRO A 68 9.71 15.84 -15.20
N SER A 69 10.01 15.24 -14.06
CA SER A 69 10.93 15.83 -13.09
C SER A 69 10.50 17.25 -12.73
N SER A 70 9.18 17.47 -12.68
CA SER A 70 8.65 18.78 -12.36
C SER A 70 8.43 18.93 -10.86
N GLY A 71 9.42 19.50 -10.18
CA GLY A 71 9.33 19.69 -8.74
C GLY A 71 10.13 18.65 -7.97
N GLY A 1 -10.85 -9.63 -6.69
CA GLY A 1 -10.98 -8.29 -7.23
C GLY A 1 -11.08 -8.30 -8.75
N SER A 2 -12.22 -7.84 -9.26
CA SER A 2 -12.44 -7.79 -10.70
C SER A 2 -11.55 -6.75 -11.36
N SER A 3 -11.68 -5.50 -10.91
CA SER A 3 -10.89 -4.40 -11.45
C SER A 3 -9.42 -4.80 -11.58
N GLY A 4 -8.72 -4.14 -12.49
CA GLY A 4 -7.31 -4.44 -12.69
C GLY A 4 -6.40 -3.51 -11.92
N SER A 5 -5.71 -2.62 -12.63
CA SER A 5 -4.80 -1.68 -11.99
C SER A 5 -5.39 -0.28 -11.96
N SER A 6 -6.27 -0.04 -10.99
CA SER A 6 -6.92 1.26 -10.86
C SER A 6 -6.83 1.76 -9.41
N GLY A 7 -5.69 2.33 -9.06
CA GLY A 7 -5.49 2.85 -7.73
C GLY A 7 -5.33 4.36 -7.70
N GLU A 8 -4.92 4.89 -6.54
CA GLU A 8 -4.73 6.33 -6.39
C GLU A 8 -3.26 6.66 -6.19
N GLU A 9 -2.60 5.91 -5.31
CA GLU A 9 -1.19 6.13 -5.02
C GLU A 9 -0.47 4.81 -4.78
N LYS A 10 0.41 4.44 -5.70
CA LYS A 10 1.16 3.20 -5.60
C LYS A 10 2.37 3.37 -4.68
N TYR A 11 2.34 2.73 -3.53
CA TYR A 11 3.43 2.82 -2.57
C TYR A 11 4.30 1.56 -2.61
N VAL A 12 5.33 1.53 -1.77
CA VAL A 12 6.23 0.39 -1.72
C VAL A 12 6.47 -0.05 -0.27
N THR A 13 6.60 -1.36 -0.08
CA THR A 13 6.82 -1.91 1.25
C THR A 13 8.31 -2.11 1.52
N VAL A 14 8.77 -1.62 2.67
CA VAL A 14 10.18 -1.75 3.05
C VAL A 14 10.39 -2.89 4.03
N GLN A 15 9.28 -3.42 4.56
CA GLN A 15 9.34 -4.52 5.51
C GLN A 15 8.14 -5.44 5.36
N PRO A 16 8.35 -6.75 5.54
CA PRO A 16 7.29 -7.76 5.44
C PRO A 16 6.28 -7.66 6.58
N TYR A 17 5.03 -7.97 6.28
CA TYR A 17 3.96 -7.91 7.27
C TYR A 17 3.08 -9.16 7.20
N THR A 18 2.73 -9.69 8.37
CA THR A 18 1.89 -10.88 8.44
C THR A 18 0.54 -10.56 9.05
N SER A 19 -0.53 -10.88 8.33
CA SER A 19 -1.89 -10.62 8.79
C SER A 19 -2.25 -11.56 9.93
N GLN A 20 -2.96 -11.02 10.92
CA GLN A 20 -3.37 -11.81 12.09
C GLN A 20 -4.85 -12.17 12.00
N SER A 21 -5.68 -11.18 11.71
CA SER A 21 -7.12 -11.38 11.60
C SER A 21 -7.58 -11.25 10.15
N LYS A 22 -8.90 -11.35 9.94
CA LYS A 22 -9.47 -11.22 8.61
C LYS A 22 -9.74 -9.77 8.27
N ASP A 23 -8.88 -8.88 8.75
CA ASP A 23 -9.03 -7.45 8.49
C ASP A 23 -7.72 -6.86 7.96
N GLU A 24 -6.60 -7.44 8.38
CA GLU A 24 -5.29 -6.96 7.95
C GLU A 24 -4.76 -7.82 6.80
N ILE A 25 -3.84 -7.26 6.03
CA ILE A 25 -3.25 -7.96 4.91
C ILE A 25 -1.73 -8.07 5.06
N GLY A 26 -1.20 -9.24 4.72
CA GLY A 26 0.24 -9.46 4.84
C GLY A 26 0.94 -9.31 3.51
N PHE A 27 1.92 -8.42 3.45
CA PHE A 27 2.68 -8.20 2.22
C PHE A 27 4.18 -8.41 2.46
N GLU A 28 4.89 -8.81 1.41
CA GLU A 28 6.32 -9.04 1.50
C GLU A 28 7.10 -7.76 1.22
N LYS A 29 8.40 -7.81 1.50
CA LYS A 29 9.26 -6.65 1.28
C LYS A 29 9.79 -6.63 -0.15
N GLY A 30 9.61 -5.50 -0.83
CA GLY A 30 10.07 -5.36 -2.20
C GLY A 30 8.96 -5.57 -3.20
N VAL A 31 7.75 -5.16 -2.84
CA VAL A 31 6.60 -5.31 -3.73
C VAL A 31 5.87 -3.99 -3.90
N THR A 32 4.88 -3.97 -4.78
CA THR A 32 4.11 -2.76 -5.04
C THR A 32 2.68 -2.90 -4.52
N VAL A 33 2.17 -1.83 -3.90
CA VAL A 33 0.82 -1.84 -3.35
C VAL A 33 0.04 -0.62 -3.82
N GLU A 34 -1.27 -0.63 -3.59
CA GLU A 34 -2.13 0.47 -3.99
C GLU A 34 -2.87 1.04 -2.78
N VAL A 35 -2.44 2.23 -2.35
CA VAL A 35 -3.07 2.89 -1.20
C VAL A 35 -4.46 3.40 -1.54
N ILE A 36 -5.47 2.58 -1.24
CA ILE A 36 -6.86 2.96 -1.52
C ILE A 36 -7.28 4.16 -0.69
N ARG A 37 -7.17 4.02 0.64
CA ARG A 37 -7.55 5.09 1.55
C ARG A 37 -6.57 5.18 2.72
N LYS A 38 -5.79 6.26 2.75
CA LYS A 38 -4.81 6.47 3.80
C LYS A 38 -5.33 7.45 4.84
N ASN A 39 -5.39 7.01 6.09
CA ASN A 39 -5.86 7.87 7.18
C ASN A 39 -4.70 8.53 7.90
N LEU A 40 -5.02 9.42 8.83
CA LEU A 40 -4.00 10.13 9.60
C LEU A 40 -3.77 9.45 10.96
N GLU A 41 -4.83 8.88 11.51
CA GLU A 41 -4.75 8.19 12.79
C GLU A 41 -3.54 7.27 12.84
N GLY A 42 -3.51 6.29 11.94
CA GLY A 42 -2.41 5.35 11.90
C GLY A 42 -2.76 4.08 11.15
N TRP A 43 -3.57 4.21 10.10
CA TRP A 43 -3.98 3.07 9.30
C TRP A 43 -4.11 3.44 7.83
N TRP A 44 -3.42 2.71 6.97
CA TRP A 44 -3.46 2.97 5.54
C TRP A 44 -4.00 1.76 4.78
N TYR A 45 -5.20 1.91 4.22
CA TYR A 45 -5.83 0.84 3.47
C TYR A 45 -5.17 0.66 2.11
N ILE A 46 -4.70 -0.55 1.83
CA ILE A 46 -4.05 -0.85 0.56
C ILE A 46 -4.55 -2.17 -0.03
N ARG A 47 -4.20 -2.43 -1.28
CA ARG A 47 -4.62 -3.64 -1.95
C ARG A 47 -3.41 -4.38 -2.53
N TYR A 48 -3.18 -5.60 -2.04
CA TYR A 48 -2.06 -6.41 -2.50
C TYR A 48 -2.52 -7.82 -2.86
N LEU A 49 -2.09 -8.30 -4.02
CA LEU A 49 -2.46 -9.63 -4.48
C LEU A 49 -3.97 -9.75 -4.67
N GLY A 50 -4.59 -8.67 -5.13
CA GLY A 50 -6.03 -8.67 -5.34
C GLY A 50 -6.81 -8.82 -4.05
N LYS A 51 -6.28 -8.26 -2.97
CA LYS A 51 -6.93 -8.34 -1.67
C LYS A 51 -6.78 -7.02 -0.91
N GLU A 52 -7.89 -6.55 -0.33
CA GLU A 52 -7.88 -5.30 0.43
C GLU A 52 -7.83 -5.58 1.92
N GLY A 53 -6.94 -4.86 2.62
CA GLY A 53 -6.80 -5.04 4.05
C GLY A 53 -6.21 -3.82 4.73
N TRP A 54 -6.18 -3.84 6.06
CA TRP A 54 -5.64 -2.73 6.84
C TRP A 54 -4.14 -2.88 7.03
N ALA A 55 -3.37 -1.94 6.48
CA ALA A 55 -1.93 -1.96 6.60
C ALA A 55 -1.42 -0.74 7.35
N PRO A 56 -0.34 -0.93 8.13
CA PRO A 56 0.26 0.15 8.92
C PRO A 56 0.97 1.17 8.04
N ALA A 57 0.95 2.43 8.46
CA ALA A 57 1.59 3.50 7.72
C ALA A 57 3.07 3.61 8.06
N SER A 58 3.63 2.50 8.55
CA SER A 58 5.04 2.46 8.91
C SER A 58 5.82 1.52 8.01
N TYR A 59 5.11 0.58 7.38
CA TYR A 59 5.74 -0.39 6.49
C TYR A 59 5.43 -0.04 5.03
N LEU A 60 5.21 1.23 4.77
CA LEU A 60 4.91 1.69 3.41
C LEU A 60 5.68 2.97 3.09
N LYS A 61 6.11 3.10 1.84
CA LYS A 61 6.86 4.28 1.40
C LYS A 61 6.43 4.69 -0.01
N LYS A 62 6.15 5.99 -0.17
CA LYS A 62 5.74 6.51 -1.46
C LYS A 62 6.80 6.22 -2.53
N ALA A 63 6.41 5.46 -3.54
CA ALA A 63 7.32 5.11 -4.63
C ALA A 63 8.07 6.33 -5.11
N LYS A 64 7.35 7.31 -5.65
CA LYS A 64 7.95 8.53 -6.16
C LYS A 64 9.06 8.22 -7.16
N ASP A 65 8.81 7.25 -8.03
CA ASP A 65 9.79 6.86 -9.04
C ASP A 65 10.02 7.98 -10.04
N SER A 66 8.93 8.46 -10.64
CA SER A 66 9.02 9.53 -11.63
C SER A 66 9.75 10.74 -11.06
N GLY A 67 10.10 11.69 -11.93
CA GLY A 67 10.80 12.88 -11.48
C GLY A 67 9.89 14.09 -11.39
N PRO A 68 10.18 14.96 -10.42
CA PRO A 68 9.38 16.18 -10.19
C PRO A 68 9.57 17.20 -11.30
N SER A 69 8.60 18.10 -11.44
CA SER A 69 8.66 19.13 -12.48
C SER A 69 8.71 20.52 -11.85
N SER A 70 8.85 21.54 -12.69
CA SER A 70 8.91 22.92 -12.22
C SER A 70 7.53 23.54 -12.17
N GLY A 71 6.99 23.69 -10.95
CA GLY A 71 5.67 24.27 -10.79
C GLY A 71 4.58 23.23 -10.75
N GLY A 1 -20.78 4.00 -10.43
CA GLY A 1 -20.04 2.80 -10.09
C GLY A 1 -18.58 3.08 -9.83
N SER A 2 -17.70 2.29 -10.44
CA SER A 2 -16.26 2.45 -10.26
C SER A 2 -15.54 2.44 -11.60
N SER A 3 -15.19 3.62 -12.09
CA SER A 3 -14.50 3.75 -13.37
C SER A 3 -13.37 4.78 -13.27
N GLY A 4 -12.16 4.36 -13.62
CA GLY A 4 -11.01 5.24 -13.57
C GLY A 4 -9.69 4.51 -13.68
N SER A 5 -8.89 4.60 -12.63
CA SER A 5 -7.58 3.94 -12.61
C SER A 5 -7.37 3.21 -11.29
N SER A 6 -6.88 1.98 -11.37
CA SER A 6 -6.63 1.17 -10.18
C SER A 6 -5.66 1.88 -9.24
N GLY A 7 -6.19 2.40 -8.14
CA GLY A 7 -5.35 3.10 -7.17
C GLY A 7 -4.68 4.32 -7.76
N GLU A 8 -4.62 5.40 -6.99
CA GLU A 8 -4.00 6.63 -7.45
C GLU A 8 -2.59 6.78 -6.86
N GLU A 9 -2.44 6.39 -5.61
CA GLU A 9 -1.14 6.48 -4.94
C GLU A 9 -0.56 5.10 -4.68
N LYS A 10 0.51 4.77 -5.39
CA LYS A 10 1.16 3.47 -5.23
C LYS A 10 2.40 3.58 -4.37
N TYR A 11 2.46 2.78 -3.31
CA TYR A 11 3.59 2.79 -2.40
C TYR A 11 4.39 1.49 -2.50
N VAL A 12 5.48 1.41 -1.75
CA VAL A 12 6.33 0.23 -1.75
C VAL A 12 6.61 -0.25 -0.33
N THR A 13 6.70 -1.56 -0.17
CA THR A 13 6.97 -2.16 1.15
C THR A 13 8.46 -2.37 1.35
N VAL A 14 8.97 -1.88 2.49
CA VAL A 14 10.38 -2.01 2.82
C VAL A 14 10.61 -3.15 3.81
N GLN A 15 9.52 -3.68 4.35
CA GLN A 15 9.60 -4.78 5.32
C GLN A 15 8.36 -5.66 5.24
N PRO A 16 8.57 -6.98 5.44
CA PRO A 16 7.47 -7.95 5.40
C PRO A 16 6.53 -7.82 6.60
N TYR A 17 5.23 -7.94 6.34
CA TYR A 17 4.24 -7.83 7.40
C TYR A 17 3.36 -9.07 7.44
N THR A 18 3.14 -9.60 8.65
CA THR A 18 2.33 -10.79 8.85
C THR A 18 0.95 -10.42 9.36
N SER A 19 -0.09 -10.78 8.61
CA SER A 19 -1.46 -10.48 8.99
C SER A 19 -1.98 -11.53 9.98
N GLN A 20 -2.39 -11.07 11.15
CA GLN A 20 -2.92 -11.96 12.19
C GLN A 20 -4.39 -12.25 11.96
N SER A 21 -5.10 -11.29 11.37
CA SER A 21 -6.52 -11.44 11.09
C SER A 21 -6.86 -11.01 9.67
N LYS A 22 -7.96 -11.52 9.15
CA LYS A 22 -8.40 -11.19 7.80
C LYS A 22 -8.40 -9.68 7.59
N ASP A 23 -8.89 -8.95 8.58
CA ASP A 23 -8.95 -7.49 8.50
C ASP A 23 -7.64 -6.92 7.97
N GLU A 24 -6.53 -7.55 8.36
CA GLU A 24 -5.21 -7.10 7.93
C GLU A 24 -4.70 -7.95 6.76
N ILE A 25 -3.76 -7.41 6.00
CA ILE A 25 -3.19 -8.12 4.86
C ILE A 25 -1.68 -8.27 5.01
N GLY A 26 -1.20 -9.50 4.84
CA GLY A 26 0.22 -9.76 4.96
C GLY A 26 0.93 -9.69 3.62
N PHE A 27 1.97 -8.86 3.55
CA PHE A 27 2.73 -8.70 2.32
C PHE A 27 4.22 -8.93 2.57
N GLU A 28 4.99 -9.06 1.49
CA GLU A 28 6.42 -9.29 1.59
C GLU A 28 7.20 -8.02 1.28
N LYS A 29 8.51 -8.06 1.48
CA LYS A 29 9.37 -6.91 1.22
C LYS A 29 9.87 -6.92 -0.22
N GLY A 30 9.52 -5.89 -0.97
CA GLY A 30 9.95 -5.80 -2.36
C GLY A 30 8.79 -5.96 -3.33
N VAL A 31 7.62 -5.47 -2.94
CA VAL A 31 6.44 -5.56 -3.78
C VAL A 31 5.73 -4.21 -3.90
N THR A 32 4.75 -4.13 -4.79
CA THR A 32 3.99 -2.90 -4.99
C THR A 32 2.60 -3.00 -4.40
N VAL A 33 2.15 -1.91 -3.78
CA VAL A 33 0.83 -1.88 -3.17
C VAL A 33 0.06 -0.62 -3.57
N GLU A 34 -1.26 -0.73 -3.63
CA GLU A 34 -2.11 0.39 -4.01
C GLU A 34 -2.86 0.93 -2.81
N VAL A 35 -2.54 2.15 -2.41
CA VAL A 35 -3.19 2.78 -1.27
C VAL A 35 -4.57 3.31 -1.64
N ILE A 36 -5.61 2.76 -1.03
CA ILE A 36 -6.98 3.18 -1.31
C ILE A 36 -7.39 4.32 -0.39
N ARG A 37 -7.24 4.10 0.92
CA ARG A 37 -7.61 5.12 1.91
C ARG A 37 -6.52 5.25 2.97
N LYS A 38 -5.75 6.33 2.89
CA LYS A 38 -4.69 6.58 3.85
C LYS A 38 -5.17 7.46 4.99
N ASN A 39 -4.87 7.04 6.21
CA ASN A 39 -5.27 7.79 7.40
C ASN A 39 -4.11 8.62 7.95
N LEU A 40 -4.34 9.27 9.09
CA LEU A 40 -3.32 10.09 9.72
C LEU A 40 -2.20 9.23 10.30
N GLU A 41 -1.23 8.89 9.47
CA GLU A 41 -0.10 8.07 9.91
C GLU A 41 -0.56 7.03 10.94
N GLY A 42 -1.59 6.28 10.59
CA GLY A 42 -2.11 5.26 11.50
C GLY A 42 -2.50 3.99 10.77
N TRP A 43 -3.51 4.09 9.91
CA TRP A 43 -3.98 2.93 9.16
C TRP A 43 -4.22 3.29 7.69
N TRP A 44 -3.37 2.79 6.82
CA TRP A 44 -3.50 3.06 5.39
C TRP A 44 -4.02 1.84 4.64
N TYR A 45 -5.29 1.88 4.26
CA TYR A 45 -5.90 0.76 3.54
C TYR A 45 -5.24 0.56 2.18
N ILE A 46 -4.58 -0.59 2.02
CA ILE A 46 -3.90 -0.91 0.77
C ILE A 46 -4.39 -2.24 0.21
N ARG A 47 -4.14 -2.45 -1.08
CA ARG A 47 -4.56 -3.68 -1.74
C ARG A 47 -3.36 -4.41 -2.33
N TYR A 48 -3.22 -5.69 -2.00
CA TYR A 48 -2.12 -6.50 -2.49
C TYR A 48 -2.60 -7.90 -2.89
N LEU A 49 -2.18 -8.34 -4.07
CA LEU A 49 -2.57 -9.65 -4.57
C LEU A 49 -4.08 -9.74 -4.77
N GLY A 50 -4.67 -8.62 -5.17
CA GLY A 50 -6.11 -8.60 -5.39
C GLY A 50 -6.90 -8.73 -4.10
N LYS A 51 -6.34 -8.23 -3.02
CA LYS A 51 -7.00 -8.31 -1.71
C LYS A 51 -6.83 -7.00 -0.95
N GLU A 52 -7.95 -6.48 -0.42
CA GLU A 52 -7.92 -5.24 0.33
C GLU A 52 -7.91 -5.51 1.83
N GLY A 53 -6.94 -4.92 2.52
CA GLY A 53 -6.82 -5.12 3.96
C GLY A 53 -6.24 -3.91 4.67
N TRP A 54 -6.16 -3.98 5.99
CA TRP A 54 -5.62 -2.88 6.79
C TRP A 54 -4.12 -3.03 6.96
N ALA A 55 -3.38 -1.98 6.59
CA ALA A 55 -1.93 -2.00 6.71
C ALA A 55 -1.42 -0.71 7.36
N PRO A 56 -0.35 -0.83 8.15
CA PRO A 56 0.25 0.31 8.84
C PRO A 56 0.96 1.27 7.88
N ALA A 57 0.93 2.56 8.22
CA ALA A 57 1.57 3.57 7.39
C ALA A 57 3.05 3.69 7.71
N SER A 58 3.62 2.63 8.26
CA SER A 58 5.04 2.61 8.62
C SER A 58 5.81 1.64 7.73
N TYR A 59 5.13 0.61 7.27
CA TYR A 59 5.75 -0.40 6.43
C TYR A 59 5.49 -0.11 4.94
N LEU A 60 5.27 1.16 4.64
CA LEU A 60 5.01 1.58 3.26
C LEU A 60 5.71 2.90 2.95
N LYS A 61 6.24 3.00 1.74
CA LYS A 61 6.94 4.21 1.31
C LYS A 61 6.46 4.65 -0.07
N LYS A 62 6.16 5.94 -0.20
CA LYS A 62 5.70 6.49 -1.47
C LYS A 62 6.66 6.14 -2.60
N ALA A 63 6.13 5.49 -3.64
CA ALA A 63 6.94 5.09 -4.79
C ALA A 63 7.33 6.31 -5.63
N LYS A 64 6.42 7.27 -5.73
CA LYS A 64 6.66 8.47 -6.50
C LYS A 64 6.75 9.70 -5.59
N ASP A 65 7.94 9.98 -5.09
CA ASP A 65 8.15 11.12 -4.21
C ASP A 65 7.60 12.39 -4.83
N SER A 66 6.43 12.82 -4.36
CA SER A 66 5.79 14.02 -4.88
C SER A 66 6.82 15.12 -5.12
N GLY A 67 7.70 15.33 -4.14
CA GLY A 67 8.71 16.35 -4.26
C GLY A 67 9.64 16.10 -5.44
N PRO A 68 10.73 16.90 -5.52
CA PRO A 68 11.71 16.79 -6.61
C PRO A 68 12.53 15.51 -6.51
N SER A 69 12.69 14.82 -7.63
CA SER A 69 13.45 13.58 -7.68
C SER A 69 14.82 13.76 -7.00
N SER A 70 15.56 12.66 -6.90
CA SER A 70 16.88 12.70 -6.28
C SER A 70 17.92 12.00 -7.16
N GLY A 71 18.95 12.75 -7.55
CA GLY A 71 19.98 12.21 -8.40
C GLY A 71 20.43 13.18 -9.48
N GLY A 1 -3.19 12.93 -10.16
CA GLY A 1 -3.52 12.06 -11.27
C GLY A 1 -4.90 12.35 -11.84
N SER A 2 -5.02 12.26 -13.15
CA SER A 2 -6.29 12.52 -13.82
C SER A 2 -7.28 11.39 -13.57
N SER A 3 -6.82 10.15 -13.77
CA SER A 3 -7.67 8.99 -13.56
C SER A 3 -8.06 8.84 -12.09
N GLY A 4 -7.05 8.71 -11.24
CA GLY A 4 -7.31 8.57 -9.81
C GLY A 4 -8.23 7.40 -9.50
N SER A 5 -7.77 6.19 -9.80
CA SER A 5 -8.56 4.99 -9.56
C SER A 5 -7.68 3.75 -9.58
N SER A 6 -8.17 2.68 -8.98
CA SER A 6 -7.43 1.42 -8.92
C SER A 6 -6.05 1.63 -8.33
N GLY A 7 -5.98 2.40 -7.24
CA GLY A 7 -4.71 2.67 -6.59
C GLY A 7 -4.34 4.14 -6.66
N GLU A 8 -5.01 4.96 -5.87
CA GLU A 8 -4.75 6.39 -5.84
C GLU A 8 -3.24 6.66 -5.91
N GLU A 9 -2.48 5.94 -5.10
CA GLU A 9 -1.03 6.10 -5.06
C GLU A 9 -0.34 4.77 -4.76
N LYS A 10 0.50 4.33 -5.69
CA LYS A 10 1.23 3.07 -5.53
C LYS A 10 2.41 3.25 -4.59
N TYR A 11 2.34 2.62 -3.41
CA TYR A 11 3.39 2.72 -2.43
C TYR A 11 4.27 1.47 -2.45
N VAL A 12 5.31 1.45 -1.62
CA VAL A 12 6.23 0.32 -1.55
C VAL A 12 6.44 -0.12 -0.10
N THR A 13 6.54 -1.43 0.09
CA THR A 13 6.75 -1.98 1.43
C THR A 13 8.23 -2.19 1.72
N VAL A 14 8.72 -1.55 2.77
CA VAL A 14 10.12 -1.66 3.15
C VAL A 14 10.33 -2.85 4.08
N GLN A 15 9.24 -3.41 4.59
CA GLN A 15 9.32 -4.55 5.50
C GLN A 15 8.09 -5.44 5.34
N PRO A 16 8.31 -6.76 5.49
CA PRO A 16 7.24 -7.75 5.35
C PRO A 16 6.24 -7.69 6.51
N TYR A 17 5.00 -8.07 6.23
CA TYR A 17 3.95 -8.05 7.25
C TYR A 17 3.25 -9.40 7.33
N THR A 18 2.78 -9.75 8.53
CA THR A 18 2.08 -11.01 8.75
C THR A 18 0.65 -10.78 9.19
N SER A 19 -0.29 -10.99 8.28
CA SER A 19 -1.71 -10.81 8.58
C SER A 19 -2.36 -12.13 8.98
N GLN A 20 -3.22 -12.09 9.99
CA GLN A 20 -3.90 -13.29 10.46
C GLN A 20 -5.42 -13.07 10.47
N SER A 21 -5.89 -12.16 9.62
CA SER A 21 -7.31 -11.85 9.54
C SER A 21 -7.64 -11.10 8.25
N LYS A 22 -8.77 -11.44 7.64
CA LYS A 22 -9.19 -10.80 6.40
C LYS A 22 -9.00 -9.30 6.47
N ASP A 23 -9.48 -8.68 7.56
CA ASP A 23 -9.36 -7.25 7.75
C ASP A 23 -7.94 -6.78 7.46
N GLU A 24 -6.96 -7.59 7.86
CA GLU A 24 -5.56 -7.26 7.65
C GLU A 24 -5.00 -8.02 6.45
N ILE A 25 -3.90 -7.50 5.88
CA ILE A 25 -3.27 -8.12 4.74
C ILE A 25 -1.76 -8.24 4.93
N GLY A 26 -1.21 -9.40 4.62
CA GLY A 26 0.21 -9.61 4.76
C GLY A 26 0.95 -9.58 3.43
N PHE A 27 2.01 -8.80 3.37
CA PHE A 27 2.80 -8.67 2.15
C PHE A 27 4.29 -8.84 2.44
N GLU A 28 5.08 -8.93 1.38
CA GLU A 28 6.52 -9.10 1.53
C GLU A 28 7.25 -7.76 1.34
N LYS A 29 8.57 -7.79 1.47
CA LYS A 29 9.38 -6.58 1.31
C LYS A 29 9.90 -6.46 -0.11
N GLY A 30 9.61 -5.33 -0.74
CA GLY A 30 10.06 -5.11 -2.11
C GLY A 30 8.95 -5.29 -3.12
N VAL A 31 7.75 -4.82 -2.77
CA VAL A 31 6.60 -4.94 -3.66
C VAL A 31 5.84 -3.62 -3.74
N THR A 32 4.89 -3.55 -4.65
CA THR A 32 4.09 -2.34 -4.83
C THR A 32 2.68 -2.54 -4.29
N VAL A 33 2.20 -1.55 -3.54
CA VAL A 33 0.85 -1.61 -2.95
C VAL A 33 0.01 -0.43 -3.41
N GLU A 34 -1.29 -0.66 -3.53
CA GLU A 34 -2.21 0.39 -3.96
C GLU A 34 -2.94 1.00 -2.77
N VAL A 35 -2.59 2.25 -2.45
CA VAL A 35 -3.20 2.94 -1.32
C VAL A 35 -4.61 3.40 -1.67
N ILE A 36 -5.60 2.73 -1.10
CA ILE A 36 -7.00 3.06 -1.35
C ILE A 36 -7.44 4.23 -0.48
N ARG A 37 -7.43 4.03 0.83
CA ARG A 37 -7.84 5.07 1.77
C ARG A 37 -6.69 5.43 2.70
N LYS A 38 -6.85 6.51 3.46
CA LYS A 38 -5.83 6.96 4.40
C LYS A 38 -6.47 7.50 5.68
N ASN A 39 -5.85 7.16 6.81
CA ASN A 39 -6.36 7.61 8.10
C ASN A 39 -5.30 8.43 8.85
N LEU A 40 -5.65 8.89 10.04
CA LEU A 40 -4.73 9.68 10.85
C LEU A 40 -4.04 8.82 11.90
N GLU A 41 -4.84 8.18 12.75
CA GLU A 41 -4.29 7.32 13.80
C GLU A 41 -3.04 6.61 13.31
N GLY A 42 -3.17 5.87 12.22
CA GLY A 42 -2.03 5.14 11.67
C GLY A 42 -2.45 3.91 10.90
N TRP A 43 -3.43 4.07 10.02
CA TRP A 43 -3.93 2.96 9.21
C TRP A 43 -4.11 3.39 7.75
N TRP A 44 -3.50 2.66 6.84
CA TRP A 44 -3.60 2.97 5.42
C TRP A 44 -4.12 1.76 4.64
N TYR A 45 -5.37 1.82 4.21
CA TYR A 45 -5.99 0.75 3.46
C TYR A 45 -5.31 0.56 2.11
N ILE A 46 -4.70 -0.61 1.90
CA ILE A 46 -4.01 -0.91 0.66
C ILE A 46 -4.53 -2.21 0.05
N ARG A 47 -4.23 -2.41 -1.23
CA ARG A 47 -4.66 -3.61 -1.94
C ARG A 47 -3.47 -4.37 -2.51
N TYR A 48 -3.28 -5.61 -2.06
CA TYR A 48 -2.18 -6.43 -2.53
C TYR A 48 -2.66 -7.84 -2.88
N LEU A 49 -2.26 -8.32 -4.05
CA LEU A 49 -2.64 -9.65 -4.51
C LEU A 49 -4.15 -9.75 -4.68
N GLY A 50 -4.77 -8.67 -5.12
CA GLY A 50 -6.21 -8.65 -5.32
C GLY A 50 -6.97 -8.76 -4.02
N LYS A 51 -6.38 -8.24 -2.95
CA LYS A 51 -7.01 -8.27 -1.63
C LYS A 51 -6.82 -6.95 -0.90
N GLU A 52 -7.92 -6.40 -0.39
CA GLU A 52 -7.87 -5.13 0.34
C GLU A 52 -7.88 -5.36 1.85
N GLY A 53 -6.83 -4.92 2.52
CA GLY A 53 -6.73 -5.08 3.95
C GLY A 53 -6.15 -3.86 4.64
N TRP A 54 -5.99 -3.96 5.96
CA TRP A 54 -5.43 -2.86 6.74
C TRP A 54 -3.94 -3.06 6.97
N ALA A 55 -3.16 -2.01 6.71
CA ALA A 55 -1.71 -2.07 6.90
C ALA A 55 -1.18 -0.77 7.47
N PRO A 56 -0.16 -0.86 8.34
CA PRO A 56 0.46 0.29 8.99
C PRO A 56 1.26 1.14 8.00
N ALA A 57 0.99 2.45 8.01
CA ALA A 57 1.68 3.37 7.12
C ALA A 57 3.19 3.26 7.28
N SER A 58 3.62 2.71 8.41
CA SER A 58 5.04 2.55 8.71
C SER A 58 5.69 1.55 7.74
N TYR A 59 4.93 0.51 7.39
CA TYR A 59 5.42 -0.51 6.48
C TYR A 59 5.14 -0.15 5.03
N LEU A 60 4.96 1.15 4.78
CA LEU A 60 4.68 1.64 3.43
C LEU A 60 5.40 2.97 3.18
N LYS A 61 5.98 3.10 1.99
CA LYS A 61 6.70 4.31 1.63
C LYS A 61 6.27 4.79 0.24
N LYS A 62 5.94 6.08 0.14
CA LYS A 62 5.52 6.67 -1.13
C LYS A 62 6.55 6.40 -2.22
N ALA A 63 6.18 5.61 -3.21
CA ALA A 63 7.09 5.28 -4.31
C ALA A 63 7.28 6.49 -5.22
N LYS A 64 8.45 6.55 -5.86
CA LYS A 64 8.77 7.65 -6.76
C LYS A 64 9.18 7.13 -8.13
N ASP A 65 9.56 8.05 -9.02
CA ASP A 65 9.97 7.68 -10.36
C ASP A 65 11.34 8.27 -10.70
N SER A 66 12.07 7.60 -11.58
CA SER A 66 13.40 8.06 -11.98
C SER A 66 13.38 9.55 -12.30
N GLY A 67 13.98 10.35 -11.41
CA GLY A 67 14.03 11.79 -11.61
C GLY A 67 14.64 12.52 -10.44
N PRO A 68 15.35 13.62 -10.72
CA PRO A 68 16.00 14.43 -9.69
C PRO A 68 15.00 15.19 -8.83
N SER A 69 15.50 15.87 -7.81
CA SER A 69 14.65 16.63 -6.90
C SER A 69 14.69 18.11 -7.24
N SER A 70 15.90 18.67 -7.29
CA SER A 70 16.08 20.09 -7.60
C SER A 70 16.95 20.26 -8.84
N GLY A 71 16.48 21.10 -9.77
CA GLY A 71 17.24 21.35 -10.98
C GLY A 71 18.61 21.91 -10.72
N GLY A 1 -3.76 0.87 -24.92
CA GLY A 1 -4.59 -0.32 -24.95
C GLY A 1 -5.52 -0.41 -23.76
N SER A 2 -5.00 -0.88 -22.63
CA SER A 2 -5.79 -1.02 -21.42
C SER A 2 -5.46 0.09 -20.43
N SER A 3 -6.49 0.77 -19.94
CA SER A 3 -6.32 1.86 -18.99
C SER A 3 -5.98 1.31 -17.60
N GLY A 4 -5.28 2.13 -16.82
CA GLY A 4 -4.91 1.71 -15.47
C GLY A 4 -5.43 2.65 -14.41
N SER A 5 -6.76 2.78 -14.34
CA SER A 5 -7.39 3.65 -13.36
C SER A 5 -7.67 2.91 -12.06
N SER A 6 -6.68 2.86 -11.17
CA SER A 6 -6.82 2.17 -9.90
C SER A 6 -5.63 2.47 -8.99
N GLY A 7 -5.93 2.76 -7.73
CA GLY A 7 -4.87 3.05 -6.77
C GLY A 7 -4.48 4.52 -6.79
N GLU A 8 -5.07 5.30 -5.89
CA GLU A 8 -4.78 6.73 -5.81
C GLU A 8 -3.26 6.97 -5.83
N GLU A 9 -2.54 6.21 -5.01
CA GLU A 9 -1.09 6.35 -4.94
C GLU A 9 -0.42 5.00 -4.69
N LYS A 10 0.48 4.62 -5.58
CA LYS A 10 1.18 3.35 -5.45
C LYS A 10 2.42 3.50 -4.56
N TYR A 11 2.41 2.80 -3.43
CA TYR A 11 3.53 2.87 -2.49
C TYR A 11 4.37 1.60 -2.57
N VAL A 12 5.39 1.52 -1.73
CA VAL A 12 6.28 0.37 -1.69
C VAL A 12 6.51 -0.11 -0.27
N THR A 13 6.67 -1.43 -0.11
CA THR A 13 6.90 -2.01 1.21
C THR A 13 8.40 -2.12 1.51
N VAL A 14 8.75 -1.94 2.78
CA VAL A 14 10.15 -2.02 3.20
C VAL A 14 10.36 -3.16 4.18
N GLN A 15 9.27 -3.76 4.63
CA GLN A 15 9.33 -4.86 5.58
C GLN A 15 8.10 -5.75 5.46
N PRO A 16 8.29 -7.07 5.63
CA PRO A 16 7.20 -8.05 5.55
C PRO A 16 6.24 -7.94 6.73
N TYR A 17 4.95 -8.12 6.45
CA TYR A 17 3.93 -8.04 7.50
C TYR A 17 3.03 -9.26 7.47
N THR A 18 2.67 -9.76 8.65
CA THR A 18 1.81 -10.94 8.76
C THR A 18 0.45 -10.55 9.31
N SER A 19 -0.59 -10.80 8.52
CA SER A 19 -1.97 -10.49 8.92
C SER A 19 -2.68 -11.74 9.42
N GLN A 20 -3.21 -11.67 10.63
CA GLN A 20 -3.92 -12.79 11.22
C GLN A 20 -5.41 -12.50 11.32
N SER A 21 -5.91 -11.66 10.42
CA SER A 21 -7.32 -11.30 10.40
C SER A 21 -7.72 -10.76 9.03
N LYS A 22 -8.89 -11.22 8.54
CA LYS A 22 -9.39 -10.79 7.24
C LYS A 22 -9.26 -9.28 7.09
N ASP A 23 -9.53 -8.55 8.16
CA ASP A 23 -9.46 -7.09 8.15
C ASP A 23 -8.04 -6.63 7.76
N GLU A 24 -7.04 -7.37 8.22
CA GLU A 24 -5.66 -7.05 7.92
C GLU A 24 -5.10 -7.94 6.81
N ILE A 25 -4.14 -7.41 6.07
CA ILE A 25 -3.52 -8.16 4.98
C ILE A 25 -2.02 -8.33 5.19
N GLY A 26 -1.50 -9.49 4.85
CA GLY A 26 -0.09 -9.76 5.01
C GLY A 26 0.67 -9.69 3.69
N PHE A 27 1.72 -8.89 3.66
CA PHE A 27 2.53 -8.73 2.45
C PHE A 27 4.00 -8.95 2.75
N GLU A 28 4.82 -8.99 1.70
CA GLU A 28 6.26 -9.18 1.86
C GLU A 28 7.02 -7.87 1.69
N LYS A 29 8.34 -7.94 1.73
CA LYS A 29 9.18 -6.76 1.58
C LYS A 29 9.76 -6.68 0.18
N GLY A 30 9.37 -5.64 -0.57
CA GLY A 30 9.88 -5.47 -1.91
C GLY A 30 8.79 -5.64 -2.96
N VAL A 31 7.55 -5.35 -2.57
CA VAL A 31 6.42 -5.48 -3.49
C VAL A 31 5.72 -4.13 -3.67
N THR A 32 4.75 -4.10 -4.58
CA THR A 32 4.00 -2.89 -4.85
C THR A 32 2.58 -2.98 -4.29
N VAL A 33 2.10 -1.89 -3.71
CA VAL A 33 0.77 -1.85 -3.13
C VAL A 33 0.03 -0.57 -3.53
N GLU A 34 -1.28 -0.67 -3.69
CA GLU A 34 -2.09 0.48 -4.07
C GLU A 34 -2.83 1.05 -2.86
N VAL A 35 -2.43 2.25 -2.45
CA VAL A 35 -3.04 2.91 -1.31
C VAL A 35 -4.46 3.37 -1.63
N ILE A 36 -5.42 2.90 -0.84
CA ILE A 36 -6.83 3.25 -1.05
C ILE A 36 -7.27 4.32 -0.06
N ARG A 37 -7.38 3.94 1.21
CA ARG A 37 -7.80 4.86 2.26
C ARG A 37 -6.59 5.42 3.00
N LYS A 38 -6.80 6.52 3.71
CA LYS A 38 -5.72 7.16 4.46
C LYS A 38 -6.25 7.74 5.77
N ASN A 39 -5.66 7.30 6.89
CA ASN A 39 -6.08 7.77 8.20
C ASN A 39 -4.90 8.39 8.95
N LEU A 40 -5.21 9.27 9.90
CA LEU A 40 -4.18 9.95 10.68
C LEU A 40 -3.64 9.04 11.78
N GLU A 41 -4.55 8.30 12.42
CA GLU A 41 -4.17 7.38 13.49
C GLU A 41 -2.97 6.54 13.09
N GLY A 42 -3.07 5.91 11.92
CA GLY A 42 -1.98 5.08 11.43
C GLY A 42 -2.47 3.85 10.70
N TRP A 43 -3.51 4.02 9.90
CA TRP A 43 -4.08 2.91 9.13
C TRP A 43 -4.26 3.29 7.67
N TRP A 44 -3.52 2.63 6.79
CA TRP A 44 -3.60 2.90 5.36
C TRP A 44 -4.15 1.70 4.61
N TYR A 45 -5.44 1.75 4.27
CA TYR A 45 -6.08 0.66 3.55
C TYR A 45 -5.47 0.48 2.17
N ILE A 46 -4.63 -0.54 2.03
CA ILE A 46 -3.97 -0.82 0.75
C ILE A 46 -4.53 -2.08 0.12
N ARG A 47 -4.17 -2.31 -1.14
CA ARG A 47 -4.64 -3.49 -1.86
C ARG A 47 -3.46 -4.25 -2.49
N TYR A 48 -3.27 -5.49 -2.05
CA TYR A 48 -2.18 -6.31 -2.56
C TYR A 48 -2.71 -7.64 -3.08
N LEU A 49 -2.37 -7.96 -4.32
CA LEU A 49 -2.80 -9.21 -4.94
C LEU A 49 -4.33 -9.27 -5.03
N GLY A 50 -4.95 -8.11 -5.22
CA GLY A 50 -6.40 -8.05 -5.31
C GLY A 50 -7.08 -8.12 -3.95
N LYS A 51 -6.28 -8.32 -2.91
CA LYS A 51 -6.81 -8.41 -1.55
C LYS A 51 -6.67 -7.07 -0.83
N GLU A 52 -7.79 -6.53 -0.36
CA GLU A 52 -7.78 -5.25 0.35
C GLU A 52 -7.83 -5.48 1.86
N GLY A 53 -6.91 -4.83 2.58
CA GLY A 53 -6.87 -4.97 4.02
C GLY A 53 -6.25 -3.76 4.70
N TRP A 54 -6.10 -3.84 6.01
CA TRP A 54 -5.52 -2.75 6.78
C TRP A 54 -4.03 -2.99 7.03
N ALA A 55 -3.22 -1.98 6.77
CA ALA A 55 -1.78 -2.08 6.98
C ALA A 55 -1.21 -0.78 7.54
N PRO A 56 -0.19 -0.89 8.39
CA PRO A 56 0.47 0.26 9.01
C PRO A 56 1.29 1.07 8.01
N ALA A 57 0.96 2.35 7.88
CA ALA A 57 1.66 3.23 6.96
C ALA A 57 3.17 3.16 7.19
N SER A 58 3.57 2.71 8.36
CA SER A 58 4.98 2.60 8.70
C SER A 58 5.69 1.58 7.80
N TYR A 59 4.95 0.57 7.37
CA TYR A 59 5.50 -0.47 6.51
C TYR A 59 5.29 -0.13 5.04
N LEU A 60 5.14 1.17 4.76
CA LEU A 60 4.94 1.63 3.39
C LEU A 60 5.63 2.97 3.16
N LYS A 61 6.14 3.17 1.95
CA LYS A 61 6.82 4.41 1.60
C LYS A 61 6.43 4.86 0.19
N LYS A 62 6.12 6.15 0.06
CA LYS A 62 5.74 6.71 -1.23
C LYS A 62 6.78 6.38 -2.30
N ALA A 63 6.35 5.69 -3.34
CA ALA A 63 7.24 5.30 -4.44
C ALA A 63 7.46 6.48 -5.38
N LYS A 64 8.39 7.36 -5.02
CA LYS A 64 8.70 8.53 -5.85
C LYS A 64 9.65 8.16 -6.98
N ASP A 65 9.58 8.89 -8.08
CA ASP A 65 10.43 8.64 -9.23
C ASP A 65 10.53 9.87 -10.12
N SER A 66 11.38 9.80 -11.14
CA SER A 66 11.55 10.92 -12.07
C SER A 66 11.87 12.21 -11.30
N GLY A 67 12.71 12.09 -10.29
CA GLY A 67 13.07 13.26 -9.49
C GLY A 67 14.58 13.46 -9.40
N PRO A 68 15.16 14.11 -10.43
CA PRO A 68 16.59 14.36 -10.48
C PRO A 68 17.03 15.41 -9.45
N SER A 69 16.07 15.90 -8.67
CA SER A 69 16.36 16.90 -7.65
C SER A 69 15.58 16.60 -6.37
N SER A 70 16.29 16.54 -5.25
CA SER A 70 15.66 16.26 -3.96
C SER A 70 15.83 17.44 -3.02
N GLY A 71 14.73 18.13 -2.74
CA GLY A 71 14.77 19.28 -1.85
C GLY A 71 14.69 18.88 -0.39
N GLY A 1 3.17 -9.20 -16.12
CA GLY A 1 1.81 -8.68 -16.05
C GLY A 1 1.53 -7.68 -17.16
N SER A 2 0.64 -6.73 -16.88
CA SER A 2 0.28 -5.71 -17.85
C SER A 2 -0.05 -4.39 -17.17
N SER A 3 0.30 -3.29 -17.84
CA SER A 3 0.04 -1.96 -17.29
C SER A 3 -1.46 -1.73 -17.07
N GLY A 4 -1.80 -1.27 -15.88
CA GLY A 4 -3.20 -1.02 -15.56
C GLY A 4 -3.42 0.35 -14.95
N SER A 5 -4.45 1.04 -15.41
CA SER A 5 -4.77 2.38 -14.90
C SER A 5 -5.62 2.30 -13.64
N SER A 6 -4.99 1.91 -12.54
CA SER A 6 -5.68 1.78 -11.26
C SER A 6 -4.77 2.13 -10.10
N GLY A 7 -5.35 2.31 -8.92
CA GLY A 7 -4.57 2.65 -7.74
C GLY A 7 -4.16 4.10 -7.73
N GLU A 8 -5.05 4.98 -7.28
CA GLU A 8 -4.76 6.40 -7.22
C GLU A 8 -3.30 6.65 -6.87
N GLU A 9 -2.75 5.80 -6.01
CA GLU A 9 -1.35 5.92 -5.60
C GLU A 9 -0.77 4.57 -5.21
N LYS A 10 0.48 4.33 -5.62
CA LYS A 10 1.14 3.06 -5.31
C LYS A 10 2.35 3.30 -4.41
N TYR A 11 2.41 2.56 -3.31
CA TYR A 11 3.51 2.70 -2.36
C TYR A 11 4.39 1.45 -2.38
N VAL A 12 5.47 1.48 -1.59
CA VAL A 12 6.39 0.35 -1.51
C VAL A 12 6.59 -0.11 -0.07
N THR A 13 6.41 -1.41 0.16
CA THR A 13 6.58 -1.97 1.49
C THR A 13 8.05 -2.21 1.82
N VAL A 14 8.57 -1.46 2.77
CA VAL A 14 9.97 -1.60 3.18
C VAL A 14 10.13 -2.70 4.22
N GLN A 15 9.00 -3.16 4.77
CA GLN A 15 9.03 -4.21 5.78
C GLN A 15 7.82 -5.14 5.63
N PRO A 16 8.04 -6.43 5.91
CA PRO A 16 6.99 -7.45 5.80
C PRO A 16 5.91 -7.28 6.88
N TYR A 17 4.72 -7.81 6.60
CA TYR A 17 3.61 -7.72 7.54
C TYR A 17 2.91 -9.07 7.69
N THR A 18 2.47 -9.36 8.91
CA THR A 18 1.78 -10.63 9.18
C THR A 18 0.30 -10.40 9.40
N SER A 19 -0.51 -10.85 8.44
CA SER A 19 -1.96 -10.69 8.54
C SER A 19 -2.53 -11.58 9.63
N GLN A 20 -2.83 -10.98 10.78
CA GLN A 20 -3.39 -11.73 11.91
C GLN A 20 -4.81 -12.18 11.60
N SER A 21 -5.56 -11.36 10.89
CA SER A 21 -6.94 -11.68 10.53
C SER A 21 -7.25 -11.25 9.11
N LYS A 22 -8.33 -11.77 8.55
CA LYS A 22 -8.75 -11.44 7.20
C LYS A 22 -8.78 -9.93 7.00
N ASP A 23 -9.12 -9.21 8.05
CA ASP A 23 -9.19 -7.75 8.01
C ASP A 23 -7.86 -7.16 7.55
N GLU A 24 -6.77 -7.76 8.00
CA GLU A 24 -5.43 -7.29 7.64
C GLU A 24 -4.85 -8.15 6.52
N ILE A 25 -3.92 -7.57 5.77
CA ILE A 25 -3.27 -8.27 4.66
C ILE A 25 -1.76 -8.39 4.90
N GLY A 26 -1.21 -9.56 4.56
CA GLY A 26 0.21 -9.78 4.73
C GLY A 26 0.97 -9.68 3.43
N PHE A 27 1.98 -8.81 3.40
CA PHE A 27 2.80 -8.62 2.20
C PHE A 27 4.28 -8.69 2.54
N GLU A 28 5.09 -9.02 1.54
CA GLU A 28 6.53 -9.12 1.73
C GLU A 28 7.20 -7.75 1.57
N LYS A 29 8.47 -7.68 1.95
CA LYS A 29 9.22 -6.44 1.85
C LYS A 29 9.91 -6.32 0.49
N GLY A 30 9.47 -5.33 -0.29
CA GLY A 30 10.04 -5.13 -1.61
C GLY A 30 9.01 -5.22 -2.71
N VAL A 31 7.74 -5.02 -2.36
CA VAL A 31 6.66 -5.08 -3.33
C VAL A 31 5.89 -3.77 -3.38
N THR A 32 5.08 -3.60 -4.42
CA THR A 32 4.30 -2.39 -4.60
C THR A 32 2.83 -2.63 -4.26
N VAL A 33 2.24 -1.71 -3.50
CA VAL A 33 0.85 -1.82 -3.10
C VAL A 33 0.04 -0.62 -3.58
N GLU A 34 -1.27 -0.69 -3.40
CA GLU A 34 -2.15 0.40 -3.81
C GLU A 34 -2.86 1.01 -2.61
N VAL A 35 -2.48 2.23 -2.25
CA VAL A 35 -3.07 2.93 -1.12
C VAL A 35 -4.43 3.52 -1.50
N ILE A 36 -5.49 2.90 -0.99
CA ILE A 36 -6.84 3.36 -1.27
C ILE A 36 -7.21 4.55 -0.38
N ARG A 37 -7.15 4.33 0.93
CA ARG A 37 -7.48 5.38 1.89
C ARG A 37 -6.32 5.61 2.86
N LYS A 38 -6.47 6.62 3.71
CA LYS A 38 -5.43 6.94 4.69
C LYS A 38 -6.06 7.36 6.02
N ASN A 39 -5.45 6.91 7.11
CA ASN A 39 -5.95 7.24 8.44
C ASN A 39 -4.85 7.88 9.29
N LEU A 40 -5.07 9.13 9.70
CA LEU A 40 -4.10 9.85 10.52
C LEU A 40 -3.56 8.96 11.64
N GLU A 41 -4.47 8.41 12.44
CA GLU A 41 -4.08 7.54 13.55
C GLU A 41 -2.89 6.68 13.16
N GLY A 42 -3.05 5.90 12.09
CA GLY A 42 -1.97 5.03 11.64
C GLY A 42 -2.48 3.81 10.93
N TRP A 43 -3.45 3.99 10.04
CA TRP A 43 -4.03 2.89 9.28
C TRP A 43 -4.28 3.29 7.84
N TRP A 44 -3.48 2.75 6.92
CA TRP A 44 -3.62 3.05 5.50
C TRP A 44 -4.11 1.84 4.73
N TYR A 45 -5.39 1.86 4.36
CA TYR A 45 -6.00 0.77 3.62
C TYR A 45 -5.33 0.61 2.25
N ILE A 46 -4.69 -0.54 2.04
CA ILE A 46 -4.02 -0.82 0.78
C ILE A 46 -4.54 -2.10 0.15
N ARG A 47 -4.20 -2.33 -1.11
CA ARG A 47 -4.63 -3.53 -1.82
C ARG A 47 -3.44 -4.26 -2.43
N TYR A 48 -3.30 -5.54 -2.11
CA TYR A 48 -2.20 -6.34 -2.62
C TYR A 48 -2.69 -7.71 -3.06
N LEU A 49 -2.33 -8.10 -4.28
CA LEU A 49 -2.74 -9.39 -4.83
C LEU A 49 -4.25 -9.49 -4.94
N GLY A 50 -4.88 -8.37 -5.33
CA GLY A 50 -6.33 -8.36 -5.47
C GLY A 50 -7.05 -8.54 -4.14
N LYS A 51 -6.48 -7.98 -3.09
CA LYS A 51 -7.07 -8.09 -1.76
C LYS A 51 -6.86 -6.80 -0.96
N GLU A 52 -7.96 -6.25 -0.45
CA GLU A 52 -7.90 -5.02 0.32
C GLU A 52 -7.87 -5.31 1.83
N GLY A 53 -6.82 -4.84 2.50
CA GLY A 53 -6.70 -5.06 3.93
C GLY A 53 -6.03 -3.91 4.64
N TRP A 54 -6.09 -3.93 5.97
CA TRP A 54 -5.49 -2.86 6.77
C TRP A 54 -3.99 -3.10 6.93
N ALA A 55 -3.21 -2.05 6.65
CA ALA A 55 -1.76 -2.14 6.76
C ALA A 55 -1.18 -0.87 7.40
N PRO A 56 -0.13 -1.04 8.21
CA PRO A 56 0.54 0.08 8.89
C PRO A 56 1.30 0.97 7.91
N ALA A 57 0.96 2.25 7.90
CA ALA A 57 1.62 3.21 7.02
C ALA A 57 3.14 3.15 7.18
N SER A 58 3.59 2.75 8.36
CA SER A 58 5.01 2.65 8.64
C SER A 58 5.69 1.66 7.69
N TYR A 59 4.92 0.68 7.24
CA TYR A 59 5.44 -0.34 6.33
C TYR A 59 5.13 0.01 4.89
N LEU A 60 5.03 1.31 4.61
CA LEU A 60 4.74 1.79 3.25
C LEU A 60 5.39 3.14 3.00
N LYS A 61 5.94 3.31 1.81
CA LYS A 61 6.60 4.57 1.43
C LYS A 61 6.17 5.00 0.03
N LYS A 62 5.85 6.28 -0.10
CA LYS A 62 5.43 6.83 -1.39
C LYS A 62 6.40 6.44 -2.49
N ALA A 63 5.95 5.61 -3.42
CA ALA A 63 6.78 5.17 -4.52
C ALA A 63 7.29 6.34 -5.35
N LYS A 64 8.10 6.06 -6.35
CA LYS A 64 8.66 7.10 -7.20
C LYS A 64 7.85 7.22 -8.50
N ASP A 65 7.63 8.45 -8.94
CA ASP A 65 6.88 8.70 -10.17
C ASP A 65 7.64 9.65 -11.08
N SER A 66 7.51 9.45 -12.38
CA SER A 66 8.18 10.29 -13.37
C SER A 66 7.72 11.74 -13.25
N GLY A 67 6.41 11.96 -13.38
CA GLY A 67 5.86 13.29 -13.29
C GLY A 67 5.39 13.82 -14.63
N PRO A 68 4.20 13.36 -15.06
CA PRO A 68 3.62 13.78 -16.34
C PRO A 68 3.17 15.25 -16.33
N SER A 69 3.37 15.90 -15.19
CA SER A 69 2.98 17.30 -15.05
C SER A 69 3.55 18.15 -16.18
N SER A 70 4.83 17.93 -16.47
CA SER A 70 5.51 18.67 -17.54
C SER A 70 5.98 17.74 -18.64
N GLY A 71 5.11 17.53 -19.64
CA GLY A 71 5.45 16.66 -20.75
C GLY A 71 6.48 17.27 -21.67
N GLY A 1 -4.88 -7.97 -17.45
CA GLY A 1 -5.33 -7.40 -16.18
C GLY A 1 -6.83 -7.49 -16.02
N SER A 2 -7.32 -7.09 -14.85
CA SER A 2 -8.75 -7.14 -14.56
C SER A 2 -9.32 -5.73 -14.39
N SER A 3 -10.34 -5.41 -15.17
CA SER A 3 -10.97 -4.09 -15.11
C SER A 3 -11.28 -3.71 -13.67
N GLY A 4 -10.50 -2.77 -13.12
CA GLY A 4 -10.71 -2.33 -11.76
C GLY A 4 -10.90 -0.83 -11.65
N SER A 5 -11.87 -0.41 -10.84
CA SER A 5 -12.16 1.00 -10.67
C SER A 5 -11.61 1.51 -9.34
N SER A 6 -10.39 1.07 -9.00
CA SER A 6 -9.76 1.47 -7.74
C SER A 6 -8.29 1.79 -7.97
N GLY A 7 -7.63 2.25 -6.90
CA GLY A 7 -6.22 2.59 -7.00
C GLY A 7 -6.00 4.06 -7.27
N GLU A 8 -5.17 4.69 -6.45
CA GLU A 8 -4.87 6.12 -6.61
C GLU A 8 -3.37 6.37 -6.59
N GLU A 9 -2.72 5.93 -5.52
CA GLU A 9 -1.28 6.10 -5.37
C GLU A 9 -0.59 4.76 -5.14
N LYS A 10 0.44 4.49 -5.94
CA LYS A 10 1.19 3.24 -5.82
C LYS A 10 2.36 3.40 -4.85
N TYR A 11 2.25 2.73 -3.71
CA TYR A 11 3.29 2.79 -2.68
C TYR A 11 4.17 1.54 -2.72
N VAL A 12 5.12 1.47 -1.80
CA VAL A 12 6.03 0.32 -1.73
C VAL A 12 6.29 -0.07 -0.28
N THR A 13 6.42 -1.37 -0.03
CA THR A 13 6.67 -1.88 1.30
C THR A 13 8.17 -2.00 1.57
N VAL A 14 8.61 -1.49 2.72
CA VAL A 14 10.02 -1.55 3.09
C VAL A 14 10.27 -2.68 4.09
N GLN A 15 9.19 -3.25 4.61
CA GLN A 15 9.30 -4.33 5.59
C GLN A 15 8.13 -5.29 5.47
N PRO A 16 8.39 -6.59 5.68
CA PRO A 16 7.37 -7.64 5.61
C PRO A 16 6.37 -7.56 6.76
N TYR A 17 5.10 -7.83 6.45
CA TYR A 17 4.05 -7.78 7.45
C TYR A 17 3.38 -9.14 7.60
N THR A 18 2.87 -9.42 8.80
CA THR A 18 2.20 -10.68 9.07
C THR A 18 0.76 -10.46 9.52
N SER A 19 -0.16 -10.56 8.57
CA SER A 19 -1.58 -10.36 8.85
C SER A 19 -2.12 -11.49 9.73
N GLN A 20 -2.95 -11.14 10.69
CA GLN A 20 -3.53 -12.12 11.60
C GLN A 20 -4.95 -12.48 11.18
N SER A 21 -5.71 -11.47 10.77
CA SER A 21 -7.09 -11.67 10.34
C SER A 21 -7.34 -11.02 8.98
N LYS A 22 -8.50 -11.31 8.40
CA LYS A 22 -8.87 -10.75 7.10
C LYS A 22 -8.77 -9.23 7.13
N ASP A 23 -9.25 -8.62 8.20
CA ASP A 23 -9.22 -7.17 8.34
C ASP A 23 -7.87 -6.61 7.89
N GLU A 24 -6.79 -7.25 8.32
CA GLU A 24 -5.45 -6.82 7.96
C GLU A 24 -4.90 -7.65 6.81
N ILE A 25 -3.91 -7.10 6.10
CA ILE A 25 -3.30 -7.79 4.97
C ILE A 25 -1.81 -7.95 5.17
N GLY A 26 -1.28 -9.12 4.82
CA GLY A 26 0.14 -9.37 4.97
C GLY A 26 0.86 -9.38 3.65
N PHE A 27 1.90 -8.54 3.53
CA PHE A 27 2.68 -8.47 2.30
C PHE A 27 4.16 -8.67 2.58
N GLU A 28 4.95 -8.78 1.52
CA GLU A 28 6.40 -8.98 1.65
C GLU A 28 7.15 -7.67 1.41
N LYS A 29 8.46 -7.71 1.64
CA LYS A 29 9.30 -6.53 1.46
C LYS A 29 9.85 -6.49 0.04
N GLY A 30 9.63 -5.36 -0.64
CA GLY A 30 10.11 -5.21 -2.00
C GLY A 30 9.03 -5.41 -3.03
N VAL A 31 7.80 -5.08 -2.66
CA VAL A 31 6.66 -5.22 -3.56
C VAL A 31 5.90 -3.90 -3.72
N THR A 32 5.00 -3.85 -4.69
CA THR A 32 4.21 -2.65 -4.94
C THR A 32 2.82 -2.78 -4.33
N VAL A 33 2.31 -1.67 -3.80
CA VAL A 33 0.98 -1.65 -3.19
C VAL A 33 0.20 -0.43 -3.61
N GLU A 34 -1.12 -0.51 -3.51
CA GLU A 34 -1.99 0.60 -3.89
C GLU A 34 -2.76 1.13 -2.67
N VAL A 35 -2.48 2.36 -2.29
CA VAL A 35 -3.14 2.99 -1.15
C VAL A 35 -4.54 3.46 -1.51
N ILE A 36 -5.55 2.71 -1.09
CA ILE A 36 -6.93 3.04 -1.37
C ILE A 36 -7.41 4.20 -0.49
N ARG A 37 -7.45 3.96 0.81
CA ARG A 37 -7.87 4.98 1.77
C ARG A 37 -6.91 5.07 2.94
N LYS A 38 -6.19 6.19 3.02
CA LYS A 38 -5.24 6.41 4.11
C LYS A 38 -5.77 7.42 5.12
N ASN A 39 -5.39 7.24 6.38
CA ASN A 39 -5.83 8.14 7.45
C ASN A 39 -4.63 8.71 8.19
N LEU A 40 -4.92 9.50 9.23
CA LEU A 40 -3.86 10.10 10.04
C LEU A 40 -3.60 9.30 11.31
N GLU A 41 -4.69 8.86 11.94
CA GLU A 41 -4.58 8.07 13.17
C GLU A 41 -3.40 7.10 13.09
N GLY A 42 -3.41 6.23 12.09
CA GLY A 42 -2.34 5.27 11.93
C GLY A 42 -2.80 4.01 11.20
N TRP A 43 -3.65 4.19 10.19
CA TRP A 43 -4.15 3.07 9.42
C TRP A 43 -4.30 3.44 7.95
N TRP A 44 -3.54 2.77 7.09
CA TRP A 44 -3.59 3.04 5.66
C TRP A 44 -4.09 1.82 4.89
N TYR A 45 -5.27 1.92 4.31
CA TYR A 45 -5.86 0.82 3.55
C TYR A 45 -5.19 0.68 2.20
N ILE A 46 -4.65 -0.51 1.93
CA ILE A 46 -3.97 -0.77 0.66
C ILE A 46 -4.45 -2.09 0.06
N ARG A 47 -4.08 -2.33 -1.20
CA ARG A 47 -4.46 -3.55 -1.89
C ARG A 47 -3.23 -4.29 -2.41
N TYR A 48 -3.01 -5.49 -1.89
CA TYR A 48 -1.86 -6.29 -2.29
C TYR A 48 -2.30 -7.72 -2.63
N LEU A 49 -1.88 -8.18 -3.81
CA LEU A 49 -2.23 -9.53 -4.26
C LEU A 49 -3.74 -9.69 -4.41
N GLY A 50 -4.39 -8.66 -4.95
CA GLY A 50 -5.82 -8.70 -5.14
C GLY A 50 -6.57 -8.87 -3.83
N LYS A 51 -6.07 -8.25 -2.77
CA LYS A 51 -6.69 -8.33 -1.46
C LYS A 51 -6.61 -6.99 -0.73
N GLU A 52 -7.76 -6.46 -0.34
CA GLU A 52 -7.82 -5.20 0.37
C GLU A 52 -7.87 -5.41 1.87
N GLY A 53 -6.93 -4.79 2.59
CA GLY A 53 -6.88 -4.92 4.04
C GLY A 53 -6.31 -3.70 4.71
N TRP A 54 -6.15 -3.77 6.03
CA TRP A 54 -5.61 -2.66 6.80
C TRP A 54 -4.14 -2.90 7.13
N ALA A 55 -3.28 -2.05 6.59
CA ALA A 55 -1.85 -2.16 6.82
C ALA A 55 -1.28 -0.88 7.42
N PRO A 56 -0.32 -1.02 8.34
CA PRO A 56 0.31 0.11 9.02
C PRO A 56 1.21 0.91 8.08
N ALA A 57 0.89 2.20 7.92
CA ALA A 57 1.68 3.07 7.04
C ALA A 57 3.18 2.85 7.25
N SER A 58 3.56 2.53 8.48
CA SER A 58 4.97 2.31 8.80
C SER A 58 5.60 1.35 7.79
N TYR A 59 4.85 0.33 7.40
CA TYR A 59 5.34 -0.66 6.45
C TYR A 59 5.02 -0.24 5.01
N LEU A 60 4.88 1.06 4.79
CA LEU A 60 4.57 1.59 3.47
C LEU A 60 5.23 2.96 3.27
N LYS A 61 5.51 3.29 2.00
CA LYS A 61 6.14 4.56 1.67
C LYS A 61 5.87 4.92 0.22
N LYS A 62 5.51 6.18 -0.01
CA LYS A 62 5.23 6.67 -1.35
C LYS A 62 6.34 6.27 -2.33
N ALA A 63 5.97 5.56 -3.39
CA ALA A 63 6.93 5.12 -4.39
C ALA A 63 6.92 6.04 -5.60
N LYS A 64 8.02 6.78 -5.79
CA LYS A 64 8.13 7.70 -6.91
C LYS A 64 9.03 7.12 -8.00
N ASP A 65 8.44 6.84 -9.16
CA ASP A 65 9.19 6.29 -10.28
C ASP A 65 9.63 7.38 -11.25
N SER A 66 8.65 8.11 -11.78
CA SER A 66 8.93 9.19 -12.72
C SER A 66 7.97 10.36 -12.52
N GLY A 67 8.47 11.57 -12.76
CA GLY A 67 7.63 12.75 -12.59
C GLY A 67 8.44 14.03 -12.61
N PRO A 68 7.88 15.10 -12.03
CA PRO A 68 8.54 16.41 -11.97
C PRO A 68 9.74 16.41 -11.04
N SER A 69 10.41 17.55 -10.95
CA SER A 69 11.59 17.69 -10.09
C SER A 69 11.43 18.86 -9.12
N SER A 70 12.29 18.92 -8.12
CA SER A 70 12.24 19.97 -7.13
C SER A 70 13.05 21.19 -7.58
N GLY A 71 12.49 22.38 -7.39
CA GLY A 71 13.18 23.59 -7.80
C GLY A 71 12.22 24.68 -8.24
N GLY A 1 -21.41 -5.05 -15.64
CA GLY A 1 -20.77 -4.33 -14.56
C GLY A 1 -19.40 -3.83 -14.93
N SER A 2 -19.27 -2.51 -15.11
CA SER A 2 -18.00 -1.90 -15.47
C SER A 2 -16.84 -2.58 -14.74
N SER A 3 -15.65 -2.49 -15.30
CA SER A 3 -14.47 -3.10 -14.70
C SER A 3 -13.27 -2.14 -14.76
N GLY A 4 -12.17 -2.54 -14.14
CA GLY A 4 -10.98 -1.72 -14.14
C GLY A 4 -10.30 -1.68 -12.79
N SER A 5 -9.31 -0.80 -12.64
CA SER A 5 -8.58 -0.68 -11.39
C SER A 5 -8.71 0.73 -10.82
N SER A 6 -9.06 0.82 -9.54
CA SER A 6 -9.23 2.11 -8.88
C SER A 6 -8.04 2.40 -7.95
N GLY A 7 -7.03 3.06 -8.49
CA GLY A 7 -5.85 3.39 -7.70
C GLY A 7 -5.59 4.88 -7.66
N GLU A 8 -5.12 5.36 -6.51
CA GLU A 8 -4.82 6.78 -6.35
C GLU A 8 -3.33 7.01 -6.19
N GLU A 9 -2.69 6.20 -5.33
CA GLU A 9 -1.26 6.31 -5.09
C GLU A 9 -0.63 4.93 -4.91
N LYS A 10 0.53 4.74 -5.52
CA LYS A 10 1.25 3.47 -5.43
C LYS A 10 2.46 3.59 -4.52
N TYR A 11 2.45 2.84 -3.43
CA TYR A 11 3.55 2.86 -2.48
C TYR A 11 4.37 1.57 -2.55
N VAL A 12 5.44 1.51 -1.77
CA VAL A 12 6.31 0.35 -1.75
C VAL A 12 6.61 -0.09 -0.32
N THR A 13 6.64 -1.41 -0.10
CA THR A 13 6.91 -1.95 1.22
C THR A 13 8.42 -2.16 1.42
N VAL A 14 8.91 -1.76 2.58
CA VAL A 14 10.33 -1.90 2.90
C VAL A 14 10.56 -3.07 3.85
N GLN A 15 9.49 -3.53 4.48
CA GLN A 15 9.57 -4.64 5.43
C GLN A 15 8.33 -5.53 5.33
N PRO A 16 8.52 -6.84 5.55
CA PRO A 16 7.43 -7.82 5.50
C PRO A 16 6.46 -7.66 6.66
N TYR A 17 5.20 -8.03 6.43
CA TYR A 17 4.18 -7.94 7.46
C TYR A 17 3.33 -9.21 7.52
N THR A 18 2.97 -9.62 8.73
CA THR A 18 2.17 -10.82 8.93
C THR A 18 0.75 -10.47 9.39
N SER A 19 -0.23 -10.81 8.56
CA SER A 19 -1.62 -10.54 8.88
C SER A 19 -2.16 -11.52 9.91
N GLN A 20 -2.66 -10.99 11.02
CA GLN A 20 -3.20 -11.83 12.09
C GLN A 20 -4.64 -12.24 11.78
N SER A 21 -5.44 -11.27 11.37
CA SER A 21 -6.85 -11.52 11.05
C SER A 21 -7.17 -11.07 9.63
N LYS A 22 -8.19 -11.70 9.04
CA LYS A 22 -8.60 -11.36 7.69
C LYS A 22 -8.67 -9.85 7.49
N ASP A 23 -9.13 -9.15 8.52
CA ASP A 23 -9.25 -7.70 8.47
C ASP A 23 -7.97 -7.07 7.93
N GLU A 24 -6.83 -7.60 8.37
CA GLU A 24 -5.53 -7.09 7.93
C GLU A 24 -4.95 -7.96 6.82
N ILE A 25 -4.01 -7.39 6.06
CA ILE A 25 -3.38 -8.11 4.96
C ILE A 25 -1.88 -8.19 5.16
N GLY A 26 -1.30 -9.33 4.79
CA GLY A 26 0.13 -9.51 4.93
C GLY A 26 0.85 -9.51 3.59
N PHE A 27 1.89 -8.68 3.48
CA PHE A 27 2.66 -8.59 2.24
C PHE A 27 4.14 -8.83 2.50
N GLU A 28 4.92 -8.92 1.43
CA GLU A 28 6.35 -9.16 1.55
C GLU A 28 7.14 -7.87 1.29
N LYS A 29 8.43 -7.90 1.61
CA LYS A 29 9.29 -6.73 1.41
C LYS A 29 9.84 -6.70 -0.01
N GLY A 30 9.54 -5.61 -0.72
CA GLY A 30 10.02 -5.48 -2.08
C GLY A 30 8.92 -5.68 -3.11
N VAL A 31 7.69 -5.30 -2.74
CA VAL A 31 6.55 -5.43 -3.63
C VAL A 31 5.83 -4.10 -3.81
N THR A 32 4.79 -4.11 -4.64
CA THR A 32 4.02 -2.90 -4.90
C THR A 32 2.61 -3.02 -4.32
N VAL A 33 2.11 -1.90 -3.80
CA VAL A 33 0.77 -1.88 -3.21
C VAL A 33 0.03 -0.59 -3.57
N GLU A 34 -1.28 -0.68 -3.68
CA GLU A 34 -2.11 0.48 -4.03
C GLU A 34 -2.81 1.04 -2.78
N VAL A 35 -2.48 2.28 -2.44
CA VAL A 35 -3.08 2.93 -1.28
C VAL A 35 -4.47 3.46 -1.60
N ILE A 36 -5.49 2.84 -1.01
CA ILE A 36 -6.87 3.24 -1.24
C ILE A 36 -7.27 4.38 -0.30
N ARG A 37 -7.27 4.10 1.00
CA ARG A 37 -7.63 5.09 2.00
C ARG A 37 -6.54 5.20 3.07
N LYS A 38 -5.80 6.30 3.04
CA LYS A 38 -4.74 6.52 4.01
C LYS A 38 -5.22 7.42 5.15
N ASN A 39 -4.89 7.03 6.38
CA ASN A 39 -5.29 7.80 7.55
C ASN A 39 -4.12 8.63 8.08
N LEU A 40 -4.35 9.33 9.19
CA LEU A 40 -3.32 10.15 9.79
C LEU A 40 -2.26 9.29 10.47
N GLU A 41 -1.25 8.90 9.72
CA GLU A 41 -0.16 8.08 10.25
C GLU A 41 -0.70 7.06 11.26
N GLY A 42 -1.71 6.30 10.84
CA GLY A 42 -2.29 5.31 11.72
C GLY A 42 -2.67 4.04 10.99
N TRP A 43 -3.56 4.15 10.01
CA TRP A 43 -4.00 3.00 9.23
C TRP A 43 -4.15 3.37 7.75
N TRP A 44 -3.33 2.73 6.91
CA TRP A 44 -3.38 2.99 5.47
C TRP A 44 -3.90 1.77 4.72
N TYR A 45 -5.16 1.84 4.28
CA TYR A 45 -5.77 0.75 3.55
C TYR A 45 -5.13 0.59 2.18
N ILE A 46 -4.53 -0.57 1.94
CA ILE A 46 -3.88 -0.86 0.66
C ILE A 46 -4.47 -2.10 0.01
N ARG A 47 -4.08 -2.35 -1.23
CA ARG A 47 -4.58 -3.51 -1.96
C ARG A 47 -3.42 -4.31 -2.55
N TYR A 48 -3.27 -5.54 -2.09
CA TYR A 48 -2.20 -6.42 -2.56
C TYR A 48 -2.72 -7.82 -2.85
N LEU A 49 -2.18 -8.45 -3.89
CA LEU A 49 -2.60 -9.80 -4.26
C LEU A 49 -4.10 -9.86 -4.47
N GLY A 50 -4.68 -8.79 -5.01
CA GLY A 50 -6.11 -8.75 -5.25
C GLY A 50 -6.91 -8.83 -3.97
N LYS A 51 -6.28 -8.50 -2.85
CA LYS A 51 -6.95 -8.53 -1.55
C LYS A 51 -6.83 -7.19 -0.85
N GLU A 52 -7.94 -6.73 -0.26
CA GLU A 52 -7.96 -5.46 0.44
C GLU A 52 -7.92 -5.68 1.96
N GLY A 53 -7.01 -4.97 2.63
CA GLY A 53 -6.89 -5.10 4.07
C GLY A 53 -6.30 -3.86 4.72
N TRP A 54 -6.21 -3.87 6.04
CA TRP A 54 -5.67 -2.74 6.78
C TRP A 54 -4.16 -2.89 6.96
N ALA A 55 -3.41 -1.93 6.43
CA ALA A 55 -1.96 -1.95 6.54
C ALA A 55 -1.44 -0.72 7.26
N PRO A 56 -0.37 -0.90 8.06
CA PRO A 56 0.24 0.19 8.82
C PRO A 56 0.95 1.20 7.93
N ALA A 57 0.94 2.47 8.35
CA ALA A 57 1.59 3.52 7.58
C ALA A 57 3.06 3.63 7.94
N SER A 58 3.62 2.53 8.45
CA SER A 58 5.02 2.50 8.84
C SER A 58 5.82 1.57 7.92
N TYR A 59 5.14 0.56 7.38
CA TYR A 59 5.77 -0.41 6.50
C TYR A 59 5.52 -0.05 5.03
N LEU A 60 5.31 1.24 4.77
CA LEU A 60 5.06 1.70 3.41
C LEU A 60 5.83 2.99 3.12
N LYS A 61 6.32 3.12 1.89
CA LYS A 61 7.07 4.30 1.50
C LYS A 61 6.64 4.77 0.11
N LYS A 62 6.45 6.08 -0.03
CA LYS A 62 6.03 6.67 -1.30
C LYS A 62 7.11 6.45 -2.36
N ALA A 63 6.82 5.55 -3.30
CA ALA A 63 7.76 5.25 -4.38
C ALA A 63 8.53 6.50 -4.81
N LYS A 64 7.81 7.60 -4.98
CA LYS A 64 8.42 8.86 -5.39
C LYS A 64 9.45 9.32 -4.36
N ASP A 65 10.58 9.82 -4.85
CA ASP A 65 11.65 10.29 -3.98
C ASP A 65 12.20 11.62 -4.48
N SER A 66 12.50 12.52 -3.54
CA SER A 66 13.03 13.84 -3.88
C SER A 66 14.41 13.71 -4.54
N GLY A 67 14.42 13.56 -5.86
CA GLY A 67 15.67 13.44 -6.58
C GLY A 67 16.73 12.71 -5.79
N PRO A 68 17.60 13.48 -5.11
CA PRO A 68 18.68 12.92 -4.30
C PRO A 68 18.17 12.22 -3.04
N SER A 69 18.98 11.35 -2.48
CA SER A 69 18.60 10.61 -1.27
C SER A 69 18.27 11.58 -0.13
N SER A 70 19.08 12.62 0.01
CA SER A 70 18.88 13.61 1.06
C SER A 70 19.22 15.01 0.55
N GLY A 71 18.30 15.95 0.77
CA GLY A 71 18.51 17.32 0.33
C GLY A 71 19.37 18.11 1.29
N GLY A 1 -16.95 -2.19 -16.71
CA GLY A 1 -17.52 -2.76 -15.50
C GLY A 1 -17.01 -2.09 -14.23
N SER A 2 -15.89 -2.60 -13.72
CA SER A 2 -15.29 -2.05 -12.51
C SER A 2 -13.94 -1.40 -12.81
N SER A 3 -13.97 -0.12 -13.12
CA SER A 3 -12.75 0.62 -13.43
C SER A 3 -12.92 2.11 -13.16
N GLY A 4 -11.94 2.70 -12.49
CA GLY A 4 -12.01 4.12 -12.17
C GLY A 4 -10.92 4.55 -11.21
N SER A 5 -9.97 5.34 -11.70
CA SER A 5 -8.87 5.81 -10.87
C SER A 5 -8.32 4.69 -10.00
N SER A 6 -8.20 3.50 -10.57
CA SER A 6 -7.69 2.34 -9.85
C SER A 6 -6.34 2.65 -9.20
N GLY A 7 -5.38 3.07 -10.02
CA GLY A 7 -4.06 3.40 -9.52
C GLY A 7 -3.94 4.85 -9.12
N GLU A 8 -4.21 5.14 -7.86
CA GLU A 8 -4.13 6.51 -7.35
C GLU A 8 -2.76 6.78 -6.75
N GLU A 9 -2.39 6.01 -5.73
CA GLU A 9 -1.10 6.18 -5.08
C GLU A 9 -0.43 4.83 -4.85
N LYS A 10 0.61 4.55 -5.64
CA LYS A 10 1.33 3.29 -5.52
C LYS A 10 2.47 3.41 -4.50
N TYR A 11 2.32 2.71 -3.38
CA TYR A 11 3.33 2.74 -2.33
C TYR A 11 4.16 1.46 -2.34
N VAL A 12 5.30 1.49 -1.64
CA VAL A 12 6.18 0.34 -1.56
C VAL A 12 6.37 -0.11 -0.12
N THR A 13 6.51 -1.41 0.08
CA THR A 13 6.71 -1.97 1.41
C THR A 13 8.18 -2.18 1.70
N VAL A 14 8.71 -1.44 2.67
CA VAL A 14 10.11 -1.54 3.05
C VAL A 14 10.32 -2.65 4.09
N GLN A 15 9.21 -3.19 4.59
CA GLN A 15 9.27 -4.25 5.58
C GLN A 15 8.06 -5.17 5.47
N PRO A 16 8.27 -6.47 5.74
CA PRO A 16 7.21 -7.47 5.67
C PRO A 16 6.19 -7.31 6.80
N TYR A 17 4.96 -7.75 6.53
CA TYR A 17 3.90 -7.64 7.52
C TYR A 17 3.11 -8.95 7.61
N THR A 18 2.91 -9.42 8.84
CA THR A 18 2.17 -10.66 9.08
C THR A 18 0.73 -10.39 9.46
N SER A 19 -0.19 -10.75 8.56
CA SER A 19 -1.61 -10.53 8.80
C SER A 19 -2.15 -11.55 9.81
N GLN A 20 -2.91 -11.06 10.78
CA GLN A 20 -3.49 -11.92 11.81
C GLN A 20 -4.86 -12.42 11.39
N SER A 21 -5.56 -11.61 10.60
CA SER A 21 -6.90 -11.96 10.14
C SER A 21 -7.23 -11.24 8.83
N LYS A 22 -8.25 -11.73 8.14
CA LYS A 22 -8.68 -11.14 6.88
C LYS A 22 -8.51 -9.63 6.90
N ASP A 23 -9.20 -8.98 7.84
CA ASP A 23 -9.12 -7.53 7.97
C ASP A 23 -7.72 -7.01 7.62
N GLU A 24 -6.71 -7.72 8.12
CA GLU A 24 -5.33 -7.34 7.85
C GLU A 24 -4.74 -8.15 6.71
N ILE A 25 -3.77 -7.57 6.00
CA ILE A 25 -3.14 -8.24 4.88
C ILE A 25 -1.63 -8.33 5.08
N GLY A 26 -1.07 -9.51 4.82
CA GLY A 26 0.36 -9.70 4.97
C GLY A 26 1.09 -9.67 3.65
N PHE A 27 2.20 -8.94 3.60
CA PHE A 27 3.00 -8.82 2.39
C PHE A 27 4.49 -8.89 2.70
N GLU A 28 5.31 -9.04 1.67
CA GLU A 28 6.76 -9.12 1.84
C GLU A 28 7.40 -7.76 1.63
N LYS A 29 8.70 -7.68 1.89
CA LYS A 29 9.45 -6.45 1.72
C LYS A 29 10.07 -6.36 0.33
N GLY A 30 9.64 -5.38 -0.46
CA GLY A 30 10.17 -5.21 -1.79
C GLY A 30 9.11 -5.38 -2.86
N VAL A 31 7.85 -5.17 -2.49
CA VAL A 31 6.74 -5.30 -3.41
C VAL A 31 6.03 -3.97 -3.63
N THR A 32 4.97 -3.99 -4.43
CA THR A 32 4.21 -2.77 -4.74
C THR A 32 2.80 -2.88 -4.20
N VAL A 33 2.32 -1.81 -3.58
CA VAL A 33 0.97 -1.77 -3.02
C VAL A 33 0.19 -0.58 -3.55
N GLU A 34 -1.13 -0.60 -3.34
CA GLU A 34 -1.99 0.48 -3.79
C GLU A 34 -2.77 1.09 -2.63
N VAL A 35 -2.47 2.34 -2.30
CA VAL A 35 -3.14 3.03 -1.21
C VAL A 35 -4.53 3.48 -1.62
N ILE A 36 -5.54 2.88 -1.01
CA ILE A 36 -6.93 3.23 -1.31
C ILE A 36 -7.42 4.37 -0.43
N ARG A 37 -7.40 4.14 0.88
CA ARG A 37 -7.83 5.15 1.84
C ARG A 37 -6.73 5.48 2.83
N LYS A 38 -6.81 6.65 3.44
CA LYS A 38 -5.81 7.09 4.41
C LYS A 38 -6.46 7.44 5.75
N ASN A 39 -5.97 6.83 6.81
CA ASN A 39 -6.51 7.07 8.15
C ASN A 39 -5.57 7.96 8.96
N LEU A 40 -5.96 8.23 10.20
CA LEU A 40 -5.15 9.07 11.08
C LEU A 40 -4.49 8.23 12.18
N GLU A 41 -5.04 7.04 12.41
CA GLU A 41 -4.50 6.15 13.43
C GLU A 41 -3.50 5.16 12.82
N GLY A 42 -2.56 5.70 12.05
CA GLY A 42 -1.55 4.85 11.42
C GLY A 42 -2.16 3.66 10.72
N TRP A 43 -3.22 3.91 9.94
CA TRP A 43 -3.89 2.84 9.21
C TRP A 43 -4.19 3.28 7.78
N TRP A 44 -3.48 2.70 6.82
CA TRP A 44 -3.67 3.03 5.42
C TRP A 44 -4.18 1.82 4.64
N TYR A 45 -5.46 1.85 4.29
CA TYR A 45 -6.07 0.75 3.54
C TYR A 45 -5.41 0.59 2.18
N ILE A 46 -4.79 -0.58 1.96
CA ILE A 46 -4.12 -0.85 0.70
C ILE A 46 -4.62 -2.16 0.10
N ARG A 47 -4.28 -2.39 -1.17
CA ARG A 47 -4.71 -3.60 -1.87
C ARG A 47 -3.50 -4.32 -2.46
N TYR A 48 -3.32 -5.58 -2.07
CA TYR A 48 -2.20 -6.38 -2.56
C TYR A 48 -2.67 -7.78 -2.96
N LEU A 49 -2.29 -8.20 -4.16
CA LEU A 49 -2.66 -9.51 -4.66
C LEU A 49 -4.18 -9.63 -4.78
N GLY A 50 -4.83 -8.55 -5.19
CA GLY A 50 -6.27 -8.55 -5.33
C GLY A 50 -6.99 -8.74 -4.01
N LYS A 51 -6.42 -8.18 -2.95
CA LYS A 51 -7.01 -8.28 -1.61
C LYS A 51 -6.87 -6.97 -0.86
N GLU A 52 -7.99 -6.45 -0.36
CA GLU A 52 -7.99 -5.21 0.39
C GLU A 52 -7.95 -5.47 1.89
N GLY A 53 -6.95 -4.88 2.56
CA GLY A 53 -6.81 -5.07 3.99
C GLY A 53 -6.25 -3.85 4.68
N TRP A 54 -5.98 -3.97 5.98
CA TRP A 54 -5.43 -2.88 6.76
C TRP A 54 -3.94 -3.04 6.97
N ALA A 55 -3.16 -2.08 6.50
CA ALA A 55 -1.70 -2.13 6.65
C ALA A 55 -1.17 -0.84 7.28
N PRO A 56 -0.13 -0.98 8.12
CA PRO A 56 0.49 0.15 8.80
C PRO A 56 1.25 1.06 7.84
N ALA A 57 0.96 2.35 7.91
CA ALA A 57 1.63 3.33 7.04
C ALA A 57 3.13 3.33 7.26
N SER A 58 3.57 2.73 8.38
CA SER A 58 4.99 2.65 8.70
C SER A 58 5.71 1.68 7.77
N TYR A 59 4.96 0.73 7.23
CA TYR A 59 5.53 -0.27 6.32
C TYR A 59 5.21 0.08 4.87
N LEU A 60 4.91 1.34 4.62
CA LEU A 60 4.59 1.80 3.28
C LEU A 60 5.26 3.13 2.97
N LYS A 61 5.81 3.27 1.77
CA LYS A 61 6.48 4.50 1.36
C LYS A 61 6.03 4.91 -0.04
N LYS A 62 5.68 6.18 -0.19
CA LYS A 62 5.24 6.71 -1.48
C LYS A 62 6.31 6.50 -2.54
N ALA A 63 5.97 5.77 -3.60
CA ALA A 63 6.89 5.51 -4.69
C ALA A 63 7.04 6.72 -5.60
N LYS A 64 7.76 7.73 -5.12
CA LYS A 64 7.97 8.95 -5.90
C LYS A 64 9.43 9.07 -6.34
N ASP A 65 9.81 8.27 -7.33
CA ASP A 65 11.18 8.29 -7.83
C ASP A 65 11.61 9.72 -8.18
N SER A 66 12.66 10.18 -7.53
CA SER A 66 13.17 11.53 -7.76
C SER A 66 14.70 11.54 -7.84
N GLY A 67 15.25 12.56 -8.47
CA GLY A 67 16.69 12.67 -8.59
C GLY A 67 17.29 13.67 -7.63
N PRO A 68 18.62 13.83 -7.68
CA PRO A 68 19.34 14.77 -6.80
C PRO A 68 19.05 16.23 -7.15
N SER A 69 18.85 16.49 -8.43
CA SER A 69 18.56 17.85 -8.89
C SER A 69 17.09 18.20 -8.67
N SER A 70 16.81 19.49 -8.55
CA SER A 70 15.45 19.96 -8.32
C SER A 70 14.77 20.30 -9.65
N GLY A 71 13.67 19.62 -9.94
CA GLY A 71 12.95 19.87 -11.18
C GLY A 71 13.38 18.94 -12.29
N GLY A 1 -15.85 0.16 -12.46
CA GLY A 1 -17.11 0.66 -12.97
C GLY A 1 -17.57 1.91 -12.24
N SER A 2 -18.76 1.85 -11.65
CA SER A 2 -19.31 2.99 -10.94
C SER A 2 -18.33 3.49 -9.87
N SER A 3 -17.92 2.58 -8.99
CA SER A 3 -16.98 2.93 -7.92
C SER A 3 -15.62 3.30 -8.49
N GLY A 4 -15.24 4.56 -8.32
CA GLY A 4 -13.96 5.02 -8.83
C GLY A 4 -12.89 3.95 -8.74
N SER A 5 -12.00 3.93 -9.73
CA SER A 5 -10.91 2.95 -9.76
C SER A 5 -10.02 3.08 -8.53
N SER A 6 -9.58 1.94 -8.00
CA SER A 6 -8.72 1.92 -6.82
C SER A 6 -7.26 1.76 -7.22
N GLY A 7 -6.50 2.84 -7.08
CA GLY A 7 -5.09 2.80 -7.43
C GLY A 7 -4.57 4.14 -7.92
N GLU A 8 -4.71 5.17 -7.09
CA GLU A 8 -4.26 6.51 -7.46
C GLU A 8 -2.78 6.69 -7.13
N GLU A 9 -2.38 6.21 -5.95
CA GLU A 9 -0.99 6.33 -5.51
C GLU A 9 -0.40 4.95 -5.22
N LYS A 10 0.75 4.67 -5.83
CA LYS A 10 1.42 3.39 -5.63
C LYS A 10 2.56 3.52 -4.64
N TYR A 11 2.46 2.78 -3.53
CA TYR A 11 3.49 2.81 -2.50
C TYR A 11 4.35 1.56 -2.55
N VAL A 12 5.36 1.51 -1.67
CA VAL A 12 6.26 0.37 -1.62
C VAL A 12 6.45 -0.11 -0.18
N THR A 13 6.58 -1.42 -0.01
CA THR A 13 6.77 -2.01 1.31
C THR A 13 8.24 -2.24 1.61
N VAL A 14 8.73 -1.60 2.66
CA VAL A 14 10.13 -1.73 3.05
C VAL A 14 10.31 -2.83 4.10
N GLN A 15 9.19 -3.33 4.61
CA GLN A 15 9.22 -4.38 5.63
C GLN A 15 8.01 -5.31 5.48
N PRO A 16 8.24 -6.61 5.73
CA PRO A 16 7.19 -7.63 5.62
C PRO A 16 6.15 -7.50 6.73
N TYR A 17 4.91 -7.91 6.44
CA TYR A 17 3.83 -7.83 7.41
C TYR A 17 3.07 -9.15 7.47
N THR A 18 2.65 -9.53 8.67
CA THR A 18 1.91 -10.76 8.87
C THR A 18 0.48 -10.49 9.30
N SER A 19 -0.48 -10.76 8.41
CA SER A 19 -1.88 -10.53 8.69
C SER A 19 -2.34 -11.39 9.87
N GLN A 20 -2.63 -10.74 10.99
CA GLN A 20 -3.08 -11.44 12.19
C GLN A 20 -4.54 -11.09 12.51
N SER A 21 -5.29 -10.73 11.48
CA SER A 21 -6.69 -10.37 11.65
C SER A 21 -7.49 -10.65 10.38
N LYS A 22 -8.80 -10.82 10.54
CA LYS A 22 -9.67 -11.10 9.40
C LYS A 22 -9.64 -9.96 8.39
N ASP A 23 -9.39 -8.75 8.89
CA ASP A 23 -9.32 -7.57 8.02
C ASP A 23 -7.88 -7.07 7.90
N GLU A 24 -6.93 -7.99 7.90
CA GLU A 24 -5.53 -7.64 7.79
C GLU A 24 -4.87 -8.35 6.60
N ILE A 25 -3.98 -7.65 5.92
CA ILE A 25 -3.30 -8.22 4.76
C ILE A 25 -1.79 -8.32 5.02
N GLY A 26 -1.21 -9.45 4.61
CA GLY A 26 0.21 -9.65 4.80
C GLY A 26 0.99 -9.60 3.50
N PHE A 27 1.93 -8.67 3.41
CA PHE A 27 2.74 -8.51 2.21
C PHE A 27 4.22 -8.66 2.54
N GLU A 28 5.03 -8.95 1.51
CA GLU A 28 6.45 -9.12 1.69
C GLU A 28 7.19 -7.81 1.44
N LYS A 29 8.51 -7.81 1.69
CA LYS A 29 9.32 -6.62 1.50
C LYS A 29 9.93 -6.60 0.11
N GLY A 30 9.69 -5.51 -0.62
CA GLY A 30 10.23 -5.38 -1.96
C GLY A 30 9.18 -5.56 -3.03
N VAL A 31 7.94 -5.21 -2.69
CA VAL A 31 6.82 -5.35 -3.63
C VAL A 31 6.11 -4.01 -3.83
N THR A 32 5.03 -4.03 -4.60
CA THR A 32 4.26 -2.83 -4.86
C THR A 32 2.82 -2.97 -4.38
N VAL A 33 2.28 -1.90 -3.80
CA VAL A 33 0.92 -1.91 -3.29
C VAL A 33 0.15 -0.69 -3.77
N GLU A 34 -1.11 -0.57 -3.35
CA GLU A 34 -1.95 0.55 -3.73
C GLU A 34 -2.70 1.11 -2.53
N VAL A 35 -2.40 2.35 -2.17
CA VAL A 35 -3.04 3.01 -1.04
C VAL A 35 -4.43 3.50 -1.41
N ILE A 36 -5.45 2.85 -0.85
CA ILE A 36 -6.83 3.23 -1.12
C ILE A 36 -7.28 4.37 -0.21
N ARG A 37 -7.32 4.09 1.09
CA ARG A 37 -7.73 5.09 2.07
C ARG A 37 -6.72 5.20 3.21
N LYS A 38 -6.07 6.36 3.33
CA LYS A 38 -5.08 6.57 4.37
C LYS A 38 -5.64 7.46 5.48
N ASN A 39 -5.16 7.25 6.70
CA ASN A 39 -5.62 8.02 7.84
C ASN A 39 -4.46 8.32 8.80
N LEU A 40 -4.78 8.97 9.91
CA LEU A 40 -3.76 9.32 10.90
C LEU A 40 -3.64 8.21 11.96
N GLU A 41 -4.59 7.29 11.96
CA GLU A 41 -4.59 6.19 12.91
C GLU A 41 -3.66 5.07 12.46
N GLY A 42 -2.45 5.46 12.05
CA GLY A 42 -1.48 4.47 11.59
C GLY A 42 -2.13 3.32 10.85
N TRP A 43 -3.13 3.62 10.06
CA TRP A 43 -3.84 2.60 9.29
C TRP A 43 -4.18 3.10 7.90
N TRP A 44 -3.44 2.61 6.90
CA TRP A 44 -3.66 3.01 5.51
C TRP A 44 -4.18 1.84 4.69
N TYR A 45 -5.48 1.86 4.41
CA TYR A 45 -6.11 0.80 3.63
C TYR A 45 -5.46 0.67 2.26
N ILE A 46 -4.95 -0.52 1.97
CA ILE A 46 -4.30 -0.78 0.68
C ILE A 46 -4.75 -2.12 0.10
N ARG A 47 -4.40 -2.35 -1.16
CA ARG A 47 -4.77 -3.59 -1.84
C ARG A 47 -3.53 -4.27 -2.43
N TYR A 48 -3.29 -5.50 -2.01
CA TYR A 48 -2.15 -6.26 -2.48
C TYR A 48 -2.56 -7.67 -2.90
N LEU A 49 -2.21 -8.04 -4.13
CA LEU A 49 -2.54 -9.37 -4.65
C LEU A 49 -4.06 -9.55 -4.73
N GLY A 50 -4.75 -8.50 -5.15
CA GLY A 50 -6.19 -8.56 -5.27
C GLY A 50 -6.88 -8.78 -3.94
N LYS A 51 -6.34 -8.16 -2.89
CA LYS A 51 -6.90 -8.28 -1.55
C LYS A 51 -6.79 -6.97 -0.79
N GLU A 52 -7.92 -6.45 -0.34
CA GLU A 52 -7.94 -5.19 0.40
C GLU A 52 -7.97 -5.46 1.91
N GLY A 53 -6.97 -4.93 2.62
CA GLY A 53 -6.90 -5.12 4.04
C GLY A 53 -6.24 -3.95 4.76
N TRP A 54 -6.22 -4.00 6.08
CA TRP A 54 -5.61 -2.94 6.88
C TRP A 54 -4.12 -3.17 7.05
N ALA A 55 -3.32 -2.12 6.85
CA ALA A 55 -1.87 -2.21 6.98
C ALA A 55 -1.29 -0.91 7.51
N PRO A 56 -0.25 -1.02 8.34
CA PRO A 56 0.42 0.15 8.93
C PRO A 56 1.21 0.95 7.90
N ALA A 57 0.92 2.24 7.80
CA ALA A 57 1.60 3.11 6.86
C ALA A 57 3.11 3.09 7.09
N SER A 58 3.51 2.82 8.32
CA SER A 58 4.93 2.78 8.68
C SER A 58 5.68 1.81 7.79
N TYR A 59 4.96 0.81 7.27
CA TYR A 59 5.56 -0.19 6.40
C TYR A 59 5.29 0.12 4.93
N LEU A 60 5.02 1.38 4.65
CA LEU A 60 4.74 1.81 3.28
C LEU A 60 5.48 3.09 2.95
N LYS A 61 5.94 3.20 1.70
CA LYS A 61 6.67 4.39 1.26
C LYS A 61 6.20 4.81 -0.13
N LYS A 62 5.91 6.10 -0.28
CA LYS A 62 5.45 6.65 -1.55
C LYS A 62 6.53 6.50 -2.63
N ALA A 63 6.34 5.54 -3.52
CA ALA A 63 7.29 5.30 -4.60
C ALA A 63 7.75 6.61 -5.23
N LYS A 64 6.78 7.43 -5.62
CA LYS A 64 7.08 8.72 -6.24
C LYS A 64 7.84 8.53 -7.56
N ASP A 65 7.30 7.68 -8.43
CA ASP A 65 7.92 7.41 -9.72
C ASP A 65 7.38 8.35 -10.79
N SER A 66 6.05 8.36 -10.94
CA SER A 66 5.40 9.20 -11.93
C SER A 66 5.02 10.54 -11.33
N GLY A 67 5.62 11.61 -11.85
CA GLY A 67 5.32 12.94 -11.36
C GLY A 67 6.57 13.68 -10.90
N PRO A 68 7.38 14.14 -11.86
CA PRO A 68 8.62 14.87 -11.57
C PRO A 68 8.35 16.26 -10.98
N SER A 69 7.20 16.82 -11.32
CA SER A 69 6.83 18.15 -10.83
C SER A 69 6.21 18.05 -9.44
N SER A 70 6.76 18.83 -8.50
CA SER A 70 6.26 18.83 -7.13
C SER A 70 5.90 20.24 -6.69
N GLY A 71 4.64 20.61 -6.89
CA GLY A 71 4.18 21.93 -6.51
C GLY A 71 3.33 21.92 -5.25
N GLY A 1 -0.42 -1.29 -21.51
CA GLY A 1 0.52 -2.36 -21.21
C GLY A 1 0.82 -2.48 -19.74
N SER A 2 1.75 -1.66 -19.25
CA SER A 2 2.14 -1.69 -17.84
C SER A 2 0.94 -1.41 -16.95
N SER A 3 0.32 -0.25 -17.14
CA SER A 3 -0.84 0.14 -16.34
C SER A 3 -2.12 -0.46 -16.92
N GLY A 4 -3.21 -0.36 -16.17
CA GLY A 4 -4.48 -0.90 -16.63
C GLY A 4 -5.65 -0.41 -15.79
N SER A 5 -5.48 -0.46 -14.46
CA SER A 5 -6.54 -0.03 -13.55
C SER A 5 -6.20 1.32 -12.94
N SER A 6 -7.01 2.33 -13.26
CA SER A 6 -6.80 3.69 -12.75
C SER A 6 -6.50 3.65 -11.25
N GLY A 7 -5.24 3.85 -10.90
CA GLY A 7 -4.84 3.84 -9.50
C GLY A 7 -4.66 5.24 -8.95
N GLU A 8 -4.83 5.37 -7.64
CA GLU A 8 -4.68 6.67 -6.98
C GLU A 8 -3.23 6.91 -6.57
N GLU A 9 -2.72 6.04 -5.71
CA GLU A 9 -1.34 6.16 -5.23
C GLU A 9 -0.76 4.79 -4.90
N LYS A 10 0.44 4.53 -5.38
CA LYS A 10 1.12 3.26 -5.13
C LYS A 10 2.39 3.47 -4.32
N TYR A 11 2.48 2.81 -3.18
CA TYR A 11 3.65 2.92 -2.31
C TYR A 11 4.51 1.66 -2.39
N VAL A 12 5.59 1.64 -1.62
CA VAL A 12 6.49 0.49 -1.60
C VAL A 12 6.72 0.00 -0.17
N THR A 13 6.82 -1.32 -0.02
CA THR A 13 7.03 -1.92 1.29
C THR A 13 8.53 -2.10 1.58
N VAL A 14 8.95 -1.69 2.77
CA VAL A 14 10.34 -1.80 3.16
C VAL A 14 10.54 -2.90 4.20
N GLN A 15 9.43 -3.39 4.74
CA GLN A 15 9.47 -4.45 5.75
C GLN A 15 8.26 -5.38 5.61
N PRO A 16 8.48 -6.67 5.86
CA PRO A 16 7.42 -7.69 5.78
C PRO A 16 6.40 -7.54 6.89
N TYR A 17 5.13 -7.75 6.55
CA TYR A 17 4.05 -7.64 7.52
C TYR A 17 3.26 -8.94 7.61
N THR A 18 2.81 -9.29 8.82
CA THR A 18 2.04 -10.50 9.03
C THR A 18 0.66 -10.19 9.58
N SER A 19 -0.34 -10.25 8.70
CA SER A 19 -1.72 -9.96 9.09
C SER A 19 -2.28 -11.09 9.95
N GLN A 20 -2.82 -10.74 11.11
CA GLN A 20 -3.39 -11.72 12.02
C GLN A 20 -4.81 -12.08 11.60
N SER A 21 -5.55 -11.10 11.12
CA SER A 21 -6.93 -11.31 10.68
C SER A 21 -7.13 -10.85 9.25
N LYS A 22 -8.27 -11.22 8.67
CA LYS A 22 -8.59 -10.85 7.29
C LYS A 22 -8.51 -9.33 7.11
N ASP A 23 -9.14 -8.60 8.03
CA ASP A 23 -9.14 -7.15 7.98
C ASP A 23 -7.78 -6.61 7.54
N GLU A 24 -6.72 -7.22 8.05
CA GLU A 24 -5.37 -6.81 7.71
C GLU A 24 -4.78 -7.70 6.62
N ILE A 25 -3.84 -7.14 5.86
CA ILE A 25 -3.20 -7.89 4.79
C ILE A 25 -1.68 -7.97 4.99
N GLY A 26 -1.13 -9.16 4.76
CA GLY A 26 0.30 -9.35 4.93
C GLY A 26 1.04 -9.40 3.60
N PHE A 27 2.09 -8.60 3.49
CA PHE A 27 2.89 -8.56 2.26
C PHE A 27 4.37 -8.74 2.57
N GLU A 28 5.15 -8.98 1.52
CA GLU A 28 6.59 -9.18 1.67
C GLU A 28 7.35 -7.87 1.43
N LYS A 29 8.59 -7.81 1.87
CA LYS A 29 9.42 -6.63 1.69
C LYS A 29 10.02 -6.59 0.29
N GLY A 30 9.64 -5.58 -0.47
CA GLY A 30 10.16 -5.44 -1.83
C GLY A 30 9.07 -5.61 -2.89
N VAL A 31 7.85 -5.21 -2.55
CA VAL A 31 6.72 -5.33 -3.46
C VAL A 31 6.00 -4.00 -3.61
N THR A 32 4.98 -3.98 -4.47
CA THR A 32 4.21 -2.77 -4.71
C THR A 32 2.79 -2.92 -4.15
N VAL A 33 2.31 -1.87 -3.49
CA VAL A 33 0.97 -1.88 -2.92
C VAL A 33 0.16 -0.67 -3.38
N GLU A 34 -1.14 -0.86 -3.56
CA GLU A 34 -2.02 0.20 -4.00
C GLU A 34 -2.88 0.71 -2.84
N VAL A 35 -2.61 1.93 -2.40
CA VAL A 35 -3.35 2.53 -1.29
C VAL A 35 -4.73 2.99 -1.76
N ILE A 36 -5.76 2.47 -1.11
CA ILE A 36 -7.14 2.82 -1.44
C ILE A 36 -7.64 3.98 -0.59
N ARG A 37 -7.51 3.83 0.72
CA ARG A 37 -7.96 4.86 1.66
C ARG A 37 -6.79 5.33 2.53
N LYS A 38 -7.03 6.38 3.30
CA LYS A 38 -6.01 6.94 4.17
C LYS A 38 -6.61 7.38 5.51
N ASN A 39 -6.37 6.60 6.55
CA ASN A 39 -6.89 6.90 7.87
C ASN A 39 -5.96 7.88 8.61
N LEU A 40 -6.32 8.20 9.85
CA LEU A 40 -5.52 9.12 10.66
C LEU A 40 -5.05 8.44 11.94
N GLU A 41 -5.67 7.32 12.28
CA GLU A 41 -5.32 6.57 13.48
C GLU A 41 -4.16 5.63 13.20
N GLY A 42 -3.29 6.02 12.27
CA GLY A 42 -2.15 5.19 11.92
C GLY A 42 -2.55 3.93 11.18
N TRP A 43 -3.46 4.07 10.22
CA TRP A 43 -3.91 2.93 9.44
C TRP A 43 -4.21 3.34 8.00
N TRP A 44 -3.60 2.64 7.05
CA TRP A 44 -3.80 2.94 5.64
C TRP A 44 -4.32 1.71 4.90
N TYR A 45 -5.52 1.81 4.35
CA TYR A 45 -6.13 0.71 3.61
C TYR A 45 -5.49 0.56 2.23
N ILE A 46 -4.81 -0.56 2.03
CA ILE A 46 -4.15 -0.83 0.75
C ILE A 46 -4.65 -2.13 0.14
N ARG A 47 -4.29 -2.38 -1.12
CA ARG A 47 -4.68 -3.59 -1.81
C ARG A 47 -3.47 -4.33 -2.36
N TYR A 48 -3.40 -5.63 -2.07
CA TYR A 48 -2.29 -6.44 -2.53
C TYR A 48 -2.76 -7.85 -2.91
N LEU A 49 -2.32 -8.32 -4.07
CA LEU A 49 -2.71 -9.64 -4.55
C LEU A 49 -4.21 -9.74 -4.73
N GLY A 50 -4.83 -8.64 -5.13
CA GLY A 50 -6.27 -8.61 -5.34
C GLY A 50 -7.04 -8.69 -4.04
N LYS A 51 -6.45 -8.19 -2.97
CA LYS A 51 -7.09 -8.21 -1.66
C LYS A 51 -6.89 -6.87 -0.94
N GLU A 52 -7.99 -6.27 -0.50
CA GLU A 52 -7.93 -4.99 0.19
C GLU A 52 -7.94 -5.20 1.71
N GLY A 53 -6.89 -4.73 2.38
CA GLY A 53 -6.80 -4.87 3.82
C GLY A 53 -6.15 -3.68 4.48
N TRP A 54 -6.03 -3.73 5.80
CA TRP A 54 -5.43 -2.63 6.56
C TRP A 54 -3.93 -2.88 6.76
N ALA A 55 -3.12 -1.91 6.34
CA ALA A 55 -1.68 -2.02 6.49
C ALA A 55 -1.09 -0.79 7.17
N PRO A 56 -0.06 -1.00 8.00
CA PRO A 56 0.61 0.08 8.72
C PRO A 56 1.41 1.00 7.80
N ALA A 57 1.04 2.28 7.79
CA ALA A 57 1.73 3.26 6.95
C ALA A 57 3.23 3.25 7.22
N SER A 58 3.62 2.74 8.37
CA SER A 58 5.03 2.68 8.76
C SER A 58 5.78 1.68 7.88
N TYR A 59 5.05 0.72 7.33
CA TYR A 59 5.65 -0.30 6.48
C TYR A 59 5.49 0.05 5.00
N LEU A 60 5.19 1.33 4.73
CA LEU A 60 5.01 1.80 3.37
C LEU A 60 5.76 3.11 3.14
N LYS A 61 6.33 3.25 1.95
CA LYS A 61 7.08 4.46 1.60
C LYS A 61 6.64 4.99 0.24
N LYS A 62 6.41 6.30 0.17
CA LYS A 62 5.99 6.93 -1.07
C LYS A 62 7.02 6.70 -2.17
N ALA A 63 6.60 5.97 -3.22
CA ALA A 63 7.49 5.68 -4.34
C ALA A 63 7.99 6.96 -4.99
N LYS A 64 8.88 6.82 -5.97
CA LYS A 64 9.43 7.96 -6.67
C LYS A 64 9.69 7.62 -8.14
N ASP A 65 9.04 8.35 -9.04
CA ASP A 65 9.20 8.13 -10.47
C ASP A 65 10.27 9.05 -11.04
N SER A 66 11.47 8.51 -11.24
CA SER A 66 12.58 9.29 -11.78
C SER A 66 12.99 8.76 -13.15
N GLY A 67 12.00 8.42 -13.97
CA GLY A 67 12.29 7.91 -15.30
C GLY A 67 13.15 8.85 -16.11
N PRO A 68 12.53 9.85 -16.74
CA PRO A 68 13.23 10.83 -17.55
C PRO A 68 14.10 11.77 -16.72
N SER A 69 15.32 11.33 -16.43
CA SER A 69 16.25 12.14 -15.64
C SER A 69 16.89 13.22 -16.49
N SER A 70 16.72 14.48 -16.08
CA SER A 70 17.28 15.61 -16.80
C SER A 70 18.53 16.13 -16.11
N GLY A 71 19.62 16.24 -16.86
CA GLY A 71 20.87 16.72 -16.31
C GLY A 71 20.77 18.16 -15.84
#